data_1ZVN
# 
_entry.id   1ZVN 
# 
_audit_conform.dict_name       mmcif_pdbx.dic 
_audit_conform.dict_version    5.387 
_audit_conform.dict_location   http://mmcif.pdb.org/dictionaries/ascii/mmcif_pdbx.dic 
# 
loop_
_database_2.database_id 
_database_2.database_code 
_database_2.pdbx_database_accession 
_database_2.pdbx_DOI 
PDB   1ZVN         pdb_00001zvn 10.2210/pdb1zvn/pdb 
RCSB  RCSB033174   ?            ?                   
WWPDB D_1000033174 ?            ?                   
# 
loop_
_pdbx_audit_revision_history.ordinal 
_pdbx_audit_revision_history.data_content_type 
_pdbx_audit_revision_history.major_revision 
_pdbx_audit_revision_history.minor_revision 
_pdbx_audit_revision_history.revision_date 
1 'Structure model' 1 0 2006-04-25 
2 'Structure model' 1 1 2008-04-30 
3 'Structure model' 1 2 2011-07-13 
4 'Structure model' 1 3 2013-04-10 
5 'Structure model' 1 4 2024-02-14 
# 
_pdbx_audit_revision_details.ordinal             1 
_pdbx_audit_revision_details.revision_ordinal    1 
_pdbx_audit_revision_details.data_content_type   'Structure model' 
_pdbx_audit_revision_details.provider            repository 
_pdbx_audit_revision_details.type                'Initial release' 
_pdbx_audit_revision_details.description         ? 
_pdbx_audit_revision_details.details             ? 
# 
loop_
_pdbx_audit_revision_group.ordinal 
_pdbx_audit_revision_group.revision_ordinal 
_pdbx_audit_revision_group.data_content_type 
_pdbx_audit_revision_group.group 
1 2 'Structure model' 'Version format compliance' 
2 3 'Structure model' Advisory                    
3 3 'Structure model' 'Version format compliance' 
4 4 'Structure model' 'Structure summary'         
5 5 'Structure model' 'Data collection'           
6 5 'Structure model' 'Database references'       
# 
loop_
_pdbx_audit_revision_category.ordinal 
_pdbx_audit_revision_category.revision_ordinal 
_pdbx_audit_revision_category.data_content_type 
_pdbx_audit_revision_category.category 
1 5 'Structure model' chem_comp_atom     
2 5 'Structure model' chem_comp_bond     
3 5 'Structure model' database_2         
4 5 'Structure model' struct_ref_seq_dif 
# 
loop_
_pdbx_audit_revision_item.ordinal 
_pdbx_audit_revision_item.revision_ordinal 
_pdbx_audit_revision_item.data_content_type 
_pdbx_audit_revision_item.item 
1 5 'Structure model' '_database_2.pdbx_DOI'                
2 5 'Structure model' '_database_2.pdbx_database_accession' 
3 5 'Structure model' '_struct_ref_seq_dif.details'         
# 
_pdbx_database_status.status_code                     REL 
_pdbx_database_status.entry_id                        1ZVN 
_pdbx_database_status.recvd_initial_deposition_date   2005-06-02 
_pdbx_database_status.deposit_site                    RCSB 
_pdbx_database_status.process_site                    RCSB 
_pdbx_database_status.status_code_sf                  REL 
_pdbx_database_status.status_code_mr                  ? 
_pdbx_database_status.SG_entry                        ? 
_pdbx_database_status.status_code_cs                  ? 
_pdbx_database_status.methods_development_category    ? 
_pdbx_database_status.pdb_format_compatible           Y 
_pdbx_database_status.status_code_nmr_data            ? 
# 
loop_
_audit_author.name 
_audit_author.pdbx_ordinal 
'Patel, S.D.'     1  
'Ciatto, C.'      2  
'Chen, C.P.'      3  
'Bahna, F.'       4  
'Schieren, I.'    5  
'Rajebhosale, M.' 6  
'Jessell, T.M.'   7  
'Honig, B.'       8  
'Shapiro, L.'     9  
'Price, S.R.'     10 
# 
_citation.id                        primary 
_citation.title                     'Type II cadherin ectodomain structures: implications for classical cadherin specificity.' 
_citation.journal_abbrev            'Cell(Cambridge,Mass.)' 
_citation.journal_volume            124 
_citation.page_first                1255 
_citation.page_last                 1268 
_citation.year                      2006 
_citation.journal_id_ASTM           CELLB5 
_citation.country                   US 
_citation.journal_id_ISSN           0092-8674 
_citation.journal_id_CSD            0998 
_citation.book_publisher            ? 
_citation.pdbx_database_id_PubMed   16564015 
_citation.pdbx_database_id_DOI      10.1016/j.cell.2005.12.046 
# 
loop_
_citation_author.citation_id 
_citation_author.name 
_citation_author.ordinal 
_citation_author.identifier_ORCID 
primary 'Patel, S.D.'     1  ? 
primary 'Ciatto, C.'      2  ? 
primary 'Chen, C.P.'      3  ? 
primary 'Bahna, F.'       4  ? 
primary 'Rajebhosale, M.' 5  ? 
primary 'Arkus, N.'       6  ? 
primary 'Schieren, I.'    7  ? 
primary 'Jessell, T.M.'   8  ? 
primary 'Honig, B.'       9  ? 
primary 'Price, S.R.'     10 ? 
primary 'Shapiro, L.'     11 ? 
# 
loop_
_entity.id 
_entity.type 
_entity.src_method 
_entity.pdbx_description 
_entity.formula_weight 
_entity.pdbx_number_of_molecules 
_entity.pdbx_ec 
_entity.pdbx_mutation 
_entity.pdbx_fragment 
_entity.details 
1 polymer man 'Cadherin 1' 11337.545 2   ? ? 'UNP residues 60-156' ? 
2 water   nat water        18.015    181 ? ? ?                     ? 
# 
_entity_name_com.entity_id   1 
_entity_name_com.name        'F-cadherin, MN-cadherin' 
# 
_entity_poly.entity_id                      1 
_entity_poly.type                           'polypeptide(L)' 
_entity_poly.nstd_linkage                   no 
_entity_poly.nstd_monomer                   no 
_entity_poly.pdbx_seq_one_letter_code       
;SGWVWNQFFVLEEYTGTDPLYVGKLHSDMDRGDGSIKYILSGEGAGIVFTIDDTTGDIHAIQRLDREERSQYTLRAQALD
RRTGRPMEPESEFIIKIQD
;
_entity_poly.pdbx_seq_one_letter_code_can   
;SGWVWNQFFVLEEYTGTDPLYVGKLHSDMDRGDGSIKYILSGEGAGIVFTIDDTTGDIHAIQRLDREERSQYTLRAQALD
RRTGRPMEPESEFIIKIQD
;
_entity_poly.pdbx_strand_id                 A,B 
_entity_poly.pdbx_target_identifier         ? 
# 
_pdbx_entity_nonpoly.entity_id   2 
_pdbx_entity_nonpoly.name        water 
_pdbx_entity_nonpoly.comp_id     HOH 
# 
loop_
_entity_poly_seq.entity_id 
_entity_poly_seq.num 
_entity_poly_seq.mon_id 
_entity_poly_seq.hetero 
1 1  SER n 
1 2  GLY n 
1 3  TRP n 
1 4  VAL n 
1 5  TRP n 
1 6  ASN n 
1 7  GLN n 
1 8  PHE n 
1 9  PHE n 
1 10 VAL n 
1 11 LEU n 
1 12 GLU n 
1 13 GLU n 
1 14 TYR n 
1 15 THR n 
1 16 GLY n 
1 17 THR n 
1 18 ASP n 
1 19 PRO n 
1 20 LEU n 
1 21 TYR n 
1 22 VAL n 
1 23 GLY n 
1 24 LYS n 
1 25 LEU n 
1 26 HIS n 
1 27 SER n 
1 28 ASP n 
1 29 MET n 
1 30 ASP n 
1 31 ARG n 
1 32 GLY n 
1 33 ASP n 
1 34 GLY n 
1 35 SER n 
1 36 ILE n 
1 37 LYS n 
1 38 TYR n 
1 39 ILE n 
1 40 LEU n 
1 41 SER n 
1 42 GLY n 
1 43 GLU n 
1 44 GLY n 
1 45 ALA n 
1 46 GLY n 
1 47 ILE n 
1 48 VAL n 
1 49 PHE n 
1 50 THR n 
1 51 ILE n 
1 52 ASP n 
1 53 ASP n 
1 54 THR n 
1 55 THR n 
1 56 GLY n 
1 57 ASP n 
1 58 ILE n 
1 59 HIS n 
1 60 ALA n 
1 61 ILE n 
1 62 GLN n 
1 63 ARG n 
1 64 LEU n 
1 65 ASP n 
1 66 ARG n 
1 67 GLU n 
1 68 GLU n 
1 69 ARG n 
1 70 SER n 
1 71 GLN n 
1 72 TYR n 
1 73 THR n 
1 74 LEU n 
1 75 ARG n 
1 76 ALA n 
1 77 GLN n 
1 78 ALA n 
1 79 LEU n 
1 80 ASP n 
1 81 ARG n 
1 82 ARG n 
1 83 THR n 
1 84 GLY n 
1 85 ARG n 
1 86 PRO n 
1 87 MET n 
1 88 GLU n 
1 89 PRO n 
1 90 GLU n 
1 91 SER n 
1 92 GLU n 
1 93 PHE n 
1 94 ILE n 
1 95 ILE n 
1 96 LYS n 
1 97 ILE n 
1 98 GLN n 
1 99 ASP n 
# 
_entity_src_gen.entity_id                          1 
_entity_src_gen.pdbx_src_id                        1 
_entity_src_gen.pdbx_alt_source_flag               sample 
_entity_src_gen.pdbx_seq_type                      ? 
_entity_src_gen.pdbx_beg_seq_num                   ? 
_entity_src_gen.pdbx_end_seq_num                   ? 
_entity_src_gen.gene_src_common_name               chicken 
_entity_src_gen.gene_src_genus                     Gallus 
_entity_src_gen.pdbx_gene_src_gene                 MNcadherin 
_entity_src_gen.gene_src_species                   ? 
_entity_src_gen.gene_src_strain                    ? 
_entity_src_gen.gene_src_tissue                    ? 
_entity_src_gen.gene_src_tissue_fraction           ? 
_entity_src_gen.gene_src_details                   ? 
_entity_src_gen.pdbx_gene_src_fragment             ? 
_entity_src_gen.pdbx_gene_src_scientific_name      'Gallus gallus' 
_entity_src_gen.pdbx_gene_src_ncbi_taxonomy_id     9031 
_entity_src_gen.pdbx_gene_src_variant              ? 
_entity_src_gen.pdbx_gene_src_cell_line            ? 
_entity_src_gen.pdbx_gene_src_atcc                 ? 
_entity_src_gen.pdbx_gene_src_organ                ? 
_entity_src_gen.pdbx_gene_src_organelle            ? 
_entity_src_gen.pdbx_gene_src_cell                 ? 
_entity_src_gen.pdbx_gene_src_cellular_location    ? 
_entity_src_gen.host_org_common_name               ? 
_entity_src_gen.pdbx_host_org_scientific_name      'Escherichia coli' 
_entity_src_gen.pdbx_host_org_ncbi_taxonomy_id     562 
_entity_src_gen.host_org_genus                     Escherichia 
_entity_src_gen.pdbx_host_org_gene                 ? 
_entity_src_gen.pdbx_host_org_organ                ? 
_entity_src_gen.host_org_species                   ? 
_entity_src_gen.pdbx_host_org_tissue               ? 
_entity_src_gen.pdbx_host_org_tissue_fraction      ? 
_entity_src_gen.pdbx_host_org_strain               ? 
_entity_src_gen.pdbx_host_org_variant              ? 
_entity_src_gen.pdbx_host_org_cell_line            ? 
_entity_src_gen.pdbx_host_org_atcc                 ? 
_entity_src_gen.pdbx_host_org_culture_collection   ? 
_entity_src_gen.pdbx_host_org_cell                 ? 
_entity_src_gen.pdbx_host_org_organelle            ? 
_entity_src_gen.pdbx_host_org_cellular_location    ? 
_entity_src_gen.pdbx_host_org_vector_type          Plasmid 
_entity_src_gen.pdbx_host_org_vector               ? 
_entity_src_gen.host_org_details                   ? 
_entity_src_gen.expression_system_id               ? 
_entity_src_gen.plasmid_name                       pSMT3 
_entity_src_gen.plasmid_details                    ? 
_entity_src_gen.pdbx_description                   ? 
# 
loop_
_chem_comp.id 
_chem_comp.type 
_chem_comp.mon_nstd_flag 
_chem_comp.name 
_chem_comp.pdbx_synonyms 
_chem_comp.formula 
_chem_comp.formula_weight 
ALA 'L-peptide linking' y ALANINE         ? 'C3 H7 N O2'     89.093  
ARG 'L-peptide linking' y ARGININE        ? 'C6 H15 N4 O2 1' 175.209 
ASN 'L-peptide linking' y ASPARAGINE      ? 'C4 H8 N2 O3'    132.118 
ASP 'L-peptide linking' y 'ASPARTIC ACID' ? 'C4 H7 N O4'     133.103 
GLN 'L-peptide linking' y GLUTAMINE       ? 'C5 H10 N2 O3'   146.144 
GLU 'L-peptide linking' y 'GLUTAMIC ACID' ? 'C5 H9 N O4'     147.129 
GLY 'peptide linking'   y GLYCINE         ? 'C2 H5 N O2'     75.067  
HIS 'L-peptide linking' y HISTIDINE       ? 'C6 H10 N3 O2 1' 156.162 
HOH non-polymer         . WATER           ? 'H2 O'           18.015  
ILE 'L-peptide linking' y ISOLEUCINE      ? 'C6 H13 N O2'    131.173 
LEU 'L-peptide linking' y LEUCINE         ? 'C6 H13 N O2'    131.173 
LYS 'L-peptide linking' y LYSINE          ? 'C6 H15 N2 O2 1' 147.195 
MET 'L-peptide linking' y METHIONINE      ? 'C5 H11 N O2 S'  149.211 
PHE 'L-peptide linking' y PHENYLALANINE   ? 'C9 H11 N O2'    165.189 
PRO 'L-peptide linking' y PROLINE         ? 'C5 H9 N O2'     115.130 
SER 'L-peptide linking' y SERINE          ? 'C3 H7 N O3'     105.093 
THR 'L-peptide linking' y THREONINE       ? 'C4 H9 N O3'     119.119 
TRP 'L-peptide linking' y TRYPTOPHAN      ? 'C11 H12 N2 O2'  204.225 
TYR 'L-peptide linking' y TYROSINE        ? 'C9 H11 N O3'    181.189 
VAL 'L-peptide linking' y VALINE          ? 'C5 H11 N O2'    117.146 
# 
loop_
_pdbx_poly_seq_scheme.asym_id 
_pdbx_poly_seq_scheme.entity_id 
_pdbx_poly_seq_scheme.seq_id 
_pdbx_poly_seq_scheme.mon_id 
_pdbx_poly_seq_scheme.ndb_seq_num 
_pdbx_poly_seq_scheme.pdb_seq_num 
_pdbx_poly_seq_scheme.auth_seq_num 
_pdbx_poly_seq_scheme.pdb_mon_id 
_pdbx_poly_seq_scheme.auth_mon_id 
_pdbx_poly_seq_scheme.pdb_strand_id 
_pdbx_poly_seq_scheme.pdb_ins_code 
_pdbx_poly_seq_scheme.hetero 
A 1 1  SER 1  0  0  SER SER A . n 
A 1 2  GLY 2  1  1  GLY GLY A . n 
A 1 3  TRP 3  2  2  TRP TRP A . n 
A 1 4  VAL 4  3  3  VAL VAL A . n 
A 1 5  TRP 5  4  4  TRP TRP A . n 
A 1 6  ASN 6  5  5  ASN ASN A . n 
A 1 7  GLN 7  6  6  GLN GLN A . n 
A 1 8  PHE 8  7  7  PHE PHE A . n 
A 1 9  PHE 9  8  8  PHE PHE A . n 
A 1 10 VAL 10 9  9  VAL VAL A . n 
A 1 11 LEU 11 10 10 LEU LEU A . n 
A 1 12 GLU 12 11 11 GLU GLU A . n 
A 1 13 GLU 13 12 12 GLU GLU A . n 
A 1 14 TYR 14 13 13 TYR TYR A . n 
A 1 15 THR 15 14 14 THR THR A . n 
A 1 16 GLY 16 15 15 GLY GLY A . n 
A 1 17 THR 17 16 16 THR THR A . n 
A 1 18 ASP 18 17 17 ASP ASP A . n 
A 1 19 PRO 19 18 18 PRO PRO A . n 
A 1 20 LEU 20 19 19 LEU LEU A . n 
A 1 21 TYR 21 20 20 TYR TYR A . n 
A 1 22 VAL 22 21 21 VAL VAL A . n 
A 1 23 GLY 23 22 22 GLY GLY A . n 
A 1 24 LYS 24 23 23 LYS LYS A . n 
A 1 25 LEU 25 24 24 LEU LEU A . n 
A 1 26 HIS 26 25 25 HIS HIS A . n 
A 1 27 SER 27 26 26 SER SER A . n 
A 1 28 ASP 28 27 27 ASP ASP A . n 
A 1 29 MET 29 28 28 MET MET A . n 
A 1 30 ASP 30 29 29 ASP ASP A . n 
A 1 31 ARG 31 30 30 ARG ARG A . n 
A 1 32 GLY 32 31 31 GLY GLY A . n 
A 1 33 ASP 33 32 32 ASP ASP A . n 
A 1 34 GLY 34 33 33 GLY GLY A . n 
A 1 35 SER 35 34 34 SER SER A . n 
A 1 36 ILE 36 35 35 ILE ILE A . n 
A 1 37 LYS 37 36 36 LYS LYS A . n 
A 1 38 TYR 38 37 37 TYR TYR A . n 
A 1 39 ILE 39 38 38 ILE ILE A . n 
A 1 40 LEU 40 39 39 LEU LEU A . n 
A 1 41 SER 41 40 40 SER SER A . n 
A 1 42 GLY 42 41 41 GLY GLY A . n 
A 1 43 GLU 43 42 42 GLU GLU A . n 
A 1 44 GLY 44 43 43 GLY GLY A . n 
A 1 45 ALA 45 44 44 ALA ALA A . n 
A 1 46 GLY 46 45 45 GLY GLY A . n 
A 1 47 ILE 47 46 46 ILE ILE A . n 
A 1 48 VAL 48 47 47 VAL VAL A . n 
A 1 49 PHE 49 48 48 PHE PHE A . n 
A 1 50 THR 50 49 49 THR THR A . n 
A 1 51 ILE 51 50 50 ILE ILE A . n 
A 1 52 ASP 52 51 51 ASP ASP A . n 
A 1 53 ASP 53 52 52 ASP ASP A . n 
A 1 54 THR 54 53 53 THR THR A . n 
A 1 55 THR 55 54 54 THR THR A . n 
A 1 56 GLY 56 55 55 GLY GLY A . n 
A 1 57 ASP 57 56 56 ASP ASP A . n 
A 1 58 ILE 58 57 57 ILE ILE A . n 
A 1 59 HIS 59 58 58 HIS HIS A . n 
A 1 60 ALA 60 59 59 ALA ALA A . n 
A 1 61 ILE 61 60 60 ILE ILE A . n 
A 1 62 GLN 62 61 61 GLN GLN A . n 
A 1 63 ARG 63 62 62 ARG ARG A . n 
A 1 64 LEU 64 63 63 LEU LEU A . n 
A 1 65 ASP 65 64 64 ASP ASP A . n 
A 1 66 ARG 66 65 65 ARG ARG A . n 
A 1 67 GLU 67 66 66 GLU GLU A . n 
A 1 68 GLU 68 67 67 GLU GLU A . n 
A 1 69 ARG 69 68 68 ARG ARG A . n 
A 1 70 SER 70 69 69 SER SER A . n 
A 1 71 GLN 71 70 70 GLN GLN A . n 
A 1 72 TYR 72 71 71 TYR TYR A . n 
A 1 73 THR 73 72 72 THR THR A . n 
A 1 74 LEU 74 73 73 LEU LEU A . n 
A 1 75 ARG 75 74 74 ARG ARG A . n 
A 1 76 ALA 76 75 75 ALA ALA A . n 
A 1 77 GLN 77 76 76 GLN GLN A . n 
A 1 78 ALA 78 77 77 ALA ALA A . n 
A 1 79 LEU 79 78 78 LEU LEU A . n 
A 1 80 ASP 80 79 79 ASP ASP A . n 
A 1 81 ARG 81 80 80 ARG ARG A . n 
A 1 82 ARG 82 81 81 ARG ARG A . n 
A 1 83 THR 83 82 82 THR THR A . n 
A 1 84 GLY 84 83 83 GLY GLY A . n 
A 1 85 ARG 85 84 84 ARG ARG A . n 
A 1 86 PRO 86 85 85 PRO PRO A . n 
A 1 87 MET 87 86 86 MET MET A . n 
A 1 88 GLU 88 87 87 GLU GLU A . n 
A 1 89 PRO 89 88 88 PRO PRO A . n 
A 1 90 GLU 90 89 89 GLU GLU A . n 
A 1 91 SER 91 90 90 SER SER A . n 
A 1 92 GLU 92 91 91 GLU GLU A . n 
A 1 93 PHE 93 92 92 PHE PHE A . n 
A 1 94 ILE 94 93 93 ILE ILE A . n 
A 1 95 ILE 95 94 94 ILE ILE A . n 
A 1 96 LYS 96 95 95 LYS LYS A . n 
A 1 97 ILE 97 96 96 ILE ILE A . n 
A 1 98 GLN 98 97 97 GLN GLN A . n 
A 1 99 ASP 99 98 98 ASP ASP A . n 
B 1 1  SER 1  0  0  SER SER B . n 
B 1 2  GLY 2  1  1  GLY GLY B . n 
B 1 3  TRP 3  2  2  TRP TRP B . n 
B 1 4  VAL 4  3  3  VAL VAL B . n 
B 1 5  TRP 5  4  4  TRP TRP B . n 
B 1 6  ASN 6  5  5  ASN ASN B . n 
B 1 7  GLN 7  6  6  GLN GLN B . n 
B 1 8  PHE 8  7  7  PHE PHE B . n 
B 1 9  PHE 9  8  8  PHE PHE B . n 
B 1 10 VAL 10 9  9  VAL VAL B . n 
B 1 11 LEU 11 10 10 LEU LEU B . n 
B 1 12 GLU 12 11 11 GLU GLU B . n 
B 1 13 GLU 13 12 12 GLU GLU B . n 
B 1 14 TYR 14 13 13 TYR TYR B . n 
B 1 15 THR 15 14 14 THR THR B . n 
B 1 16 GLY 16 15 15 GLY GLY B . n 
B 1 17 THR 17 16 16 THR THR B . n 
B 1 18 ASP 18 17 17 ASP ASP B . n 
B 1 19 PRO 19 18 18 PRO PRO B . n 
B 1 20 LEU 20 19 19 LEU LEU B . n 
B 1 21 TYR 21 20 20 TYR TYR B . n 
B 1 22 VAL 22 21 21 VAL VAL B . n 
B 1 23 GLY 23 22 22 GLY GLY B . n 
B 1 24 LYS 24 23 23 LYS LYS B . n 
B 1 25 LEU 25 24 24 LEU LEU B . n 
B 1 26 HIS 26 25 25 HIS HIS B . n 
B 1 27 SER 27 26 26 SER SER B . n 
B 1 28 ASP 28 27 27 ASP ASP B . n 
B 1 29 MET 29 28 28 MET MET B . n 
B 1 30 ASP 30 29 29 ASP ASP B . n 
B 1 31 ARG 31 30 30 ARG ARG B . n 
B 1 32 GLY 32 31 31 GLY GLY B . n 
B 1 33 ASP 33 32 32 ASP ASP B . n 
B 1 34 GLY 34 33 33 GLY GLY B . n 
B 1 35 SER 35 34 34 SER SER B . n 
B 1 36 ILE 36 35 35 ILE ILE B . n 
B 1 37 LYS 37 36 36 LYS LYS B . n 
B 1 38 TYR 38 37 37 TYR TYR B . n 
B 1 39 ILE 39 38 38 ILE ILE B . n 
B 1 40 LEU 40 39 39 LEU LEU B . n 
B 1 41 SER 41 40 40 SER SER B . n 
B 1 42 GLY 42 41 41 GLY GLY B . n 
B 1 43 GLU 43 42 42 GLU GLU B . n 
B 1 44 GLY 44 43 43 GLY GLY B . n 
B 1 45 ALA 45 44 44 ALA ALA B . n 
B 1 46 GLY 46 45 45 GLY GLY B . n 
B 1 47 ILE 47 46 46 ILE ILE B . n 
B 1 48 VAL 48 47 47 VAL VAL B . n 
B 1 49 PHE 49 48 48 PHE PHE B . n 
B 1 50 THR 50 49 49 THR THR B . n 
B 1 51 ILE 51 50 50 ILE ILE B . n 
B 1 52 ASP 52 51 51 ASP ASP B . n 
B 1 53 ASP 53 52 52 ASP ASP B . n 
B 1 54 THR 54 53 53 THR THR B . n 
B 1 55 THR 55 54 54 THR THR B . n 
B 1 56 GLY 56 55 55 GLY GLY B . n 
B 1 57 ASP 57 56 56 ASP ASP B . n 
B 1 58 ILE 58 57 57 ILE ILE B . n 
B 1 59 HIS 59 58 58 HIS HIS B . n 
B 1 60 ALA 60 59 59 ALA ALA B . n 
B 1 61 ILE 61 60 60 ILE ILE B . n 
B 1 62 GLN 62 61 61 GLN GLN B . n 
B 1 63 ARG 63 62 62 ARG ARG B . n 
B 1 64 LEU 64 63 63 LEU LEU B . n 
B 1 65 ASP 65 64 64 ASP ASP B . n 
B 1 66 ARG 66 65 65 ARG ARG B . n 
B 1 67 GLU 67 66 66 GLU GLU B . n 
B 1 68 GLU 68 67 67 GLU GLU B . n 
B 1 69 ARG 69 68 68 ARG ARG B . n 
B 1 70 SER 70 69 69 SER SER B . n 
B 1 71 GLN 71 70 70 GLN GLN B . n 
B 1 72 TYR 72 71 71 TYR TYR B . n 
B 1 73 THR 73 72 72 THR THR B . n 
B 1 74 LEU 74 73 73 LEU LEU B . n 
B 1 75 ARG 75 74 74 ARG ARG B . n 
B 1 76 ALA 76 75 75 ALA ALA B . n 
B 1 77 GLN 77 76 76 GLN GLN B . n 
B 1 78 ALA 78 77 77 ALA ALA B . n 
B 1 79 LEU 79 78 78 LEU LEU B . n 
B 1 80 ASP 80 79 79 ASP ASP B . n 
B 1 81 ARG 81 80 80 ARG ARG B . n 
B 1 82 ARG 82 81 81 ARG ARG B . n 
B 1 83 THR 83 82 82 THR THR B . n 
B 1 84 GLY 84 83 83 GLY GLY B . n 
B 1 85 ARG 85 84 84 ARG ARG B . n 
B 1 86 PRO 86 85 85 PRO PRO B . n 
B 1 87 MET 87 86 86 MET MET B . n 
B 1 88 GLU 88 87 87 GLU GLU B . n 
B 1 89 PRO 89 88 88 PRO PRO B . n 
B 1 90 GLU 90 89 89 GLU GLU B . n 
B 1 91 SER 91 90 90 SER SER B . n 
B 1 92 GLU 92 91 91 GLU GLU B . n 
B 1 93 PHE 93 92 92 PHE PHE B . n 
B 1 94 ILE 94 93 93 ILE ILE B . n 
B 1 95 ILE 95 94 94 ILE ILE B . n 
B 1 96 LYS 96 95 95 LYS LYS B . n 
B 1 97 ILE 97 96 96 ILE ILE B . n 
B 1 98 GLN 98 97 97 GLN GLN B . n 
B 1 99 ASP 99 98 98 ASP ASP B . n 
# 
loop_
_pdbx_nonpoly_scheme.asym_id 
_pdbx_nonpoly_scheme.entity_id 
_pdbx_nonpoly_scheme.mon_id 
_pdbx_nonpoly_scheme.ndb_seq_num 
_pdbx_nonpoly_scheme.pdb_seq_num 
_pdbx_nonpoly_scheme.auth_seq_num 
_pdbx_nonpoly_scheme.pdb_mon_id 
_pdbx_nonpoly_scheme.auth_mon_id 
_pdbx_nonpoly_scheme.pdb_strand_id 
_pdbx_nonpoly_scheme.pdb_ins_code 
C 2 HOH 1  99  1   HOH HOH A . 
C 2 HOH 2  100 3   HOH HOH A . 
C 2 HOH 3  101 4   HOH HOH A . 
C 2 HOH 4  102 5   HOH HOH A . 
C 2 HOH 5  103 7   HOH HOH A . 
C 2 HOH 6  104 11  HOH HOH A . 
C 2 HOH 7  105 13  HOH HOH A . 
C 2 HOH 8  106 14  HOH HOH A . 
C 2 HOH 9  107 16  HOH HOH A . 
C 2 HOH 10 108 17  HOH HOH A . 
C 2 HOH 11 109 18  HOH HOH A . 
C 2 HOH 12 110 19  HOH HOH A . 
C 2 HOH 13 111 20  HOH HOH A . 
C 2 HOH 14 112 22  HOH HOH A . 
C 2 HOH 15 113 23  HOH HOH A . 
C 2 HOH 16 114 25  HOH HOH A . 
C 2 HOH 17 115 27  HOH HOH A . 
C 2 HOH 18 116 29  HOH HOH A . 
C 2 HOH 19 117 31  HOH HOH A . 
C 2 HOH 20 118 33  HOH HOH A . 
C 2 HOH 21 119 34  HOH HOH A . 
C 2 HOH 22 120 35  HOH HOH A . 
C 2 HOH 23 121 37  HOH HOH A . 
C 2 HOH 24 122 38  HOH HOH A . 
C 2 HOH 25 123 39  HOH HOH A . 
C 2 HOH 26 124 40  HOH HOH A . 
C 2 HOH 27 125 41  HOH HOH A . 
C 2 HOH 28 126 43  HOH HOH A . 
C 2 HOH 29 127 47  HOH HOH A . 
C 2 HOH 30 128 48  HOH HOH A . 
C 2 HOH 31 129 49  HOH HOH A . 
C 2 HOH 32 130 53  HOH HOH A . 
C 2 HOH 33 131 54  HOH HOH A . 
C 2 HOH 34 132 58  HOH HOH A . 
C 2 HOH 35 133 62  HOH HOH A . 
C 2 HOH 36 134 64  HOH HOH A . 
C 2 HOH 37 135 66  HOH HOH A . 
C 2 HOH 38 136 67  HOH HOH A . 
C 2 HOH 39 137 70  HOH HOH A . 
C 2 HOH 40 138 71  HOH HOH A . 
C 2 HOH 41 139 73  HOH HOH A . 
C 2 HOH 42 140 74  HOH HOH A . 
C 2 HOH 43 141 76  HOH HOH A . 
C 2 HOH 44 142 78  HOH HOH A . 
C 2 HOH 45 143 80  HOH HOH A . 
C 2 HOH 46 144 82  HOH HOH A . 
C 2 HOH 47 145 83  HOH HOH A . 
C 2 HOH 48 146 86  HOH HOH A . 
C 2 HOH 49 147 87  HOH HOH A . 
C 2 HOH 50 148 88  HOH HOH A . 
C 2 HOH 51 149 92  HOH HOH A . 
C 2 HOH 52 150 96  HOH HOH A . 
C 2 HOH 53 151 97  HOH HOH A . 
C 2 HOH 54 152 98  HOH HOH A . 
C 2 HOH 55 153 99  HOH HOH A . 
C 2 HOH 56 154 100 HOH HOH A . 
C 2 HOH 57 155 103 HOH HOH A . 
C 2 HOH 58 156 105 HOH HOH A . 
C 2 HOH 59 157 106 HOH HOH A . 
C 2 HOH 60 158 108 HOH HOH A . 
C 2 HOH 61 159 109 HOH HOH A . 
C 2 HOH 62 160 110 HOH HOH A . 
C 2 HOH 63 161 111 HOH HOH A . 
C 2 HOH 64 162 113 HOH HOH A . 
C 2 HOH 65 163 114 HOH HOH A . 
C 2 HOH 66 164 115 HOH HOH A . 
C 2 HOH 67 165 116 HOH HOH A . 
C 2 HOH 68 166 117 HOH HOH A . 
C 2 HOH 69 167 122 HOH HOH A . 
C 2 HOH 70 168 127 HOH HOH A . 
C 2 HOH 71 169 129 HOH HOH A . 
C 2 HOH 72 170 134 HOH HOH A . 
C 2 HOH 73 171 135 HOH HOH A . 
C 2 HOH 74 172 137 HOH HOH A . 
C 2 HOH 75 173 139 HOH HOH A . 
C 2 HOH 76 174 141 HOH HOH A . 
C 2 HOH 77 175 145 HOH HOH A . 
C 2 HOH 78 176 146 HOH HOH A . 
C 2 HOH 79 177 147 HOH HOH A . 
C 2 HOH 80 178 150 HOH HOH A . 
C 2 HOH 81 179 151 HOH HOH A . 
C 2 HOH 82 180 152 HOH HOH A . 
C 2 HOH 83 181 158 HOH HOH A . 
C 2 HOH 84 182 159 HOH HOH A . 
C 2 HOH 85 183 160 HOH HOH A . 
C 2 HOH 86 184 165 HOH HOH A . 
C 2 HOH 87 185 167 HOH HOH A . 
C 2 HOH 88 186 168 HOH HOH A . 
C 2 HOH 89 187 171 HOH HOH A . 
C 2 HOH 90 188 173 HOH HOH A . 
C 2 HOH 91 189 176 HOH HOH A . 
C 2 HOH 92 190 177 HOH HOH A . 
C 2 HOH 93 191 178 HOH HOH A . 
C 2 HOH 94 192 180 HOH HOH A . 
C 2 HOH 95 193 181 HOH HOH A . 
D 2 HOH 1  99  2   HOH HOH B . 
D 2 HOH 2  100 6   HOH HOH B . 
D 2 HOH 3  101 8   HOH HOH B . 
D 2 HOH 4  102 9   HOH HOH B . 
D 2 HOH 5  103 10  HOH HOH B . 
D 2 HOH 6  104 12  HOH HOH B . 
D 2 HOH 7  105 15  HOH HOH B . 
D 2 HOH 8  106 21  HOH HOH B . 
D 2 HOH 9  107 24  HOH HOH B . 
D 2 HOH 10 108 26  HOH HOH B . 
D 2 HOH 11 109 28  HOH HOH B . 
D 2 HOH 12 110 30  HOH HOH B . 
D 2 HOH 13 111 32  HOH HOH B . 
D 2 HOH 14 112 36  HOH HOH B . 
D 2 HOH 15 113 42  HOH HOH B . 
D 2 HOH 16 114 44  HOH HOH B . 
D 2 HOH 17 115 45  HOH HOH B . 
D 2 HOH 18 116 46  HOH HOH B . 
D 2 HOH 19 117 50  HOH HOH B . 
D 2 HOH 20 118 51  HOH HOH B . 
D 2 HOH 21 119 52  HOH HOH B . 
D 2 HOH 22 120 55  HOH HOH B . 
D 2 HOH 23 121 56  HOH HOH B . 
D 2 HOH 24 122 57  HOH HOH B . 
D 2 HOH 25 123 59  HOH HOH B . 
D 2 HOH 26 124 60  HOH HOH B . 
D 2 HOH 27 125 61  HOH HOH B . 
D 2 HOH 28 126 63  HOH HOH B . 
D 2 HOH 29 127 65  HOH HOH B . 
D 2 HOH 30 128 68  HOH HOH B . 
D 2 HOH 31 129 69  HOH HOH B . 
D 2 HOH 32 130 72  HOH HOH B . 
D 2 HOH 33 131 75  HOH HOH B . 
D 2 HOH 34 132 77  HOH HOH B . 
D 2 HOH 35 133 79  HOH HOH B . 
D 2 HOH 36 134 81  HOH HOH B . 
D 2 HOH 37 135 84  HOH HOH B . 
D 2 HOH 38 136 85  HOH HOH B . 
D 2 HOH 39 137 89  HOH HOH B . 
D 2 HOH 40 138 90  HOH HOH B . 
D 2 HOH 41 139 91  HOH HOH B . 
D 2 HOH 42 140 93  HOH HOH B . 
D 2 HOH 43 141 94  HOH HOH B . 
D 2 HOH 44 142 95  HOH HOH B . 
D 2 HOH 45 143 101 HOH HOH B . 
D 2 HOH 46 144 102 HOH HOH B . 
D 2 HOH 47 145 104 HOH HOH B . 
D 2 HOH 48 146 107 HOH HOH B . 
D 2 HOH 49 147 112 HOH HOH B . 
D 2 HOH 50 148 118 HOH HOH B . 
D 2 HOH 51 149 119 HOH HOH B . 
D 2 HOH 52 150 120 HOH HOH B . 
D 2 HOH 53 151 121 HOH HOH B . 
D 2 HOH 54 152 123 HOH HOH B . 
D 2 HOH 55 153 124 HOH HOH B . 
D 2 HOH 56 154 125 HOH HOH B . 
D 2 HOH 57 155 126 HOH HOH B . 
D 2 HOH 58 156 128 HOH HOH B . 
D 2 HOH 59 157 130 HOH HOH B . 
D 2 HOH 60 158 131 HOH HOH B . 
D 2 HOH 61 159 132 HOH HOH B . 
D 2 HOH 62 160 133 HOH HOH B . 
D 2 HOH 63 161 136 HOH HOH B . 
D 2 HOH 64 162 138 HOH HOH B . 
D 2 HOH 65 163 140 HOH HOH B . 
D 2 HOH 66 164 142 HOH HOH B . 
D 2 HOH 67 165 143 HOH HOH B . 
D 2 HOH 68 166 144 HOH HOH B . 
D 2 HOH 69 167 148 HOH HOH B . 
D 2 HOH 70 168 149 HOH HOH B . 
D 2 HOH 71 169 153 HOH HOH B . 
D 2 HOH 72 170 154 HOH HOH B . 
D 2 HOH 73 171 155 HOH HOH B . 
D 2 HOH 74 172 156 HOH HOH B . 
D 2 HOH 75 173 157 HOH HOH B . 
D 2 HOH 76 174 161 HOH HOH B . 
D 2 HOH 77 175 162 HOH HOH B . 
D 2 HOH 78 176 163 HOH HOH B . 
D 2 HOH 79 177 164 HOH HOH B . 
D 2 HOH 80 178 166 HOH HOH B . 
D 2 HOH 81 179 169 HOH HOH B . 
D 2 HOH 82 180 170 HOH HOH B . 
D 2 HOH 83 181 172 HOH HOH B . 
D 2 HOH 84 182 174 HOH HOH B . 
D 2 HOH 85 183 175 HOH HOH B . 
D 2 HOH 86 184 179 HOH HOH B . 
# 
loop_
_pdbx_unobs_or_zero_occ_atoms.id 
_pdbx_unobs_or_zero_occ_atoms.PDB_model_num 
_pdbx_unobs_or_zero_occ_atoms.polymer_flag 
_pdbx_unobs_or_zero_occ_atoms.occupancy_flag 
_pdbx_unobs_or_zero_occ_atoms.auth_asym_id 
_pdbx_unobs_or_zero_occ_atoms.auth_comp_id 
_pdbx_unobs_or_zero_occ_atoms.auth_seq_id 
_pdbx_unobs_or_zero_occ_atoms.PDB_ins_code 
_pdbx_unobs_or_zero_occ_atoms.auth_atom_id 
_pdbx_unobs_or_zero_occ_atoms.label_alt_id 
_pdbx_unobs_or_zero_occ_atoms.label_asym_id 
_pdbx_unobs_or_zero_occ_atoms.label_comp_id 
_pdbx_unobs_or_zero_occ_atoms.label_seq_id 
_pdbx_unobs_or_zero_occ_atoms.label_atom_id 
1  1 Y 1 A ARG 30 ? CG  ? A ARG 31 CG  
2  1 Y 1 A ARG 30 ? CD  ? A ARG 31 CD  
3  1 Y 1 A ARG 30 ? NE  ? A ARG 31 NE  
4  1 Y 1 A ARG 30 ? CZ  ? A ARG 31 CZ  
5  1 Y 1 A ARG 30 ? NH1 ? A ARG 31 NH1 
6  1 Y 1 A ARG 30 ? NH2 ? A ARG 31 NH2 
7  1 Y 1 A GLU 66 ? CG  ? A GLU 67 CG  
8  1 Y 1 A GLU 66 ? CD  ? A GLU 67 CD  
9  1 Y 1 A GLU 66 ? OE1 ? A GLU 67 OE1 
10 1 Y 1 A GLU 66 ? OE2 ? A GLU 67 OE2 
11 1 Y 1 A GLU 67 ? CG  ? A GLU 68 CG  
12 1 Y 1 A GLU 67 ? CD  ? A GLU 68 CD  
13 1 Y 1 A GLU 67 ? OE1 ? A GLU 68 OE1 
14 1 Y 1 A GLU 67 ? OE2 ? A GLU 68 OE2 
15 1 Y 1 A ARG 81 ? CG  ? A ARG 82 CG  
16 1 Y 1 A ARG 81 ? CD  ? A ARG 82 CD  
17 1 Y 1 A ARG 81 ? NE  ? A ARG 82 NE  
18 1 Y 1 A ARG 81 ? CZ  ? A ARG 82 CZ  
19 1 Y 1 A ARG 81 ? NH1 ? A ARG 82 NH1 
20 1 Y 1 A ARG 81 ? NH2 ? A ARG 82 NH2 
21 1 Y 1 A GLN 97 ? OE1 ? A GLN 98 OE1 
22 1 Y 1 A GLN 97 ? NE2 ? A GLN 98 NE2 
23 1 Y 1 B ARG 30 ? CG  ? B ARG 31 CG  
24 1 Y 1 B ARG 30 ? CD  ? B ARG 31 CD  
25 1 Y 1 B ARG 30 ? NE  ? B ARG 31 NE  
26 1 Y 1 B ARG 30 ? CZ  ? B ARG 31 CZ  
27 1 Y 1 B ARG 30 ? NH1 ? B ARG 31 NH1 
28 1 Y 1 B ARG 30 ? NH2 ? B ARG 31 NH2 
29 1 Y 1 B ARG 81 ? CG  ? B ARG 82 CG  
30 1 Y 1 B ARG 81 ? CD  ? B ARG 82 CD  
31 1 Y 1 B ARG 81 ? NE  ? B ARG 82 NE  
32 1 Y 1 B ARG 81 ? CZ  ? B ARG 82 CZ  
33 1 Y 1 B ARG 81 ? NH1 ? B ARG 82 NH1 
34 1 Y 1 B ARG 81 ? NH2 ? B ARG 82 NH2 
35 1 Y 1 B ARG 84 ? CG  ? B ARG 85 CG  
36 1 Y 1 B ARG 84 ? CD  ? B ARG 85 CD  
37 1 Y 1 B ARG 84 ? NE  ? B ARG 85 NE  
38 1 Y 1 B ARG 84 ? CZ  ? B ARG 85 CZ  
39 1 Y 1 B ARG 84 ? NH1 ? B ARG 85 NH1 
40 1 Y 1 B ARG 84 ? NH2 ? B ARG 85 NH2 
# 
loop_
_software.name 
_software.classification 
_software.version 
_software.citation_id 
_software.pdbx_ordinal 
REFMAC    refinement       5.2.0005 ? 1 
DENZO     'data reduction' .        ? 2 
SCALEPACK 'data scaling'   .        ? 3 
SOLVE     phasing          .        ? 4 
# 
_cell.entry_id           1ZVN 
_cell.length_a           32.322 
_cell.length_b           76.155 
_cell.length_c           37.073 
_cell.angle_alpha        90.00 
_cell.angle_beta         96.01 
_cell.angle_gamma        90.00 
_cell.Z_PDB              4 
_cell.pdbx_unique_axis   ? 
_cell.length_a_esd       ? 
_cell.length_b_esd       ? 
_cell.length_c_esd       ? 
_cell.angle_alpha_esd    ? 
_cell.angle_beta_esd     ? 
_cell.angle_gamma_esd    ? 
# 
_symmetry.entry_id                         1ZVN 
_symmetry.space_group_name_H-M             'P 1 21 1' 
_symmetry.pdbx_full_space_group_name_H-M   ? 
_symmetry.cell_setting                     ? 
_symmetry.Int_Tables_number                4 
_symmetry.space_group_name_Hall            ? 
# 
_exptl.entry_id          1ZVN 
_exptl.method            'X-RAY DIFFRACTION' 
_exptl.crystals_number   2 
# 
_exptl_crystal.id                    1 
_exptl_crystal.density_meas          ? 
_exptl_crystal.density_Matthews      2.08 
_exptl_crystal.density_percent_sol   40.41 
_exptl_crystal.description           ? 
_exptl_crystal.F_000                 ? 
_exptl_crystal.preparation           ? 
# 
_exptl_crystal_grow.crystal_id      1 
_exptl_crystal_grow.method          'VAPOR DIFFUSION, HANGING DROP' 
_exptl_crystal_grow.temp            277 
_exptl_crystal_grow.temp_details    ? 
_exptl_crystal_grow.pH              6.0 
_exptl_crystal_grow.pdbx_details    
'60% saturated ammonium sulfate, 0.1M Bis-Tris pH 6.0, 7mM YbCl3 , VAPOR DIFFUSION, HANGING DROP, temperature 277K' 
_exptl_crystal_grow.pdbx_pH_range   . 
# 
loop_
_diffrn.id 
_diffrn.ambient_temp 
_diffrn.ambient_temp_details 
_diffrn.crystal_id 
1   110 ? 1 
2   110 ? 1 
1,2 ?   ? 1 
# 
loop_
_diffrn_detector.diffrn_id 
_diffrn_detector.detector 
_diffrn_detector.type 
_diffrn_detector.pdbx_collection_date 
_diffrn_detector.details 
1 CCD 'ADSC QUANTUM 4' 2002-06-09 ? 
2 CCD 'ADSC QUANTUM 4' 2002-09-25 ? 
# 
loop_
_diffrn_radiation.diffrn_id 
_diffrn_radiation.wavelength_id 
_diffrn_radiation.pdbx_monochromatic_or_laue_m_l 
_diffrn_radiation.monochromator 
_diffrn_radiation.pdbx_diffrn_protocol 
_diffrn_radiation.pdbx_scattering_type 
1 1 M diamond 'SINGLE WAVELENGTH' x-ray 
2 2 M diamond 'SINGLE WAVELENGTH' x-ray 
# 
loop_
_diffrn_radiation_wavelength.id 
_diffrn_radiation_wavelength.wavelength 
_diffrn_radiation_wavelength.wt 
1 1.065  1.0 
2 0.9791 1.0 
# 
loop_
_diffrn_source.diffrn_id 
_diffrn_source.source 
_diffrn_source.type 
_diffrn_source.pdbx_synchrotron_site 
_diffrn_source.pdbx_synchrotron_beamline 
_diffrn_source.pdbx_wavelength 
_diffrn_source.pdbx_wavelength_list 
1 SYNCHROTRON 'NSLS BEAMLINE X4A' NSLS X4A ? 1.065  
2 SYNCHROTRON 'NSLS BEAMLINE X9A' NSLS X9A ? 0.9791 
# 
_reflns.entry_id                     1ZVN 
_reflns.observed_criterion_sigma_F   ? 
_reflns.observed_criterion_sigma_I   -3 
_reflns.d_resolution_high            2.16 
_reflns.d_resolution_low             20 
_reflns.number_all                   9670 
_reflns.number_obs                   9573 
_reflns.percent_possible_obs         100 
_reflns.pdbx_Rmerge_I_obs            0.076 
_reflns.pdbx_Rsym_value              ? 
_reflns.pdbx_netI_over_sigmaI        9.77 
_reflns.B_iso_Wilson_estimate        ? 
_reflns.pdbx_redundancy              ? 
_reflns.R_free_details               ? 
_reflns.limit_h_max                  ? 
_reflns.limit_h_min                  ? 
_reflns.limit_k_max                  ? 
_reflns.limit_k_min                  ? 
_reflns.limit_l_max                  ? 
_reflns.limit_l_min                  ? 
_reflns.observed_criterion_F_max     ? 
_reflns.observed_criterion_F_min     ? 
_reflns.pdbx_chi_squared             ? 
_reflns.pdbx_scaling_rejects         ? 
_reflns.pdbx_ordinal                 1 
_reflns.pdbx_diffrn_id               1,2 
# 
_reflns_shell.d_res_high             2.16 
_reflns_shell.d_res_low              2.24 
_reflns_shell.percent_possible_all   93.0 
_reflns_shell.Rmerge_I_obs           0.252 
_reflns_shell.pdbx_Rsym_value        0.03 
_reflns_shell.meanI_over_sigI_obs    ? 
_reflns_shell.pdbx_redundancy        ? 
_reflns_shell.percent_possible_obs   ? 
_reflns_shell.number_unique_all      ? 
_reflns_shell.number_measured_all    ? 
_reflns_shell.number_measured_obs    ? 
_reflns_shell.number_unique_obs      ? 
_reflns_shell.pdbx_chi_squared       ? 
_reflns_shell.pdbx_ordinal           1 
_reflns_shell.pdbx_diffrn_id         1,2 
# 
_refine.entry_id                                 1ZVN 
_refine.ls_number_reflns_obs                     9042 
_refine.ls_number_reflns_all                     9042 
_refine.pdbx_ls_sigma_I                          ? 
_refine.pdbx_ls_sigma_F                          0 
_refine.pdbx_data_cutoff_high_absF               ? 
_refine.pdbx_data_cutoff_low_absF                ? 
_refine.pdbx_data_cutoff_high_rms_absF           ? 
_refine.ls_d_res_low                             19.73 
_refine.ls_d_res_high                            2.16 
_refine.ls_percent_reflns_obs                    98.97 
_refine.ls_R_factor_obs                          0.17264 
_refine.ls_R_factor_all                          0.1686 
_refine.ls_R_factor_R_work                       0.16855 
_refine.ls_R_factor_R_free                       0.2424 
_refine.ls_R_factor_R_free_error                 ? 
_refine.ls_R_factor_R_free_error_details         ? 
_refine.ls_percent_reflns_R_free                 5.4 
_refine.ls_number_reflns_R_free                  514 
_refine.ls_number_parameters                     ? 
_refine.ls_number_restraints                     ? 
_refine.occupancy_min                            ? 
_refine.occupancy_max                            ? 
_refine.correlation_coeff_Fo_to_Fc               0.950 
_refine.correlation_coeff_Fo_to_Fc_free          0.907 
_refine.B_iso_mean                               19.050 
_refine.aniso_B[1][1]                            0.01 
_refine.aniso_B[2][2]                            0.00 
_refine.aniso_B[3][3]                            -0.01 
_refine.aniso_B[1][2]                            0.00 
_refine.aniso_B[1][3]                            0.00 
_refine.aniso_B[2][3]                            0.00 
_refine.solvent_model_details                    MASK 
_refine.solvent_model_param_ksol                 ? 
_refine.solvent_model_param_bsol                 ? 
_refine.pdbx_solvent_vdw_probe_radii             1.20 
_refine.pdbx_solvent_ion_probe_radii             0.80 
_refine.pdbx_solvent_shrinkage_radii             0.80 
_refine.pdbx_ls_cross_valid_method               THROUGHOUT 
_refine.details                                  'HYDROGENS HAVE BEEN ADDED IN THE RIDING POSITIONS' 
_refine.pdbx_starting_model                      ? 
_refine.pdbx_method_to_determine_struct          SAD 
_refine.pdbx_isotropic_thermal_model             ? 
_refine.pdbx_stereochemistry_target_values       'MAXIMUM LIKELIHOOD' 
_refine.pdbx_stereochem_target_val_spec_case     ? 
_refine.pdbx_R_Free_selection_details            RANDOM 
_refine.pdbx_overall_ESU_R                       0.339 
_refine.pdbx_overall_ESU_R_Free                  0.234 
_refine.overall_SU_ML                            0.153 
_refine.overall_SU_B                             5.758 
_refine.ls_redundancy_reflns_obs                 ? 
_refine.B_iso_min                                ? 
_refine.B_iso_max                                ? 
_refine.overall_SU_R_Cruickshank_DPI             ? 
_refine.overall_SU_R_free                        ? 
_refine.ls_wR_factor_R_free                      ? 
_refine.ls_wR_factor_R_work                      ? 
_refine.overall_FOM_free_R_set                   ? 
_refine.overall_FOM_work_R_set                   ? 
_refine.pdbx_refine_id                           'X-RAY DIFFRACTION' 
_refine.pdbx_TLS_residual_ADP_flag               'LIKELY RESIDUAL' 
_refine.pdbx_diffrn_id                           1 
_refine.pdbx_overall_phase_error                 ? 
_refine.pdbx_overall_SU_R_free_Cruickshank_DPI   ? 
_refine.pdbx_overall_SU_R_Blow_DPI               ? 
_refine.pdbx_overall_SU_R_free_Blow_DPI          ? 
# 
_refine_hist.pdbx_refine_id                   'X-RAY DIFFRACTION' 
_refine_hist.cycle_id                         LAST 
_refine_hist.pdbx_number_atoms_protein        1558 
_refine_hist.pdbx_number_atoms_nucleic_acid   0 
_refine_hist.pdbx_number_atoms_ligand         0 
_refine_hist.number_atoms_solvent             181 
_refine_hist.number_atoms_total               1739 
_refine_hist.d_res_high                       2.16 
_refine_hist.d_res_low                        19.73 
# 
loop_
_refine_ls_restr.type 
_refine_ls_restr.dev_ideal 
_refine_ls_restr.dev_ideal_target 
_refine_ls_restr.weight 
_refine_ls_restr.number 
_refine_ls_restr.pdbx_refine_id 
_refine_ls_restr.pdbx_restraint_function 
r_bond_refined_d         0.016  0.021  ? 1590 'X-RAY DIFFRACTION' ? 
r_angle_refined_deg      2.253  1.950  ? 2154 'X-RAY DIFFRACTION' ? 
r_dihedral_angle_1_deg   6.117  5.000  ? 196  'X-RAY DIFFRACTION' ? 
r_dihedral_angle_2_deg   36.157 24.250 ? 80   'X-RAY DIFFRACTION' ? 
r_dihedral_angle_3_deg   16.602 15.000 ? 261  'X-RAY DIFFRACTION' ? 
r_dihedral_angle_4_deg   17.422 15.000 ? 11   'X-RAY DIFFRACTION' ? 
r_chiral_restr           0.105  0.200  ? 232  'X-RAY DIFFRACTION' ? 
r_gen_planes_refined     0.007  0.020  ? 1235 'X-RAY DIFFRACTION' ? 
r_nbd_refined            0.225  0.200  ? 640  'X-RAY DIFFRACTION' ? 
r_nbtor_refined          0.310  0.200  ? 1062 'X-RAY DIFFRACTION' ? 
r_xyhbond_nbd_refined    0.178  0.200  ? 167  'X-RAY DIFFRACTION' ? 
r_symmetry_vdw_refined   0.211  0.200  ? 58   'X-RAY DIFFRACTION' ? 
r_symmetry_hbond_refined 0.221  0.200  ? 17   'X-RAY DIFFRACTION' ? 
r_mcbond_it              1.674  1.500  ? 998  'X-RAY DIFFRACTION' ? 
r_mcangle_it             1.924  2.000  ? 1565 'X-RAY DIFFRACTION' ? 
r_scbond_it              3.047  3.000  ? 674  'X-RAY DIFFRACTION' ? 
r_scangle_it             4.801  4.500  ? 589  'X-RAY DIFFRACTION' ? 
# 
_refine_ls_shell.pdbx_total_number_of_bins_used   20 
_refine_ls_shell.d_res_high                       2.16 
_refine_ls_shell.d_res_low                        2.212 
_refine_ls_shell.number_reflns_R_work             608 
_refine_ls_shell.R_factor_R_work                  0.174 
_refine_ls_shell.percent_reflns_obs               91.35 
_refine_ls_shell.R_factor_R_free                  0.338 
_refine_ls_shell.R_factor_R_free_error            ? 
_refine_ls_shell.percent_reflns_R_free            ? 
_refine_ls_shell.number_reflns_R_free             26 
_refine_ls_shell.number_reflns_obs                ? 
_refine_ls_shell.redundancy_reflns_obs            ? 
_refine_ls_shell.number_reflns_all                ? 
_refine_ls_shell.R_factor_all                     ? 
_refine_ls_shell.pdbx_refine_id                   'X-RAY DIFFRACTION' 
# 
_struct.entry_id                  1ZVN 
_struct.title                     'Crystal structure of chick MN-cadherin EC1' 
_struct.pdbx_model_details        ? 
_struct.pdbx_CASP_flag            ? 
_struct.pdbx_model_type_details   ? 
# 
_struct_keywords.entry_id        1ZVN 
_struct_keywords.pdbx_keywords   'CELL ADHESION' 
_struct_keywords.text            'cadherin, CELL ADHESION' 
# 
loop_
_struct_asym.id 
_struct_asym.pdbx_blank_PDB_chainid_flag 
_struct_asym.pdbx_modified 
_struct_asym.entity_id 
_struct_asym.details 
A N N 1 ? 
B N N 1 ? 
C N N 2 ? 
D N N 2 ? 
# 
_struct_ref.id                         1 
_struct_ref.db_name                    UNP 
_struct_ref.db_code                    Q7ZYV7_CHICK 
_struct_ref.pdbx_db_accession          Q7ZYV7 
_struct_ref.entity_id                  1 
_struct_ref.pdbx_align_begin           60 
_struct_ref.pdbx_seq_one_letter_code   ? 
_struct_ref.pdbx_db_isoform            ? 
# 
loop_
_struct_ref_seq.align_id 
_struct_ref_seq.ref_id 
_struct_ref_seq.pdbx_PDB_id_code 
_struct_ref_seq.pdbx_strand_id 
_struct_ref_seq.seq_align_beg 
_struct_ref_seq.pdbx_seq_align_beg_ins_code 
_struct_ref_seq.seq_align_end 
_struct_ref_seq.pdbx_seq_align_end_ins_code 
_struct_ref_seq.pdbx_db_accession 
_struct_ref_seq.db_align_beg 
_struct_ref_seq.pdbx_db_align_beg_ins_code 
_struct_ref_seq.db_align_end 
_struct_ref_seq.pdbx_db_align_end_ins_code 
_struct_ref_seq.pdbx_auth_seq_align_beg 
_struct_ref_seq.pdbx_auth_seq_align_end 
1 1 1ZVN A 3 ? 99 ? Q7ZYV7 60 ? 156 ? 2 98 
2 1 1ZVN B 3 ? 99 ? Q7ZYV7 60 ? 156 ? 2 98 
# 
loop_
_struct_ref_seq_dif.align_id 
_struct_ref_seq_dif.pdbx_pdb_id_code 
_struct_ref_seq_dif.mon_id 
_struct_ref_seq_dif.pdbx_pdb_strand_id 
_struct_ref_seq_dif.seq_num 
_struct_ref_seq_dif.pdbx_pdb_ins_code 
_struct_ref_seq_dif.pdbx_seq_db_name 
_struct_ref_seq_dif.pdbx_seq_db_accession_code 
_struct_ref_seq_dif.db_mon_id 
_struct_ref_seq_dif.pdbx_seq_db_seq_num 
_struct_ref_seq_dif.details 
_struct_ref_seq_dif.pdbx_auth_seq_num 
_struct_ref_seq_dif.pdbx_ordinal 
1 1ZVN SER A 1 ? UNP Q7ZYV7 ? ? 'cloning artifact' 0 1 
1 1ZVN GLY A 2 ? UNP Q7ZYV7 ? ? 'cloning artifact' 1 2 
2 1ZVN SER B 1 ? UNP Q7ZYV7 ? ? 'cloning artifact' 0 3 
2 1ZVN GLY B 2 ? UNP Q7ZYV7 ? ? 'cloning artifact' 1 4 
# 
_pdbx_struct_assembly.id                   1 
_pdbx_struct_assembly.details              author_and_software_defined_assembly 
_pdbx_struct_assembly.method_details       PISA 
_pdbx_struct_assembly.oligomeric_details   dimeric 
_pdbx_struct_assembly.oligomeric_count     2 
# 
loop_
_pdbx_struct_assembly_prop.biol_id 
_pdbx_struct_assembly_prop.type 
_pdbx_struct_assembly_prop.value 
_pdbx_struct_assembly_prop.details 
1 'ABSA (A^2)' 2510 ? 
1 MORE         -24  ? 
1 'SSA (A^2)'  9750 ? 
# 
_pdbx_struct_assembly_gen.assembly_id       1 
_pdbx_struct_assembly_gen.oper_expression   1 
_pdbx_struct_assembly_gen.asym_id_list      A,B,C,D 
# 
_pdbx_struct_oper_list.id                   1 
_pdbx_struct_oper_list.type                 'identity operation' 
_pdbx_struct_oper_list.name                 1_555 
_pdbx_struct_oper_list.symmetry_operation   x,y,z 
_pdbx_struct_oper_list.matrix[1][1]         1.0000000000 
_pdbx_struct_oper_list.matrix[1][2]         0.0000000000 
_pdbx_struct_oper_list.matrix[1][3]         0.0000000000 
_pdbx_struct_oper_list.vector[1]            0.0000000000 
_pdbx_struct_oper_list.matrix[2][1]         0.0000000000 
_pdbx_struct_oper_list.matrix[2][2]         1.0000000000 
_pdbx_struct_oper_list.matrix[2][3]         0.0000000000 
_pdbx_struct_oper_list.vector[2]            0.0000000000 
_pdbx_struct_oper_list.matrix[3][1]         0.0000000000 
_pdbx_struct_oper_list.matrix[3][2]         0.0000000000 
_pdbx_struct_oper_list.matrix[3][3]         1.0000000000 
_pdbx_struct_oper_list.vector[3]            0.0000000000 
# 
_struct_biol.id        1 
_struct_biol.details   ? 
# 
loop_
_struct_conf.conf_type_id 
_struct_conf.id 
_struct_conf.pdbx_PDB_helix_id 
_struct_conf.beg_label_comp_id 
_struct_conf.beg_label_asym_id 
_struct_conf.beg_label_seq_id 
_struct_conf.pdbx_beg_PDB_ins_code 
_struct_conf.end_label_comp_id 
_struct_conf.end_label_asym_id 
_struct_conf.end_label_seq_id 
_struct_conf.pdbx_end_PDB_ins_code 
_struct_conf.beg_auth_comp_id 
_struct_conf.beg_auth_asym_id 
_struct_conf.beg_auth_seq_id 
_struct_conf.end_auth_comp_id 
_struct_conf.end_auth_asym_id 
_struct_conf.end_auth_seq_id 
_struct_conf.pdbx_PDB_helix_class 
_struct_conf.details 
_struct_conf.pdbx_PDB_helix_length 
HELX_P HELX_P1 1 GLU A 13 ? THR A 15 ? GLU A 12 THR A 14 5 ? 3 
HELX_P HELX_P2 2 GLU B 13 ? THR B 15 ? GLU B 12 THR B 14 5 ? 3 
# 
_struct_conf_type.id          HELX_P 
_struct_conf_type.criteria    ? 
_struct_conf_type.reference   ? 
# 
loop_
_struct_sheet.id 
_struct_sheet.type 
_struct_sheet.number_strands 
_struct_sheet.details 
A ? 4 ? 
B ? 3 ? 
C ? 4 ? 
D ? 3 ? 
# 
loop_
_struct_sheet_order.sheet_id 
_struct_sheet_order.range_id_1 
_struct_sheet_order.range_id_2 
_struct_sheet_order.offset 
_struct_sheet_order.sense 
A 1 2 ? parallel      
A 2 3 ? anti-parallel 
A 3 4 ? anti-parallel 
B 1 2 ? anti-parallel 
B 2 3 ? anti-parallel 
C 1 2 ? parallel      
C 2 3 ? anti-parallel 
C 3 4 ? anti-parallel 
D 1 2 ? anti-parallel 
D 2 3 ? anti-parallel 
# 
loop_
_struct_sheet_range.sheet_id 
_struct_sheet_range.id 
_struct_sheet_range.beg_label_comp_id 
_struct_sheet_range.beg_label_asym_id 
_struct_sheet_range.beg_label_seq_id 
_struct_sheet_range.pdbx_beg_PDB_ins_code 
_struct_sheet_range.end_label_comp_id 
_struct_sheet_range.end_label_asym_id 
_struct_sheet_range.end_label_seq_id 
_struct_sheet_range.pdbx_end_PDB_ins_code 
_struct_sheet_range.beg_auth_comp_id 
_struct_sheet_range.beg_auth_asym_id 
_struct_sheet_range.beg_auth_seq_id 
_struct_sheet_range.end_auth_comp_id 
_struct_sheet_range.end_auth_asym_id 
_struct_sheet_range.end_auth_seq_id 
A 1 GLN A 7  ? LEU A 11 ? GLN A 6  LEU A 10 
A 2 SER A 91 ? GLN A 98 ? SER A 90 GLN A 97 
A 3 GLN A 71 ? ASP A 80 ? GLN A 70 ASP A 79 
A 4 ILE A 36 ? GLY A 42 ? ILE A 35 GLY A 41 
B 1 LEU A 20 ? LYS A 24 ? LEU A 19 LYS A 23 
B 2 ASP A 57 ? ALA A 60 ? ASP A 56 ALA A 59 
B 3 PHE A 49 ? ILE A 51 ? PHE A 48 ILE A 50 
C 1 GLN B 7  ? LEU B 11 ? GLN B 6  LEU B 10 
C 2 SER B 91 ? GLN B 98 ? SER B 90 GLN B 97 
C 3 GLN B 71 ? ASP B 80 ? GLN B 70 ASP B 79 
C 4 ILE B 36 ? GLY B 42 ? ILE B 35 GLY B 41 
D 1 LEU B 20 ? LYS B 24 ? LEU B 19 LYS B 23 
D 2 ASP B 57 ? ALA B 60 ? ASP B 56 ALA B 59 
D 3 PHE B 49 ? ILE B 51 ? PHE B 48 ILE B 50 
# 
loop_
_pdbx_struct_sheet_hbond.sheet_id 
_pdbx_struct_sheet_hbond.range_id_1 
_pdbx_struct_sheet_hbond.range_id_2 
_pdbx_struct_sheet_hbond.range_1_label_atom_id 
_pdbx_struct_sheet_hbond.range_1_label_comp_id 
_pdbx_struct_sheet_hbond.range_1_label_asym_id 
_pdbx_struct_sheet_hbond.range_1_label_seq_id 
_pdbx_struct_sheet_hbond.range_1_PDB_ins_code 
_pdbx_struct_sheet_hbond.range_1_auth_atom_id 
_pdbx_struct_sheet_hbond.range_1_auth_comp_id 
_pdbx_struct_sheet_hbond.range_1_auth_asym_id 
_pdbx_struct_sheet_hbond.range_1_auth_seq_id 
_pdbx_struct_sheet_hbond.range_2_label_atom_id 
_pdbx_struct_sheet_hbond.range_2_label_comp_id 
_pdbx_struct_sheet_hbond.range_2_label_asym_id 
_pdbx_struct_sheet_hbond.range_2_label_seq_id 
_pdbx_struct_sheet_hbond.range_2_PDB_ins_code 
_pdbx_struct_sheet_hbond.range_2_auth_atom_id 
_pdbx_struct_sheet_hbond.range_2_auth_comp_id 
_pdbx_struct_sheet_hbond.range_2_auth_asym_id 
_pdbx_struct_sheet_hbond.range_2_auth_seq_id 
A 1 2 N PHE A 8  ? N PHE A 7  O LYS A 96 ? O LYS A 95 
A 2 3 O SER A 91 ? O SER A 90 N ALA A 76 ? N ALA A 75 
A 3 4 O LEU A 79 ? O LEU A 78 N LYS A 37 ? N LYS A 36 
B 1 2 N VAL A 22 ? N VAL A 21 O ILE A 58 ? O ILE A 57 
B 2 3 O HIS A 59 ? O HIS A 58 N THR A 50 ? N THR A 49 
C 1 2 N PHE B 8  ? N PHE B 7  O LYS B 96 ? O LYS B 95 
C 2 3 O SER B 91 ? O SER B 90 N ALA B 76 ? N ALA B 75 
C 3 4 O LEU B 79 ? O LEU B 78 N LYS B 37 ? N LYS B 36 
D 1 2 N GLY B 23 ? N GLY B 22 O ILE B 58 ? O ILE B 57 
D 2 3 O HIS B 59 ? O HIS B 58 N THR B 50 ? N THR B 49 
# 
_pdbx_validate_rmsd_bond.id                        1 
_pdbx_validate_rmsd_bond.PDB_model_num             1 
_pdbx_validate_rmsd_bond.auth_atom_id_1            C 
_pdbx_validate_rmsd_bond.auth_asym_id_1            A 
_pdbx_validate_rmsd_bond.auth_comp_id_1            ASP 
_pdbx_validate_rmsd_bond.auth_seq_id_1             98 
_pdbx_validate_rmsd_bond.PDB_ins_code_1            ? 
_pdbx_validate_rmsd_bond.label_alt_id_1            ? 
_pdbx_validate_rmsd_bond.auth_atom_id_2            O 
_pdbx_validate_rmsd_bond.auth_asym_id_2            A 
_pdbx_validate_rmsd_bond.auth_comp_id_2            ASP 
_pdbx_validate_rmsd_bond.auth_seq_id_2             98 
_pdbx_validate_rmsd_bond.PDB_ins_code_2            ? 
_pdbx_validate_rmsd_bond.label_alt_id_2            ? 
_pdbx_validate_rmsd_bond.bond_value                1.354 
_pdbx_validate_rmsd_bond.bond_target_value         1.229 
_pdbx_validate_rmsd_bond.bond_deviation            0.125 
_pdbx_validate_rmsd_bond.bond_standard_deviation   0.019 
_pdbx_validate_rmsd_bond.linker_flag               N 
# 
loop_
_pdbx_validate_rmsd_angle.id 
_pdbx_validate_rmsd_angle.PDB_model_num 
_pdbx_validate_rmsd_angle.auth_atom_id_1 
_pdbx_validate_rmsd_angle.auth_asym_id_1 
_pdbx_validate_rmsd_angle.auth_comp_id_1 
_pdbx_validate_rmsd_angle.auth_seq_id_1 
_pdbx_validate_rmsd_angle.PDB_ins_code_1 
_pdbx_validate_rmsd_angle.label_alt_id_1 
_pdbx_validate_rmsd_angle.auth_atom_id_2 
_pdbx_validate_rmsd_angle.auth_asym_id_2 
_pdbx_validate_rmsd_angle.auth_comp_id_2 
_pdbx_validate_rmsd_angle.auth_seq_id_2 
_pdbx_validate_rmsd_angle.PDB_ins_code_2 
_pdbx_validate_rmsd_angle.label_alt_id_2 
_pdbx_validate_rmsd_angle.auth_atom_id_3 
_pdbx_validate_rmsd_angle.auth_asym_id_3 
_pdbx_validate_rmsd_angle.auth_comp_id_3 
_pdbx_validate_rmsd_angle.auth_seq_id_3 
_pdbx_validate_rmsd_angle.PDB_ins_code_3 
_pdbx_validate_rmsd_angle.label_alt_id_3 
_pdbx_validate_rmsd_angle.angle_value 
_pdbx_validate_rmsd_angle.angle_target_value 
_pdbx_validate_rmsd_angle.angle_deviation 
_pdbx_validate_rmsd_angle.angle_standard_deviation 
_pdbx_validate_rmsd_angle.linker_flag 
1 1 CB A ASP 52 ? ? CG A ASP 52 ? ? OD2 A ASP 52 ? ? 123.88 118.30 5.58  0.90 N 
2 1 CA A ASP 98 ? ? C  A ASP 98 ? ? O   A ASP 98 ? ? 146.65 120.10 26.55 2.10 N 
3 1 NE B ARG 80 ? ? CZ B ARG 80 ? ? NH2 B ARG 80 ? ? 116.79 120.30 -3.51 0.50 N 
# 
_pdbx_validate_torsion.id              1 
_pdbx_validate_torsion.PDB_model_num   1 
_pdbx_validate_torsion.auth_comp_id    ARG 
_pdbx_validate_torsion.auth_asym_id    A 
_pdbx_validate_torsion.auth_seq_id     68 
_pdbx_validate_torsion.PDB_ins_code    ? 
_pdbx_validate_torsion.label_alt_id    ? 
_pdbx_validate_torsion.phi             -166.03 
_pdbx_validate_torsion.psi             119.78 
# 
_pdbx_refine_tls.id               1 
_pdbx_refine_tls.details          ? 
_pdbx_refine_tls.method           refined 
_pdbx_refine_tls.origin_x         0.1263 
_pdbx_refine_tls.origin_y         -0.0072 
_pdbx_refine_tls.origin_z         0.3274 
_pdbx_refine_tls.T[1][1]          -0.0352 
_pdbx_refine_tls.T[2][2]          -0.0348 
_pdbx_refine_tls.T[3][3]          -0.0208 
_pdbx_refine_tls.T[1][2]          -0.0094 
_pdbx_refine_tls.T[1][3]          -0.0019 
_pdbx_refine_tls.T[2][3]          0.0083 
_pdbx_refine_tls.L[1][1]          0.2954 
_pdbx_refine_tls.L[2][2]          0.8645 
_pdbx_refine_tls.L[3][3]          0.8376 
_pdbx_refine_tls.L[1][2]          0.1111 
_pdbx_refine_tls.L[1][3]          0.1575 
_pdbx_refine_tls.L[2][3]          0.0393 
_pdbx_refine_tls.S[1][1]          -0.0036 
_pdbx_refine_tls.S[1][2]          -0.0371 
_pdbx_refine_tls.S[1][3]          0.0123 
_pdbx_refine_tls.S[2][1]          0.0347 
_pdbx_refine_tls.S[2][2]          0.0022 
_pdbx_refine_tls.S[2][3]          -0.0100 
_pdbx_refine_tls.S[3][1]          0.0717 
_pdbx_refine_tls.S[3][2]          0.0024 
_pdbx_refine_tls.S[3][3]          0.0015 
_pdbx_refine_tls.pdbx_refine_id   'X-RAY DIFFRACTION' 
# 
_pdbx_refine_tls_group.id                  1 
_pdbx_refine_tls_group.refine_tls_id       1 
_pdbx_refine_tls_group.beg_auth_asym_id    A 
_pdbx_refine_tls_group.beg_auth_seq_id     99 
_pdbx_refine_tls_group.beg_label_asym_id   C 
_pdbx_refine_tls_group.beg_label_seq_id    ? 
_pdbx_refine_tls_group.end_auth_asym_id    A 
_pdbx_refine_tls_group.end_auth_seq_id     152 
_pdbx_refine_tls_group.end_label_asym_id   C 
_pdbx_refine_tls_group.end_label_seq_id    ? 
_pdbx_refine_tls_group.selection           ? 
_pdbx_refine_tls_group.pdbx_refine_id      'X-RAY DIFFRACTION' 
_pdbx_refine_tls_group.selection_details   ? 
# 
loop_
_chem_comp_atom.comp_id 
_chem_comp_atom.atom_id 
_chem_comp_atom.type_symbol 
_chem_comp_atom.pdbx_aromatic_flag 
_chem_comp_atom.pdbx_stereo_config 
_chem_comp_atom.pdbx_ordinal 
ALA N    N N N 1   
ALA CA   C N S 2   
ALA C    C N N 3   
ALA O    O N N 4   
ALA CB   C N N 5   
ALA OXT  O N N 6   
ALA H    H N N 7   
ALA H2   H N N 8   
ALA HA   H N N 9   
ALA HB1  H N N 10  
ALA HB2  H N N 11  
ALA HB3  H N N 12  
ALA HXT  H N N 13  
ARG N    N N N 14  
ARG CA   C N S 15  
ARG C    C N N 16  
ARG O    O N N 17  
ARG CB   C N N 18  
ARG CG   C N N 19  
ARG CD   C N N 20  
ARG NE   N N N 21  
ARG CZ   C N N 22  
ARG NH1  N N N 23  
ARG NH2  N N N 24  
ARG OXT  O N N 25  
ARG H    H N N 26  
ARG H2   H N N 27  
ARG HA   H N N 28  
ARG HB2  H N N 29  
ARG HB3  H N N 30  
ARG HG2  H N N 31  
ARG HG3  H N N 32  
ARG HD2  H N N 33  
ARG HD3  H N N 34  
ARG HE   H N N 35  
ARG HH11 H N N 36  
ARG HH12 H N N 37  
ARG HH21 H N N 38  
ARG HH22 H N N 39  
ARG HXT  H N N 40  
ASN N    N N N 41  
ASN CA   C N S 42  
ASN C    C N N 43  
ASN O    O N N 44  
ASN CB   C N N 45  
ASN CG   C N N 46  
ASN OD1  O N N 47  
ASN ND2  N N N 48  
ASN OXT  O N N 49  
ASN H    H N N 50  
ASN H2   H N N 51  
ASN HA   H N N 52  
ASN HB2  H N N 53  
ASN HB3  H N N 54  
ASN HD21 H N N 55  
ASN HD22 H N N 56  
ASN HXT  H N N 57  
ASP N    N N N 58  
ASP CA   C N S 59  
ASP C    C N N 60  
ASP O    O N N 61  
ASP CB   C N N 62  
ASP CG   C N N 63  
ASP OD1  O N N 64  
ASP OD2  O N N 65  
ASP OXT  O N N 66  
ASP H    H N N 67  
ASP H2   H N N 68  
ASP HA   H N N 69  
ASP HB2  H N N 70  
ASP HB3  H N N 71  
ASP HD2  H N N 72  
ASP HXT  H N N 73  
GLN N    N N N 74  
GLN CA   C N S 75  
GLN C    C N N 76  
GLN O    O N N 77  
GLN CB   C N N 78  
GLN CG   C N N 79  
GLN CD   C N N 80  
GLN OE1  O N N 81  
GLN NE2  N N N 82  
GLN OXT  O N N 83  
GLN H    H N N 84  
GLN H2   H N N 85  
GLN HA   H N N 86  
GLN HB2  H N N 87  
GLN HB3  H N N 88  
GLN HG2  H N N 89  
GLN HG3  H N N 90  
GLN HE21 H N N 91  
GLN HE22 H N N 92  
GLN HXT  H N N 93  
GLU N    N N N 94  
GLU CA   C N S 95  
GLU C    C N N 96  
GLU O    O N N 97  
GLU CB   C N N 98  
GLU CG   C N N 99  
GLU CD   C N N 100 
GLU OE1  O N N 101 
GLU OE2  O N N 102 
GLU OXT  O N N 103 
GLU H    H N N 104 
GLU H2   H N N 105 
GLU HA   H N N 106 
GLU HB2  H N N 107 
GLU HB3  H N N 108 
GLU HG2  H N N 109 
GLU HG3  H N N 110 
GLU HE2  H N N 111 
GLU HXT  H N N 112 
GLY N    N N N 113 
GLY CA   C N N 114 
GLY C    C N N 115 
GLY O    O N N 116 
GLY OXT  O N N 117 
GLY H    H N N 118 
GLY H2   H N N 119 
GLY HA2  H N N 120 
GLY HA3  H N N 121 
GLY HXT  H N N 122 
HIS N    N N N 123 
HIS CA   C N S 124 
HIS C    C N N 125 
HIS O    O N N 126 
HIS CB   C N N 127 
HIS CG   C Y N 128 
HIS ND1  N Y N 129 
HIS CD2  C Y N 130 
HIS CE1  C Y N 131 
HIS NE2  N Y N 132 
HIS OXT  O N N 133 
HIS H    H N N 134 
HIS H2   H N N 135 
HIS HA   H N N 136 
HIS HB2  H N N 137 
HIS HB3  H N N 138 
HIS HD1  H N N 139 
HIS HD2  H N N 140 
HIS HE1  H N N 141 
HIS HE2  H N N 142 
HIS HXT  H N N 143 
HOH O    O N N 144 
HOH H1   H N N 145 
HOH H2   H N N 146 
ILE N    N N N 147 
ILE CA   C N S 148 
ILE C    C N N 149 
ILE O    O N N 150 
ILE CB   C N S 151 
ILE CG1  C N N 152 
ILE CG2  C N N 153 
ILE CD1  C N N 154 
ILE OXT  O N N 155 
ILE H    H N N 156 
ILE H2   H N N 157 
ILE HA   H N N 158 
ILE HB   H N N 159 
ILE HG12 H N N 160 
ILE HG13 H N N 161 
ILE HG21 H N N 162 
ILE HG22 H N N 163 
ILE HG23 H N N 164 
ILE HD11 H N N 165 
ILE HD12 H N N 166 
ILE HD13 H N N 167 
ILE HXT  H N N 168 
LEU N    N N N 169 
LEU CA   C N S 170 
LEU C    C N N 171 
LEU O    O N N 172 
LEU CB   C N N 173 
LEU CG   C N N 174 
LEU CD1  C N N 175 
LEU CD2  C N N 176 
LEU OXT  O N N 177 
LEU H    H N N 178 
LEU H2   H N N 179 
LEU HA   H N N 180 
LEU HB2  H N N 181 
LEU HB3  H N N 182 
LEU HG   H N N 183 
LEU HD11 H N N 184 
LEU HD12 H N N 185 
LEU HD13 H N N 186 
LEU HD21 H N N 187 
LEU HD22 H N N 188 
LEU HD23 H N N 189 
LEU HXT  H N N 190 
LYS N    N N N 191 
LYS CA   C N S 192 
LYS C    C N N 193 
LYS O    O N N 194 
LYS CB   C N N 195 
LYS CG   C N N 196 
LYS CD   C N N 197 
LYS CE   C N N 198 
LYS NZ   N N N 199 
LYS OXT  O N N 200 
LYS H    H N N 201 
LYS H2   H N N 202 
LYS HA   H N N 203 
LYS HB2  H N N 204 
LYS HB3  H N N 205 
LYS HG2  H N N 206 
LYS HG3  H N N 207 
LYS HD2  H N N 208 
LYS HD3  H N N 209 
LYS HE2  H N N 210 
LYS HE3  H N N 211 
LYS HZ1  H N N 212 
LYS HZ2  H N N 213 
LYS HZ3  H N N 214 
LYS HXT  H N N 215 
MET N    N N N 216 
MET CA   C N S 217 
MET C    C N N 218 
MET O    O N N 219 
MET CB   C N N 220 
MET CG   C N N 221 
MET SD   S N N 222 
MET CE   C N N 223 
MET OXT  O N N 224 
MET H    H N N 225 
MET H2   H N N 226 
MET HA   H N N 227 
MET HB2  H N N 228 
MET HB3  H N N 229 
MET HG2  H N N 230 
MET HG3  H N N 231 
MET HE1  H N N 232 
MET HE2  H N N 233 
MET HE3  H N N 234 
MET HXT  H N N 235 
PHE N    N N N 236 
PHE CA   C N S 237 
PHE C    C N N 238 
PHE O    O N N 239 
PHE CB   C N N 240 
PHE CG   C Y N 241 
PHE CD1  C Y N 242 
PHE CD2  C Y N 243 
PHE CE1  C Y N 244 
PHE CE2  C Y N 245 
PHE CZ   C Y N 246 
PHE OXT  O N N 247 
PHE H    H N N 248 
PHE H2   H N N 249 
PHE HA   H N N 250 
PHE HB2  H N N 251 
PHE HB3  H N N 252 
PHE HD1  H N N 253 
PHE HD2  H N N 254 
PHE HE1  H N N 255 
PHE HE2  H N N 256 
PHE HZ   H N N 257 
PHE HXT  H N N 258 
PRO N    N N N 259 
PRO CA   C N S 260 
PRO C    C N N 261 
PRO O    O N N 262 
PRO CB   C N N 263 
PRO CG   C N N 264 
PRO CD   C N N 265 
PRO OXT  O N N 266 
PRO H    H N N 267 
PRO HA   H N N 268 
PRO HB2  H N N 269 
PRO HB3  H N N 270 
PRO HG2  H N N 271 
PRO HG3  H N N 272 
PRO HD2  H N N 273 
PRO HD3  H N N 274 
PRO HXT  H N N 275 
SER N    N N N 276 
SER CA   C N S 277 
SER C    C N N 278 
SER O    O N N 279 
SER CB   C N N 280 
SER OG   O N N 281 
SER OXT  O N N 282 
SER H    H N N 283 
SER H2   H N N 284 
SER HA   H N N 285 
SER HB2  H N N 286 
SER HB3  H N N 287 
SER HG   H N N 288 
SER HXT  H N N 289 
THR N    N N N 290 
THR CA   C N S 291 
THR C    C N N 292 
THR O    O N N 293 
THR CB   C N R 294 
THR OG1  O N N 295 
THR CG2  C N N 296 
THR OXT  O N N 297 
THR H    H N N 298 
THR H2   H N N 299 
THR HA   H N N 300 
THR HB   H N N 301 
THR HG1  H N N 302 
THR HG21 H N N 303 
THR HG22 H N N 304 
THR HG23 H N N 305 
THR HXT  H N N 306 
TRP N    N N N 307 
TRP CA   C N S 308 
TRP C    C N N 309 
TRP O    O N N 310 
TRP CB   C N N 311 
TRP CG   C Y N 312 
TRP CD1  C Y N 313 
TRP CD2  C Y N 314 
TRP NE1  N Y N 315 
TRP CE2  C Y N 316 
TRP CE3  C Y N 317 
TRP CZ2  C Y N 318 
TRP CZ3  C Y N 319 
TRP CH2  C Y N 320 
TRP OXT  O N N 321 
TRP H    H N N 322 
TRP H2   H N N 323 
TRP HA   H N N 324 
TRP HB2  H N N 325 
TRP HB3  H N N 326 
TRP HD1  H N N 327 
TRP HE1  H N N 328 
TRP HE3  H N N 329 
TRP HZ2  H N N 330 
TRP HZ3  H N N 331 
TRP HH2  H N N 332 
TRP HXT  H N N 333 
TYR N    N N N 334 
TYR CA   C N S 335 
TYR C    C N N 336 
TYR O    O N N 337 
TYR CB   C N N 338 
TYR CG   C Y N 339 
TYR CD1  C Y N 340 
TYR CD2  C Y N 341 
TYR CE1  C Y N 342 
TYR CE2  C Y N 343 
TYR CZ   C Y N 344 
TYR OH   O N N 345 
TYR OXT  O N N 346 
TYR H    H N N 347 
TYR H2   H N N 348 
TYR HA   H N N 349 
TYR HB2  H N N 350 
TYR HB3  H N N 351 
TYR HD1  H N N 352 
TYR HD2  H N N 353 
TYR HE1  H N N 354 
TYR HE2  H N N 355 
TYR HH   H N N 356 
TYR HXT  H N N 357 
VAL N    N N N 358 
VAL CA   C N S 359 
VAL C    C N N 360 
VAL O    O N N 361 
VAL CB   C N N 362 
VAL CG1  C N N 363 
VAL CG2  C N N 364 
VAL OXT  O N N 365 
VAL H    H N N 366 
VAL H2   H N N 367 
VAL HA   H N N 368 
VAL HB   H N N 369 
VAL HG11 H N N 370 
VAL HG12 H N N 371 
VAL HG13 H N N 372 
VAL HG21 H N N 373 
VAL HG22 H N N 374 
VAL HG23 H N N 375 
VAL HXT  H N N 376 
# 
loop_
_chem_comp_bond.comp_id 
_chem_comp_bond.atom_id_1 
_chem_comp_bond.atom_id_2 
_chem_comp_bond.value_order 
_chem_comp_bond.pdbx_aromatic_flag 
_chem_comp_bond.pdbx_stereo_config 
_chem_comp_bond.pdbx_ordinal 
ALA N   CA   sing N N 1   
ALA N   H    sing N N 2   
ALA N   H2   sing N N 3   
ALA CA  C    sing N N 4   
ALA CA  CB   sing N N 5   
ALA CA  HA   sing N N 6   
ALA C   O    doub N N 7   
ALA C   OXT  sing N N 8   
ALA CB  HB1  sing N N 9   
ALA CB  HB2  sing N N 10  
ALA CB  HB3  sing N N 11  
ALA OXT HXT  sing N N 12  
ARG N   CA   sing N N 13  
ARG N   H    sing N N 14  
ARG N   H2   sing N N 15  
ARG CA  C    sing N N 16  
ARG CA  CB   sing N N 17  
ARG CA  HA   sing N N 18  
ARG C   O    doub N N 19  
ARG C   OXT  sing N N 20  
ARG CB  CG   sing N N 21  
ARG CB  HB2  sing N N 22  
ARG CB  HB3  sing N N 23  
ARG CG  CD   sing N N 24  
ARG CG  HG2  sing N N 25  
ARG CG  HG3  sing N N 26  
ARG CD  NE   sing N N 27  
ARG CD  HD2  sing N N 28  
ARG CD  HD3  sing N N 29  
ARG NE  CZ   sing N N 30  
ARG NE  HE   sing N N 31  
ARG CZ  NH1  sing N N 32  
ARG CZ  NH2  doub N N 33  
ARG NH1 HH11 sing N N 34  
ARG NH1 HH12 sing N N 35  
ARG NH2 HH21 sing N N 36  
ARG NH2 HH22 sing N N 37  
ARG OXT HXT  sing N N 38  
ASN N   CA   sing N N 39  
ASN N   H    sing N N 40  
ASN N   H2   sing N N 41  
ASN CA  C    sing N N 42  
ASN CA  CB   sing N N 43  
ASN CA  HA   sing N N 44  
ASN C   O    doub N N 45  
ASN C   OXT  sing N N 46  
ASN CB  CG   sing N N 47  
ASN CB  HB2  sing N N 48  
ASN CB  HB3  sing N N 49  
ASN CG  OD1  doub N N 50  
ASN CG  ND2  sing N N 51  
ASN ND2 HD21 sing N N 52  
ASN ND2 HD22 sing N N 53  
ASN OXT HXT  sing N N 54  
ASP N   CA   sing N N 55  
ASP N   H    sing N N 56  
ASP N   H2   sing N N 57  
ASP CA  C    sing N N 58  
ASP CA  CB   sing N N 59  
ASP CA  HA   sing N N 60  
ASP C   O    doub N N 61  
ASP C   OXT  sing N N 62  
ASP CB  CG   sing N N 63  
ASP CB  HB2  sing N N 64  
ASP CB  HB3  sing N N 65  
ASP CG  OD1  doub N N 66  
ASP CG  OD2  sing N N 67  
ASP OD2 HD2  sing N N 68  
ASP OXT HXT  sing N N 69  
GLN N   CA   sing N N 70  
GLN N   H    sing N N 71  
GLN N   H2   sing N N 72  
GLN CA  C    sing N N 73  
GLN CA  CB   sing N N 74  
GLN CA  HA   sing N N 75  
GLN C   O    doub N N 76  
GLN C   OXT  sing N N 77  
GLN CB  CG   sing N N 78  
GLN CB  HB2  sing N N 79  
GLN CB  HB3  sing N N 80  
GLN CG  CD   sing N N 81  
GLN CG  HG2  sing N N 82  
GLN CG  HG3  sing N N 83  
GLN CD  OE1  doub N N 84  
GLN CD  NE2  sing N N 85  
GLN NE2 HE21 sing N N 86  
GLN NE2 HE22 sing N N 87  
GLN OXT HXT  sing N N 88  
GLU N   CA   sing N N 89  
GLU N   H    sing N N 90  
GLU N   H2   sing N N 91  
GLU CA  C    sing N N 92  
GLU CA  CB   sing N N 93  
GLU CA  HA   sing N N 94  
GLU C   O    doub N N 95  
GLU C   OXT  sing N N 96  
GLU CB  CG   sing N N 97  
GLU CB  HB2  sing N N 98  
GLU CB  HB3  sing N N 99  
GLU CG  CD   sing N N 100 
GLU CG  HG2  sing N N 101 
GLU CG  HG3  sing N N 102 
GLU CD  OE1  doub N N 103 
GLU CD  OE2  sing N N 104 
GLU OE2 HE2  sing N N 105 
GLU OXT HXT  sing N N 106 
GLY N   CA   sing N N 107 
GLY N   H    sing N N 108 
GLY N   H2   sing N N 109 
GLY CA  C    sing N N 110 
GLY CA  HA2  sing N N 111 
GLY CA  HA3  sing N N 112 
GLY C   O    doub N N 113 
GLY C   OXT  sing N N 114 
GLY OXT HXT  sing N N 115 
HIS N   CA   sing N N 116 
HIS N   H    sing N N 117 
HIS N   H2   sing N N 118 
HIS CA  C    sing N N 119 
HIS CA  CB   sing N N 120 
HIS CA  HA   sing N N 121 
HIS C   O    doub N N 122 
HIS C   OXT  sing N N 123 
HIS CB  CG   sing N N 124 
HIS CB  HB2  sing N N 125 
HIS CB  HB3  sing N N 126 
HIS CG  ND1  sing Y N 127 
HIS CG  CD2  doub Y N 128 
HIS ND1 CE1  doub Y N 129 
HIS ND1 HD1  sing N N 130 
HIS CD2 NE2  sing Y N 131 
HIS CD2 HD2  sing N N 132 
HIS CE1 NE2  sing Y N 133 
HIS CE1 HE1  sing N N 134 
HIS NE2 HE2  sing N N 135 
HIS OXT HXT  sing N N 136 
HOH O   H1   sing N N 137 
HOH O   H2   sing N N 138 
ILE N   CA   sing N N 139 
ILE N   H    sing N N 140 
ILE N   H2   sing N N 141 
ILE CA  C    sing N N 142 
ILE CA  CB   sing N N 143 
ILE CA  HA   sing N N 144 
ILE C   O    doub N N 145 
ILE C   OXT  sing N N 146 
ILE CB  CG1  sing N N 147 
ILE CB  CG2  sing N N 148 
ILE CB  HB   sing N N 149 
ILE CG1 CD1  sing N N 150 
ILE CG1 HG12 sing N N 151 
ILE CG1 HG13 sing N N 152 
ILE CG2 HG21 sing N N 153 
ILE CG2 HG22 sing N N 154 
ILE CG2 HG23 sing N N 155 
ILE CD1 HD11 sing N N 156 
ILE CD1 HD12 sing N N 157 
ILE CD1 HD13 sing N N 158 
ILE OXT HXT  sing N N 159 
LEU N   CA   sing N N 160 
LEU N   H    sing N N 161 
LEU N   H2   sing N N 162 
LEU CA  C    sing N N 163 
LEU CA  CB   sing N N 164 
LEU CA  HA   sing N N 165 
LEU C   O    doub N N 166 
LEU C   OXT  sing N N 167 
LEU CB  CG   sing N N 168 
LEU CB  HB2  sing N N 169 
LEU CB  HB3  sing N N 170 
LEU CG  CD1  sing N N 171 
LEU CG  CD2  sing N N 172 
LEU CG  HG   sing N N 173 
LEU CD1 HD11 sing N N 174 
LEU CD1 HD12 sing N N 175 
LEU CD1 HD13 sing N N 176 
LEU CD2 HD21 sing N N 177 
LEU CD2 HD22 sing N N 178 
LEU CD2 HD23 sing N N 179 
LEU OXT HXT  sing N N 180 
LYS N   CA   sing N N 181 
LYS N   H    sing N N 182 
LYS N   H2   sing N N 183 
LYS CA  C    sing N N 184 
LYS CA  CB   sing N N 185 
LYS CA  HA   sing N N 186 
LYS C   O    doub N N 187 
LYS C   OXT  sing N N 188 
LYS CB  CG   sing N N 189 
LYS CB  HB2  sing N N 190 
LYS CB  HB3  sing N N 191 
LYS CG  CD   sing N N 192 
LYS CG  HG2  sing N N 193 
LYS CG  HG3  sing N N 194 
LYS CD  CE   sing N N 195 
LYS CD  HD2  sing N N 196 
LYS CD  HD3  sing N N 197 
LYS CE  NZ   sing N N 198 
LYS CE  HE2  sing N N 199 
LYS CE  HE3  sing N N 200 
LYS NZ  HZ1  sing N N 201 
LYS NZ  HZ2  sing N N 202 
LYS NZ  HZ3  sing N N 203 
LYS OXT HXT  sing N N 204 
MET N   CA   sing N N 205 
MET N   H    sing N N 206 
MET N   H2   sing N N 207 
MET CA  C    sing N N 208 
MET CA  CB   sing N N 209 
MET CA  HA   sing N N 210 
MET C   O    doub N N 211 
MET C   OXT  sing N N 212 
MET CB  CG   sing N N 213 
MET CB  HB2  sing N N 214 
MET CB  HB3  sing N N 215 
MET CG  SD   sing N N 216 
MET CG  HG2  sing N N 217 
MET CG  HG3  sing N N 218 
MET SD  CE   sing N N 219 
MET CE  HE1  sing N N 220 
MET CE  HE2  sing N N 221 
MET CE  HE3  sing N N 222 
MET OXT HXT  sing N N 223 
PHE N   CA   sing N N 224 
PHE N   H    sing N N 225 
PHE N   H2   sing N N 226 
PHE CA  C    sing N N 227 
PHE CA  CB   sing N N 228 
PHE CA  HA   sing N N 229 
PHE C   O    doub N N 230 
PHE C   OXT  sing N N 231 
PHE CB  CG   sing N N 232 
PHE CB  HB2  sing N N 233 
PHE CB  HB3  sing N N 234 
PHE CG  CD1  doub Y N 235 
PHE CG  CD2  sing Y N 236 
PHE CD1 CE1  sing Y N 237 
PHE CD1 HD1  sing N N 238 
PHE CD2 CE2  doub Y N 239 
PHE CD2 HD2  sing N N 240 
PHE CE1 CZ   doub Y N 241 
PHE CE1 HE1  sing N N 242 
PHE CE2 CZ   sing Y N 243 
PHE CE2 HE2  sing N N 244 
PHE CZ  HZ   sing N N 245 
PHE OXT HXT  sing N N 246 
PRO N   CA   sing N N 247 
PRO N   CD   sing N N 248 
PRO N   H    sing N N 249 
PRO CA  C    sing N N 250 
PRO CA  CB   sing N N 251 
PRO CA  HA   sing N N 252 
PRO C   O    doub N N 253 
PRO C   OXT  sing N N 254 
PRO CB  CG   sing N N 255 
PRO CB  HB2  sing N N 256 
PRO CB  HB3  sing N N 257 
PRO CG  CD   sing N N 258 
PRO CG  HG2  sing N N 259 
PRO CG  HG3  sing N N 260 
PRO CD  HD2  sing N N 261 
PRO CD  HD3  sing N N 262 
PRO OXT HXT  sing N N 263 
SER N   CA   sing N N 264 
SER N   H    sing N N 265 
SER N   H2   sing N N 266 
SER CA  C    sing N N 267 
SER CA  CB   sing N N 268 
SER CA  HA   sing N N 269 
SER C   O    doub N N 270 
SER C   OXT  sing N N 271 
SER CB  OG   sing N N 272 
SER CB  HB2  sing N N 273 
SER CB  HB3  sing N N 274 
SER OG  HG   sing N N 275 
SER OXT HXT  sing N N 276 
THR N   CA   sing N N 277 
THR N   H    sing N N 278 
THR N   H2   sing N N 279 
THR CA  C    sing N N 280 
THR CA  CB   sing N N 281 
THR CA  HA   sing N N 282 
THR C   O    doub N N 283 
THR C   OXT  sing N N 284 
THR CB  OG1  sing N N 285 
THR CB  CG2  sing N N 286 
THR CB  HB   sing N N 287 
THR OG1 HG1  sing N N 288 
THR CG2 HG21 sing N N 289 
THR CG2 HG22 sing N N 290 
THR CG2 HG23 sing N N 291 
THR OXT HXT  sing N N 292 
TRP N   CA   sing N N 293 
TRP N   H    sing N N 294 
TRP N   H2   sing N N 295 
TRP CA  C    sing N N 296 
TRP CA  CB   sing N N 297 
TRP CA  HA   sing N N 298 
TRP C   O    doub N N 299 
TRP C   OXT  sing N N 300 
TRP CB  CG   sing N N 301 
TRP CB  HB2  sing N N 302 
TRP CB  HB3  sing N N 303 
TRP CG  CD1  doub Y N 304 
TRP CG  CD2  sing Y N 305 
TRP CD1 NE1  sing Y N 306 
TRP CD1 HD1  sing N N 307 
TRP CD2 CE2  doub Y N 308 
TRP CD2 CE3  sing Y N 309 
TRP NE1 CE2  sing Y N 310 
TRP NE1 HE1  sing N N 311 
TRP CE2 CZ2  sing Y N 312 
TRP CE3 CZ3  doub Y N 313 
TRP CE3 HE3  sing N N 314 
TRP CZ2 CH2  doub Y N 315 
TRP CZ2 HZ2  sing N N 316 
TRP CZ3 CH2  sing Y N 317 
TRP CZ3 HZ3  sing N N 318 
TRP CH2 HH2  sing N N 319 
TRP OXT HXT  sing N N 320 
TYR N   CA   sing N N 321 
TYR N   H    sing N N 322 
TYR N   H2   sing N N 323 
TYR CA  C    sing N N 324 
TYR CA  CB   sing N N 325 
TYR CA  HA   sing N N 326 
TYR C   O    doub N N 327 
TYR C   OXT  sing N N 328 
TYR CB  CG   sing N N 329 
TYR CB  HB2  sing N N 330 
TYR CB  HB3  sing N N 331 
TYR CG  CD1  doub Y N 332 
TYR CG  CD2  sing Y N 333 
TYR CD1 CE1  sing Y N 334 
TYR CD1 HD1  sing N N 335 
TYR CD2 CE2  doub Y N 336 
TYR CD2 HD2  sing N N 337 
TYR CE1 CZ   doub Y N 338 
TYR CE1 HE1  sing N N 339 
TYR CE2 CZ   sing Y N 340 
TYR CE2 HE2  sing N N 341 
TYR CZ  OH   sing N N 342 
TYR OH  HH   sing N N 343 
TYR OXT HXT  sing N N 344 
VAL N   CA   sing N N 345 
VAL N   H    sing N N 346 
VAL N   H2   sing N N 347 
VAL CA  C    sing N N 348 
VAL CA  CB   sing N N 349 
VAL CA  HA   sing N N 350 
VAL C   O    doub N N 351 
VAL C   OXT  sing N N 352 
VAL CB  CG1  sing N N 353 
VAL CB  CG2  sing N N 354 
VAL CB  HB   sing N N 355 
VAL CG1 HG11 sing N N 356 
VAL CG1 HG12 sing N N 357 
VAL CG1 HG13 sing N N 358 
VAL CG2 HG21 sing N N 359 
VAL CG2 HG22 sing N N 360 
VAL CG2 HG23 sing N N 361 
VAL OXT HXT  sing N N 362 
# 
_atom_sites.entry_id                    1ZVN 
_atom_sites.fract_transf_matrix[1][1]   -0.02855836 
_atom_sites.fract_transf_matrix[1][2]   -0.01215305 
_atom_sites.fract_transf_matrix[1][3]   0.00213682 
_atom_sites.fract_transf_matrix[2][1]   0.00482493 
_atom_sites.fract_transf_matrix[2][2]   -0.01185427 
_atom_sites.fract_transf_matrix[2][3]   -0.00293588 
_atom_sites.fract_transf_matrix[3][1]   0.00142025 
_atom_sites.fract_transf_matrix[3][2]   -0.00596539 
_atom_sites.fract_transf_matrix[3][3]   0.02642071 
_atom_sites.fract_transf_vector[1]      1.357849 
_atom_sites.fract_transf_vector[2]      0.303645 
_atom_sites.fract_transf_vector[3]      0.872977 
# 
loop_
_atom_type.symbol 
C 
N 
O 
S 
# 
loop_
_atom_site.group_PDB 
_atom_site.id 
_atom_site.type_symbol 
_atom_site.label_atom_id 
_atom_site.label_alt_id 
_atom_site.label_comp_id 
_atom_site.label_asym_id 
_atom_site.label_entity_id 
_atom_site.label_seq_id 
_atom_site.pdbx_PDB_ins_code 
_atom_site.Cartn_x 
_atom_site.Cartn_y 
_atom_site.Cartn_z 
_atom_site.occupancy 
_atom_site.B_iso_or_equiv 
_atom_site.pdbx_formal_charge 
_atom_site.auth_seq_id 
_atom_site.auth_comp_id 
_atom_site.auth_asym_id 
_atom_site.auth_atom_id 
_atom_site.pdbx_PDB_model_num 
ATOM   1    N N   . SER A 1 1  ? -5.244  2.894   -16.497 1.00 13.53  ? 0   SER A N   1 
ATOM   2    C CA  . SER A 1 1  ? -5.956  1.628   -16.126 1.00 13.17  ? 0   SER A CA  1 
ATOM   3    C C   . SER A 1 1  ? -6.944  1.802   -14.950 1.00 13.67  ? 0   SER A C   1 
ATOM   4    O O   . SER A 1 1  ? -7.071  2.889   -14.402 1.00 12.85  ? 0   SER A O   1 
ATOM   5    C CB  . SER A 1 1  ? -4.947  0.600   -15.729 1.00 13.39  ? 0   SER A CB  1 
ATOM   6    O OG  . SER A 1 1  ? -4.522  0.827   -14.400 1.00 15.37  ? 0   SER A OG  1 
ATOM   7    N N   . GLY A 1 2  ? -7.642  0.708   -14.581 1.00 13.71  ? 1   GLY A N   1 
ATOM   8    C CA  . GLY A 1 2  ? -8.553  0.714   -13.449 1.00 12.62  ? 1   GLY A CA  1 
ATOM   9    C C   . GLY A 1 2  ? -7.986  0.165   -12.164 1.00 12.40  ? 1   GLY A C   1 
ATOM   10   O O   . GLY A 1 2  ? -8.715  -0.053  -11.199 1.00 13.55  ? 1   GLY A O   1 
ATOM   11   N N   . TRP A 1 3  ? -6.690  -0.073  -12.134 1.00 12.04  ? 2   TRP A N   1 
ATOM   12   C CA  . TRP A 1 3  ? -6.067  -0.557  -10.910 1.00 11.77  ? 2   TRP A CA  1 
ATOM   13   C C   . TRP A 1 3  ? -6.149  0.522   -9.872  1.00 12.42  ? 2   TRP A C   1 
ATOM   14   O O   . TRP A 1 3  ? -5.787  1.698   -10.138 1.00 13.22  ? 2   TRP A O   1 
ATOM   15   C CB  . TRP A 1 3  ? -4.611  -0.907  -11.127 1.00 10.77  ? 2   TRP A CB  1 
ATOM   16   C CG  . TRP A 1 3  ? -4.382  -2.092  -11.953 1.00 9.24   ? 2   TRP A CG  1 
ATOM   17   C CD1 . TRP A 1 3  ? -3.823  -2.119  -13.178 1.00 9.81   ? 2   TRP A CD1 1 
ATOM   18   C CD2 . TRP A 1 3  ? -4.670  -3.461  -11.606 1.00 8.85   ? 2   TRP A CD2 1 
ATOM   19   N NE1 . TRP A 1 3  ? -3.732  -3.414  -13.635 1.00 9.01   ? 2   TRP A NE1 1 
ATOM   20   C CE2 . TRP A 1 3  ? -4.272  -4.254  -12.700 1.00 8.52   ? 2   TRP A CE2 1 
ATOM   21   C CE3 . TRP A 1 3  ? -5.262  -4.080  -10.494 1.00 9.93   ? 2   TRP A CE3 1 
ATOM   22   C CZ2 . TRP A 1 3  ? -4.406  -5.650  -12.712 1.00 11.94  ? 2   TRP A CZ2 1 
ATOM   23   C CZ3 . TRP A 1 3  ? -5.403  -5.479  -10.501 1.00 10.04  ? 2   TRP A CZ3 1 
ATOM   24   C CH2 . TRP A 1 3  ? -4.967  -6.241  -11.604 1.00 12.09  ? 2   TRP A CH2 1 
ATOM   25   N N   . VAL A 1 4  ? -6.688  0.139   -8.719  1.00 11.68  ? 3   VAL A N   1 
ATOM   26   C CA  . VAL A 1 4  ? -6.780  1.011   -7.571  1.00 12.14  ? 3   VAL A CA  1 
ATOM   27   C C   . VAL A 1 4  ? -5.541  0.741   -6.705  1.00 12.29  ? 3   VAL A C   1 
ATOM   28   O O   . VAL A 1 4  ? -5.349  -0.379  -6.244  1.00 13.45  ? 3   VAL A O   1 
ATOM   29   C CB  . VAL A 1 4  ? -8.088  0.779   -6.776  1.00 11.48  ? 3   VAL A CB  1 
ATOM   30   C CG1 . VAL A 1 4  ? -8.086  1.615   -5.453  1.00 10.81  ? 3   VAL A CG1 1 
ATOM   31   C CG2 . VAL A 1 4  ? -9.324  1.195   -7.634  1.00 10.19  ? 3   VAL A CG2 1 
ATOM   32   N N   . TRP A 1 5  ? -4.699  1.748   -6.526  1.00 12.03  ? 4   TRP A N   1 
ATOM   33   C CA  . TRP A 1 5  ? -3.475  1.609   -5.739  1.00 11.43  ? 4   TRP A CA  1 
ATOM   34   C C   . TRP A 1 5  ? -3.382  2.574   -4.579  1.00 11.22  ? 4   TRP A C   1 
ATOM   35   O O   . TRP A 1 5  ? -2.507  2.413   -3.711  1.00 10.61  ? 4   TRP A O   1 
ATOM   36   C CB  . TRP A 1 5  ? -2.216  1.827   -6.599  1.00 10.48  ? 4   TRP A CB  1 
ATOM   37   C CG  . TRP A 1 5  ? -2.003  0.894   -7.756  1.00 11.74  ? 4   TRP A CG  1 
ATOM   38   C CD1 . TRP A 1 5  ? -2.027  1.231   -9.077  1.00 9.91   ? 4   TRP A CD1 1 
ATOM   39   C CD2 . TRP A 1 5  ? -1.713  -0.517  -7.707  1.00 10.95  ? 4   TRP A CD2 1 
ATOM   40   N NE1 . TRP A 1 5  ? -1.747  0.130   -9.844  1.00 11.80  ? 4   TRP A NE1 1 
ATOM   41   C CE2 . TRP A 1 5  ? -1.583  -0.959  -9.035  1.00 11.32  ? 4   TRP A CE2 1 
ATOM   42   C CE3 . TRP A 1 5  ? -1.555  -1.446  -6.672  1.00 15.84  ? 4   TRP A CE3 1 
ATOM   43   C CZ2 . TRP A 1 5  ? -1.299  -2.296  -9.365  1.00 12.22  ? 4   TRP A CZ2 1 
ATOM   44   C CZ3 . TRP A 1 5  ? -1.267  -2.793  -7.002  1.00 13.60  ? 4   TRP A CZ3 1 
ATOM   45   C CH2 . TRP A 1 5  ? -1.139  -3.188  -8.346  1.00 13.16  ? 4   TRP A CH2 1 
ATOM   46   N N   . ASN A 1 6  ? -4.208  3.612   -4.574  1.00 11.76  ? 5   ASN A N   1 
ATOM   47   C CA  . ASN A 1 6  ? -4.058  4.645   -3.543  1.00 13.44  ? 5   ASN A CA  1 
ATOM   48   C C   . ASN A 1 6  ? -4.672  4.229   -2.207  1.00 12.91  ? 5   ASN A C   1 
ATOM   49   O O   . ASN A 1 6  ? -5.547  4.894   -1.672  1.00 14.08  ? 5   ASN A O   1 
ATOM   50   C CB  . ASN A 1 6  ? -4.565  6.003   -4.037  1.00 13.34  ? 5   ASN A CB  1 
ATOM   51   C CG  . ASN A 1 6  ? -6.023  5.953   -4.439  1.00 17.53  ? 5   ASN A CG  1 
ATOM   52   O OD1 . ASN A 1 6  ? -6.473  4.975   -5.027  1.00 20.28  ? 5   ASN A OD1 1 
ATOM   53   N ND2 . ASN A 1 6  ? -6.783  6.991   -4.079  1.00 21.05  ? 5   ASN A ND2 1 
ATOM   54   N N   . GLN A 1 7  ? -4.224  3.092   -1.693  1.00 12.66  ? 6   GLN A N   1 
ATOM   55   C CA  . GLN A 1 7  ? -4.661  2.598   -0.410  1.00 12.79  ? 6   GLN A CA  1 
ATOM   56   C C   . GLN A 1 7  ? -3.530  1.883   0.331   1.00 12.93  ? 6   GLN A C   1 
ATOM   57   O O   . GLN A 1 7  ? -2.671  1.250   -0.279  1.00 13.38  ? 6   GLN A O   1 
ATOM   58   C CB  . GLN A 1 7  ? -5.946  1.756   -0.522  1.00 11.74  ? 6   GLN A CB  1 
ATOM   59   C CG  . GLN A 1 7  ? -5.910  0.597   -1.499  1.00 16.07  ? 6   GLN A CG  1 
ATOM   60   C CD  . GLN A 1 7  ? -7.260  -0.131  -1.668  1.00 19.61  ? 6   GLN A CD  1 
ATOM   61   O OE1 . GLN A 1 7  ? -8.289  0.316   -1.167  1.00 18.57  ? 6   GLN A OE1 1 
ATOM   62   N NE2 . GLN A 1 7  ? -7.253  -1.243  -2.426  1.00 25.24  ? 6   GLN A NE2 1 
ATOM   63   N N   . PHE A 1 8  ? -3.500  2.077   1.635   1.00 13.01  ? 7   PHE A N   1 
ATOM   64   C CA  . PHE A 1 8  ? -2.654  1.344   2.563   1.00 13.72  ? 7   PHE A CA  1 
ATOM   65   C C   . PHE A 1 8  ? -3.528  0.571   3.521   1.00 15.18  ? 7   PHE A C   1 
ATOM   66   O O   . PHE A 1 8  ? -4.680  0.940   3.787   1.00 13.84  ? 7   PHE A O   1 
ATOM   67   C CB  . PHE A 1 8  ? -1.811  2.292   3.400   1.00 13.28  ? 7   PHE A CB  1 
ATOM   68   C CG  . PHE A 1 8  ? -0.964  3.194   2.594   1.00 15.33  ? 7   PHE A CG  1 
ATOM   69   C CD1 . PHE A 1 8  ? -1.316  4.526   2.422   1.00 16.34  ? 7   PHE A CD1 1 
ATOM   70   C CD2 . PHE A 1 8  ? 0.165   2.696   1.941   1.00 14.05  ? 7   PHE A CD2 1 
ATOM   71   C CE1 . PHE A 1 8  ? -0.511  5.386   1.638   1.00 17.26  ? 7   PHE A CE1 1 
ATOM   72   C CE2 . PHE A 1 8  ? 0.982   3.537   1.194   1.00 16.96  ? 7   PHE A CE2 1 
ATOM   73   C CZ  . PHE A 1 8  ? 0.641   4.890   1.040   1.00 15.90  ? 7   PHE A CZ  1 
ATOM   74   N N   . PHE A 1 9  ? -2.950  -0.500  4.040   1.00 15.83  ? 8   PHE A N   1 
ATOM   75   C CA  . PHE A 1 9  ? -3.687  -1.479  4.799   1.00 17.22  ? 8   PHE A CA  1 
ATOM   76   C C   . PHE A 1 9  ? -2.971  -1.606  6.124   1.00 18.02  ? 8   PHE A C   1 
ATOM   77   O O   . PHE A 1 9  ? -1.756  -1.819  6.149   1.00 18.62  ? 8   PHE A O   1 
ATOM   78   C CB  . PHE A 1 9  ? -3.700  -2.808  4.032   1.00 17.29  ? 8   PHE A CB  1 
ATOM   79   C CG  . PHE A 1 9  ? -4.376  -2.711  2.682   1.00 17.00  ? 8   PHE A CG  1 
ATOM   80   C CD1 . PHE A 1 9  ? -3.653  -2.327  1.556   1.00 17.30  ? 8   PHE A CD1 1 
ATOM   81   C CD2 . PHE A 1 9  ? -5.752  -2.950  2.561   1.00 14.48  ? 8   PHE A CD2 1 
ATOM   82   C CE1 . PHE A 1 9  ? -4.285  -2.232  0.303   1.00 18.28  ? 8   PHE A CE1 1 
ATOM   83   C CE2 . PHE A 1 9  ? -6.396  -2.848  1.334   1.00 16.52  ? 8   PHE A CE2 1 
ATOM   84   C CZ  . PHE A 1 9  ? -5.668  -2.490  0.199   1.00 16.43  ? 8   PHE A CZ  1 
ATOM   85   N N   . VAL A 1 10 ? -3.727  -1.465  7.204   1.00 17.47  ? 9   VAL A N   1 
ATOM   86   C CA  . VAL A 1 10 ? -3.189  -1.531  8.557   1.00 18.88  ? 9   VAL A CA  1 
ATOM   87   C C   . VAL A 1 10 ? -3.787  -2.718  9.343   1.00 18.68  ? 9   VAL A C   1 
ATOM   88   O O   . VAL A 1 10 ? -4.965  -2.738  9.638   1.00 17.77  ? 9   VAL A O   1 
ATOM   89   C CB  . VAL A 1 10 ? -3.519  -0.217  9.327   1.00 18.37  ? 9   VAL A CB  1 
ATOM   90   C CG1 . VAL A 1 10 ? -3.123  -0.331  10.776  1.00 20.27  ? 9   VAL A CG1 1 
ATOM   91   C CG2 . VAL A 1 10 ? -2.813  0.945   8.723   1.00 20.40  ? 9   VAL A CG2 1 
ATOM   92   N N   . LEU A 1 11 ? -2.984  -3.703  9.699   1.00 19.23  ? 10  LEU A N   1 
ATOM   93   C CA  . LEU A 1 11 ? -3.560  -4.770  10.505  1.00 19.19  ? 10  LEU A CA  1 
ATOM   94   C C   . LEU A 1 11 ? -3.779  -4.334  11.967  1.00 19.05  ? 10  LEU A C   1 
ATOM   95   O O   . LEU A 1 11 ? -2.845  -3.989  12.705  1.00 17.79  ? 10  LEU A O   1 
ATOM   96   C CB  . LEU A 1 11 ? -2.760  -6.060  10.403  1.00 20.08  ? 10  LEU A CB  1 
ATOM   97   C CG  . LEU A 1 11 ? -2.931  -6.991  9.192   1.00 22.41  ? 10  LEU A CG  1 
ATOM   98   C CD1 . LEU A 1 11 ? -1.924  -8.122  9.278   1.00 22.45  ? 10  LEU A CD1 1 
ATOM   99   C CD2 . LEU A 1 11 ? -4.343  -7.598  9.131   1.00 22.65  ? 10  LEU A CD2 1 
ATOM   100  N N   . GLU A 1 12 ? -5.052  -4.345  12.321  1.00 18.41  ? 11  GLU A N   1 
ATOM   101  C CA  . GLU A 1 12 ? -5.592  -3.969  13.629  1.00 20.78  ? 11  GLU A CA  1 
ATOM   102  C C   . GLU A 1 12 ? -4.759  -4.541  14.768  1.00 19.23  ? 11  GLU A C   1 
ATOM   103  O O   . GLU A 1 12 ? -4.403  -3.848  15.726  1.00 18.09  ? 11  GLU A O   1 
ATOM   104  C CB  . GLU A 1 12 ? -7.007  -4.555  13.691  1.00 20.82  ? 11  GLU A CB  1 
ATOM   105  C CG  . GLU A 1 12 ? -7.763  -4.222  14.903  1.00 29.47  ? 11  GLU A CG  1 
ATOM   106  C CD  . GLU A 1 12 ? -9.168  -4.786  14.843  1.00 32.80  ? 11  GLU A CD  1 
ATOM   107  O OE1 . GLU A 1 12 ? -9.358  -5.936  14.435  1.00 35.81  ? 11  GLU A OE1 1 
ATOM   108  O OE2 . GLU A 1 12 ? -10.084 -4.057  15.211  1.00 38.39  ? 11  GLU A OE2 1 
ATOM   109  N N   . GLU A 1 13 ? -4.472  -5.832  14.633  1.00 18.74  ? 12  GLU A N   1 
ATOM   110  C CA  . GLU A 1 13 ? -3.711  -6.583  15.615  1.00 19.33  ? 12  GLU A CA  1 
ATOM   111  C C   . GLU A 1 13 ? -2.417  -5.848  16.041  1.00 18.56  ? 12  GLU A C   1 
ATOM   112  O O   . GLU A 1 13 ? -2.091  -5.839  17.225  1.00 16.99  ? 12  GLU A O   1 
ATOM   113  C CB  . GLU A 1 13 ? -3.445  -8.016  15.096  1.00 19.10  ? 12  GLU A CB  1 
ATOM   114  C CG  . GLU A 1 13 ? -2.108  -8.581  15.460  1.00 23.45  ? 12  GLU A CG  1 
ATOM   115  C CD  . GLU A 1 13 ? -1.882  -10.037 14.987  1.00 33.67  ? 12  GLU A CD  1 
ATOM   116  O OE1 . GLU A 1 13 ? -2.790  -10.662 14.380  1.00 33.66  ? 12  GLU A OE1 1 
ATOM   117  O OE2 . GLU A 1 13 ? -0.773  -10.577 15.251  1.00 37.36  ? 12  GLU A OE2 1 
ATOM   118  N N   . TYR A 1 14 ? -1.716  -5.211  15.093  1.00 16.92  ? 13  TYR A N   1 
ATOM   119  C CA  . TYR A 1 14 ? -0.400  -4.627  15.411  1.00 15.70  ? 13  TYR A CA  1 
ATOM   120  C C   . TYR A 1 14 ? -0.394  -3.177  15.888  1.00 15.10  ? 13  TYR A C   1 
ATOM   121  O O   . TYR A 1 14 ? 0.656   -2.652  16.260  1.00 13.78  ? 13  TYR A O   1 
ATOM   122  C CB  . TYR A 1 14 ? 0.543   -4.829  14.232  1.00 15.28  ? 13  TYR A CB  1 
ATOM   123  C CG  . TYR A 1 14 ? 0.577   -6.281  13.788  1.00 16.64  ? 13  TYR A CG  1 
ATOM   124  C CD1 . TYR A 1 14 ? 1.208   -7.243  14.571  1.00 16.41  ? 13  TYR A CD1 1 
ATOM   125  C CD2 . TYR A 1 14 ? 0.004   -6.678  12.579  1.00 15.36  ? 13  TYR A CD2 1 
ATOM   126  C CE1 . TYR A 1 14 ? 1.235   -8.570  14.178  1.00 23.58  ? 13  TYR A CE1 1 
ATOM   127  C CE2 . TYR A 1 14 ? 0.026   -8.010  12.173  1.00 19.66  ? 13  TYR A CE2 1 
ATOM   128  C CZ  . TYR A 1 14 ? 0.642   -8.956  12.963  1.00 21.31  ? 13  TYR A CZ  1 
ATOM   129  O OH  . TYR A 1 14 ? 0.696   -10.287 12.584  1.00 21.24  ? 13  TYR A OH  1 
ATOM   130  N N   . THR A 1 15 ? -1.562  -2.532  15.851  1.00 15.71  ? 14  THR A N   1 
ATOM   131  C CA  . THR A 1 15 ? -1.726  -1.141  16.268  1.00 15.40  ? 14  THR A CA  1 
ATOM   132  C C   . THR A 1 15 ? -1.517  -0.993  17.783  1.00 15.99  ? 14  THR A C   1 
ATOM   133  O O   . THR A 1 15 ? -1.625  -1.957  18.524  1.00 15.00  ? 14  THR A O   1 
ATOM   134  C CB  . THR A 1 15 ? -3.123  -0.591  15.851  1.00 15.78  ? 14  THR A CB  1 
ATOM   135  O OG1 . THR A 1 15 ? -4.160  -1.337  16.507  1.00 15.57  ? 14  THR A OG1 1 
ATOM   136  C CG2 . THR A 1 15 ? -3.312  -0.675  14.326  1.00 15.51  ? 14  THR A CG2 1 
ATOM   137  N N   . GLY A 1 16 ? -1.224  0.223   18.226  1.00 17.02  ? 15  GLY A N   1 
ATOM   138  C CA  . GLY A 1 16 ? -0.895  0.485   19.624  1.00 19.39  ? 15  GLY A CA  1 
ATOM   139  C C   . GLY A 1 16 ? -0.310  1.877   19.722  1.00 21.86  ? 15  GLY A C   1 
ATOM   140  O O   . GLY A 1 16 ? -0.385  2.667   18.778  1.00 22.45  ? 15  GLY A O   1 
ATOM   141  N N   . THR A 1 17 ? 0.280   2.193   20.864  1.00 24.77  ? 16  THR A N   1 
ATOM   142  C CA  . THR A 1 17 ? 0.889   3.504   21.077  1.00 26.42  ? 16  THR A CA  1 
ATOM   143  C C   . THR A 1 17 ? 2.289   3.601   20.470  1.00 26.38  ? 16  THR A C   1 
ATOM   144  O O   . THR A 1 17 ? 2.724   4.704   20.093  1.00 27.49  ? 16  THR A O   1 
ATOM   145  C CB  . THR A 1 17 ? 0.836   3.916   22.579  1.00 27.32  ? 16  THR A CB  1 
ATOM   146  O OG1 . THR A 1 17 ? 1.163   2.780   23.396  1.00 29.67  ? 16  THR A OG1 1 
ATOM   147  C CG2 . THR A 1 17 ? -0.569  4.334   22.932  1.00 27.55  ? 16  THR A CG2 1 
ATOM   148  N N   . ASP A 1 18 ? 2.980   2.458   20.351  1.00 25.75  ? 17  ASP A N   1 
ATOM   149  C CA  . ASP A 1 18 ? 4.142   2.329   19.451  1.00 25.16  ? 17  ASP A CA  1 
ATOM   150  C C   . ASP A 1 18 ? 3.759   2.575   17.977  1.00 23.07  ? 17  ASP A C   1 
ATOM   151  O O   . ASP A 1 18 ? 2.814   1.955   17.458  1.00 22.72  ? 17  ASP A O   1 
ATOM   152  C CB  . ASP A 1 18 ? 4.727   0.921   19.544  1.00 26.77  ? 17  ASP A CB  1 
ATOM   153  C CG  . ASP A 1 18 ? 5.609   0.729   20.770  1.00 32.51  ? 17  ASP A CG  1 
ATOM   154  O OD1 . ASP A 1 18 ? 5.184   0.032   21.720  1.00 37.51  ? 17  ASP A OD1 1 
ATOM   155  O OD2 . ASP A 1 18 ? 6.736   1.272   20.786  1.00 38.82  ? 17  ASP A OD2 1 
ATOM   156  N N   . PRO A 1 19 ? 4.481   3.479   17.296  1.00 21.42  ? 18  PRO A N   1 
ATOM   157  C CA  . PRO A 1 19 ? 4.224   3.727   15.876  1.00 19.66  ? 18  PRO A CA  1 
ATOM   158  C C   . PRO A 1 19 ? 4.304   2.473   15.015  1.00 18.39  ? 18  PRO A C   1 
ATOM   159  O O   . PRO A 1 19 ? 5.299   1.738   15.046  1.00 17.69  ? 18  PRO A O   1 
ATOM   160  C CB  . PRO A 1 19 ? 5.319   4.718   15.504  1.00 19.97  ? 18  PRO A CB  1 
ATOM   161  C CG  . PRO A 1 19 ? 5.536   5.455   16.832  1.00 20.12  ? 18  PRO A CG  1 
ATOM   162  C CD  . PRO A 1 19 ? 5.542   4.364   17.812  1.00 20.68  ? 18  PRO A CD  1 
ATOM   163  N N   . LEU A 1 20 ? 3.216   2.216   14.301  1.00 16.57  ? 19  LEU A N   1 
ATOM   164  C CA  . LEU A 1 20 ? 3.156   1.123   13.364  1.00 15.82  ? 19  LEU A CA  1 
ATOM   165  C C   . LEU A 1 20 ? 3.350   1.712   11.955  1.00 14.71  ? 19  LEU A C   1 
ATOM   166  O O   . LEU A 1 20 ? 2.543   2.523   11.522  1.00 14.80  ? 19  LEU A O   1 
ATOM   167  C CB  . LEU A 1 20 ? 1.783   0.442   13.485  1.00 15.31  ? 19  LEU A CB  1 
ATOM   168  C CG  . LEU A 1 20 ? 1.521   -0.744  12.571  1.00 14.48  ? 19  LEU A CG  1 
ATOM   169  C CD1 . LEU A 1 20 ? 2.449   -1.887  12.962  1.00 11.25  ? 19  LEU A CD1 1 
ATOM   170  C CD2 . LEU A 1 20 ? 0.085   -1.151  12.687  1.00 8.29   ? 19  LEU A CD2 1 
ATOM   171  N N   . TYR A 1 21 ? 4.396   1.298   11.256  1.00 13.21  ? 20  TYR A N   1 
ATOM   172  C CA  . TYR A 1 21 ? 4.622   1.714   9.904   1.00 13.42  ? 20  TYR A CA  1 
ATOM   173  C C   . TYR A 1 21 ? 3.417   1.290   9.028   1.00 14.44  ? 20  TYR A C   1 
ATOM   174  O O   . TYR A 1 21 ? 3.054   0.104   8.997   1.00 13.34  ? 20  TYR A O   1 
ATOM   175  C CB  . TYR A 1 21 ? 5.907   1.087   9.352   1.00 13.75  ? 20  TYR A CB  1 
ATOM   176  C CG  . TYR A 1 21 ? 6.339   1.663   8.004   1.00 14.51  ? 20  TYR A CG  1 
ATOM   177  C CD1 . TYR A 1 21 ? 7.148   2.790   7.940   1.00 14.28  ? 20  TYR A CD1 1 
ATOM   178  C CD2 . TYR A 1 21 ? 5.879   1.118   6.804   1.00 20.29  ? 20  TYR A CD2 1 
ATOM   179  C CE1 . TYR A 1 21 ? 7.519   3.347   6.722   1.00 17.04  ? 20  TYR A CE1 1 
ATOM   180  C CE2 . TYR A 1 21 ? 6.250   1.675   5.566   1.00 20.22  ? 20  TYR A CE2 1 
ATOM   181  C CZ  . TYR A 1 21 ? 7.088   2.778   5.551   1.00 18.67  ? 20  TYR A CZ  1 
ATOM   182  O OH  . TYR A 1 21 ? 7.465   3.324   4.365   1.00 22.00  ? 20  TYR A OH  1 
ATOM   183  N N   . VAL A 1 22 ? 2.812   2.269   8.350   1.00 14.20  ? 21  VAL A N   1 
ATOM   184  C CA  . VAL A 1 22 ? 1.612   2.061   7.528   1.00 15.86  ? 21  VAL A CA  1 
ATOM   185  C C   . VAL A 1 22 ? 1.997   2.036   6.039   1.00 16.71  ? 21  VAL A C   1 
ATOM   186  O O   . VAL A 1 22 ? 1.531   1.207   5.251   1.00 17.74  ? 21  VAL A O   1 
ATOM   187  C CB  . VAL A 1 22 ? 0.593   3.194   7.740   1.00 14.98  ? 21  VAL A CB  1 
ATOM   188  C CG1 . VAL A 1 22 ? -0.384  3.299   6.530   1.00 16.44  ? 21  VAL A CG1 1 
ATOM   189  C CG2 . VAL A 1 22 ? -0.154  3.023   9.039   1.00 15.64  ? 21  VAL A CG2 1 
ATOM   190  N N   . GLY A 1 23 ? 2.840   2.972   5.647   1.00 16.79  ? 22  GLY A N   1 
ATOM   191  C CA  . GLY A 1 23 ? 3.192   3.091   4.241   1.00 16.89  ? 22  GLY A CA  1 
ATOM   192  C C   . GLY A 1 23 ? 3.943   4.389   4.061   1.00 16.91  ? 22  GLY A C   1 
ATOM   193  O O   . GLY A 1 23 ? 4.531   4.914   5.015   1.00 16.49  ? 22  GLY A O   1 
ATOM   194  N N   . LYS A 1 24 ? 3.867   4.931   2.856   1.00 16.27  ? 23  LYS A N   1 
ATOM   195  C CA  . LYS A 1 24 ? 4.738   6.032   2.490   1.00 16.78  ? 23  LYS A CA  1 
ATOM   196  C C   . LYS A 1 24 ? 4.148   6.853   1.392   1.00 15.47  ? 23  LYS A C   1 
ATOM   197  O O   . LYS A 1 24 ? 3.708   6.306   0.380   1.00 15.07  ? 23  LYS A O   1 
ATOM   198  C CB  . LYS A 1 24 ? 6.010   5.442   1.927   1.00 17.24  ? 23  LYS A CB  1 
ATOM   199  C CG  . LYS A 1 24 ? 7.157   6.316   1.888   1.00 19.14  ? 23  LYS A CG  1 
ATOM   200  C CD  . LYS A 1 24 ? 8.320   5.398   1.622   1.00 19.76  ? 23  LYS A CD  1 
ATOM   201  C CE  . LYS A 1 24 ? 9.143   5.934   0.537   1.00 20.18  ? 23  LYS A CE  1 
ATOM   202  N NZ  . LYS A 1 24 ? 10.532  5.800   1.022   1.00 24.36  ? 23  LYS A NZ  1 
ATOM   203  N N   . LEU A 1 25 ? 4.220   8.164   1.574   1.00 13.86  ? 24  LEU A N   1 
ATOM   204  C CA  . LEU A 1 25 ? 3.943   9.082   0.485   1.00 13.51  ? 24  LEU A CA  1 
ATOM   205  C C   . LEU A 1 25 ? 5.220   9.256   -0.334  1.00 12.81  ? 24  LEU A C   1 
ATOM   206  O O   . LEU A 1 25 ? 6.287   9.344   0.210   1.00 14.10  ? 24  LEU A O   1 
ATOM   207  C CB  . LEU A 1 25 ? 3.410   10.409  1.005   1.00 12.14  ? 24  LEU A CB  1 
ATOM   208  C CG  . LEU A 1 25 ? 2.041   10.424  1.675   1.00 10.27  ? 24  LEU A CG  1 
ATOM   209  C CD1 . LEU A 1 25 ? 1.605   11.919  1.936   1.00 4.30   ? 24  LEU A CD1 1 
ATOM   210  C CD2 . LEU A 1 25 ? 0.954   9.657   0.874   1.00 7.19   ? 24  LEU A CD2 1 
ATOM   211  N N   . HIS A 1 26 ? 5.111   9.244   -1.650  1.00 12.50  ? 25  HIS A N   1 
ATOM   212  C CA  . HIS A 1 26 ? 6.272   9.408   -2.475  1.00 11.20  ? 25  HIS A CA  1 
ATOM   213  C C   . HIS A 1 26 ? 5.882   9.989   -3.809  1.00 10.17  ? 25  HIS A C   1 
ATOM   214  O O   . HIS A 1 26 ? 4.969   9.522   -4.422  1.00 9.31   ? 25  HIS A O   1 
ATOM   215  C CB  . HIS A 1 26 ? 6.966   8.096   -2.740  1.00 10.93  ? 25  HIS A CB  1 
ATOM   216  C CG  . HIS A 1 26 ? 8.259   8.266   -3.455  1.00 13.31  ? 25  HIS A CG  1 
ATOM   217  N ND1 . HIS A 1 26 ? 9.378   8.794   -2.838  1.00 17.91  ? 25  HIS A ND1 1 
ATOM   218  C CD2 . HIS A 1 26 ? 8.610   8.027   -4.743  1.00 15.49  ? 25  HIS A CD2 1 
ATOM   219  C CE1 . HIS A 1 26 ? 10.365  8.867   -3.719  1.00 16.60  ? 25  HIS A CE1 1 
ATOM   220  N NE2 . HIS A 1 26 ? 9.927   8.399   -4.880  1.00 15.44  ? 25  HIS A NE2 1 
ATOM   221  N N   . SER A 1 27 ? 6.608   11.011  -4.228  1.00 10.90  ? 26  SER A N   1 
ATOM   222  C CA  . SER A 1 27 ? 6.471   11.598  -5.546  1.00 12.44  ? 26  SER A CA  1 
ATOM   223  C C   . SER A 1 27 ? 7.677   11.160  -6.360  1.00 14.72  ? 26  SER A C   1 
ATOM   224  O O   . SER A 1 27 ? 8.809   11.135  -5.838  1.00 14.59  ? 26  SER A O   1 
ATOM   225  C CB  . SER A 1 27 ? 6.437   13.121  -5.445  1.00 11.41  ? 26  SER A CB  1 
ATOM   226  O OG  . SER A 1 27 ? 6.583   13.701  -6.736  1.00 9.75   ? 26  SER A OG  1 
ATOM   227  N N   . ASP A 1 28 ? 7.457   10.819  -7.629  1.00 17.54  ? 27  ASP A N   1 
ATOM   228  C CA  . ASP A 1 28 ? 8.572   10.431  -8.519  1.00 19.60  ? 27  ASP A CA  1 
ATOM   229  C C   . ASP A 1 28 ? 9.478   11.653  -8.838  1.00 20.54  ? 27  ASP A C   1 
ATOM   230  O O   . ASP A 1 28 ? 10.518  11.521  -9.452  1.00 20.90  ? 27  ASP A O   1 
ATOM   231  C CB  . ASP A 1 28 ? 8.065   9.683   -9.782  1.00 20.09  ? 27  ASP A CB  1 
ATOM   232  C CG  . ASP A 1 28 ? 7.338   10.588  -10.779 1.00 22.96  ? 27  ASP A CG  1 
ATOM   233  O OD1 . ASP A 1 28 ? 7.602   11.809  -10.830 1.00 25.41  ? 27  ASP A OD1 1 
ATOM   234  O OD2 . ASP A 1 28 ? 6.492   10.078  -11.560 1.00 29.24  ? 27  ASP A OD2 1 
ATOM   235  N N   . MET A 1 29 ? 9.060   12.833  -8.401  1.00 21.44  ? 28  MET A N   1 
ATOM   236  C CA  . MET A 1 29 ? 9.854   14.053  -8.567  1.00 23.23  ? 28  MET A CA  1 
ATOM   237  C C   . MET A 1 29 ? 10.875  14.213  -7.472  1.00 22.37  ? 28  MET A C   1 
ATOM   238  O O   . MET A 1 29 ? 11.680  15.119  -7.544  1.00 23.31  ? 28  MET A O   1 
ATOM   239  C CB  . MET A 1 29 ? 8.952   15.275  -8.535  1.00 23.66  ? 28  MET A CB  1 
ATOM   240  C CG  . MET A 1 29 ? 7.980   15.311  -9.724  1.00 29.72  ? 28  MET A CG  1 
ATOM   241  S SD  . MET A 1 29 ? 6.779   16.642  -9.555  1.00 36.70  ? 28  MET A SD  1 
ATOM   242  C CE  . MET A 1 29 ? 7.837   18.061  -9.940  1.00 37.76  ? 28  MET A CE  1 
ATOM   243  N N   . ASP A 1 30 ? 10.799  13.347  -6.455  1.00 21.08  ? 29  ASP A N   1 
ATOM   244  C CA  . ASP A 1 30 ? 11.641  13.364  -5.281  1.00 20.52  ? 29  ASP A CA  1 
ATOM   245  C C   . ASP A 1 30 ? 13.049  12.882  -5.678  1.00 20.88  ? 29  ASP A C   1 
ATOM   246  O O   . ASP A 1 30 ? 13.234  11.739  -6.120  1.00 20.55  ? 29  ASP A O   1 
ATOM   247  C CB  . ASP A 1 30 ? 11.013  12.430  -4.239  1.00 20.31  ? 29  ASP A CB  1 
ATOM   248  C CG  . ASP A 1 30 ? 11.684  12.500  -2.867  1.00 19.93  ? 29  ASP A CG  1 
ATOM   249  O OD1 . ASP A 1 30 ? 12.886  12.828  -2.793  1.00 15.81  ? 29  ASP A OD1 1 
ATOM   250  O OD2 . ASP A 1 30 ? 10.993  12.185  -1.856  1.00 19.88  ? 29  ASP A OD2 1 
ATOM   251  N N   . ARG A 1 31 ? 14.021  13.775  -5.537  1.00 21.19  ? 30  ARG A N   1 
ATOM   252  C CA  . ARG A 1 31 ? 15.433  13.509  -5.884  1.00 22.14  ? 30  ARG A CA  1 
ATOM   253  C C   . ARG A 1 31 ? 16.184  12.723  -4.825  1.00 22.86  ? 30  ARG A C   1 
ATOM   254  O O   . ARG A 1 31 ? 17.282  12.228  -5.101  1.00 23.72  ? 30  ARG A O   1 
ATOM   255  C CB  . ARG A 1 31 ? 16.187  14.834  -6.134  1.00 21.30  ? 30  ARG A CB  1 
ATOM   256  N N   . GLY A 1 32 ? 15.614  12.656  -3.620  1.00 23.59  ? 31  GLY A N   1 
ATOM   257  C CA  . GLY A 1 32 ? 16.184  11.958  -2.478  1.00 24.56  ? 31  GLY A CA  1 
ATOM   258  C C   . GLY A 1 32 ? 16.878  12.893  -1.469  1.00 26.43  ? 31  GLY A C   1 
ATOM   259  O O   . GLY A 1 32 ? 17.431  12.415  -0.476  1.00 27.36  ? 31  GLY A O   1 
ATOM   260  N N   . ASP A 1 33 ? 16.851  14.211  -1.716  1.00 25.62  ? 32  ASP A N   1 
ATOM   261  C CA  . ASP A 1 33 ? 17.671  15.196  -0.975  1.00 25.70  ? 32  ASP A CA  1 
ATOM   262  C C   . ASP A 1 33 ? 16.898  15.978  0.051   1.00 24.88  ? 32  ASP A C   1 
ATOM   263  O O   . ASP A 1 33 ? 17.428  16.903  0.640   1.00 26.29  ? 32  ASP A O   1 
ATOM   264  C CB  . ASP A 1 33 ? 18.312  16.204  -1.933  1.00 24.91  ? 32  ASP A CB  1 
ATOM   265  C CG  . ASP A 1 33 ? 17.298  16.824  -2.884  1.00 27.90  ? 32  ASP A CG  1 
ATOM   266  O OD1 . ASP A 1 33 ? 16.098  16.422  -2.851  1.00 28.84  ? 32  ASP A OD1 1 
ATOM   267  O OD2 . ASP A 1 33 ? 17.686  17.715  -3.680  1.00 31.33  ? 32  ASP A OD2 1 
ATOM   268  N N   . GLY A 1 34 ? 15.638  15.646  0.240   1.00 24.20  ? 33  GLY A N   1 
ATOM   269  C CA  . GLY A 1 34 ? 14.805  16.369  1.190   1.00 22.73  ? 33  GLY A CA  1 
ATOM   270  C C   . GLY A 1 34 ? 14.323  17.701  0.658   1.00 21.81  ? 33  GLY A C   1 
ATOM   271  O O   . GLY A 1 34 ? 13.949  18.548  1.434   1.00 22.48  ? 33  GLY A O   1 
ATOM   272  N N   . SER A 1 35 ? 14.385  17.917  -0.658  1.00 21.16  ? 34  SER A N   1 
ATOM   273  C CA  . SER A 1 35 ? 13.829  19.129  -1.244  1.00 19.81  ? 34  SER A CA  1 
ATOM   274  C C   . SER A 1 35 ? 12.299  19.046  -1.473  1.00 19.19  ? 34  SER A C   1 
ATOM   275  O O   . SER A 1 35 ? 11.666  20.041  -1.883  1.00 19.07  ? 34  SER A O   1 
ATOM   276  C CB  . SER A 1 35 ? 14.563  19.493  -2.527  1.00 19.53  ? 34  SER A CB  1 
ATOM   277  O OG  . SER A 1 35 ? 14.467  18.439  -3.441  1.00 21.91  ? 34  SER A OG  1 
ATOM   278  N N   . ILE A 1 36 ? 11.719  17.874  -1.177  1.00 17.22  ? 35  ILE A N   1 
ATOM   279  C CA  . ILE A 1 36 ? 10.272  17.680  -1.123  1.00 15.95  ? 35  ILE A CA  1 
ATOM   280  C C   . ILE A 1 36 ? 9.807   17.612  0.322   1.00 14.55  ? 35  ILE A C   1 
ATOM   281  O O   . ILE A 1 36 ? 10.463  17.038  1.179   1.00 15.26  ? 35  ILE A O   1 
ATOM   282  C CB  . ILE A 1 36 ? 9.752   16.387  -1.875  1.00 16.11  ? 35  ILE A CB  1 
ATOM   283  C CG1 . ILE A 1 36 ? 10.171  16.381  -3.330  1.00 17.97  ? 35  ILE A CG1 1 
ATOM   284  C CG2 . ILE A 1 36 ? 8.200   16.256  -1.782  1.00 12.62  ? 35  ILE A CG2 1 
ATOM   285  C CD1 . ILE A 1 36 ? 9.054   16.428  -4.324  1.00 21.30  ? 35  ILE A CD1 1 
ATOM   286  N N   . LYS A 1 37 ? 8.658   18.217  0.567   1.00 14.21  ? 36  LYS A N   1 
ATOM   287  C CA  . LYS A 1 37 ? 8.022   18.204  1.856   1.00 14.12  ? 36  LYS A CA  1 
ATOM   288  C C   . LYS A 1 37 ? 6.677   17.540  1.705   1.00 13.69  ? 36  LYS A C   1 
ATOM   289  O O   . LYS A 1 37 ? 5.771   18.074  1.045   1.00 12.77  ? 36  LYS A O   1 
ATOM   290  C CB  . LYS A 1 37 ? 7.781   19.611  2.357   1.00 14.70  ? 36  LYS A CB  1 
ATOM   291  C CG  . LYS A 1 37 ? 7.244   19.604  3.738   1.00 16.44  ? 36  LYS A CG  1 
ATOM   292  C CD  . LYS A 1 37 ? 7.298   20.957  4.315   1.00 20.47  ? 36  LYS A CD  1 
ATOM   293  C CE  . LYS A 1 37 ? 6.862   20.862  5.745   1.00 25.95  ? 36  LYS A CE  1 
ATOM   294  N NZ  . LYS A 1 37 ? 7.061   22.155  6.434   1.00 29.02  ? 36  LYS A NZ  1 
ATOM   295  N N   . TYR A 1 38 ? 6.554   16.387  2.351   1.00 12.86  ? 37  TYR A N   1 
ATOM   296  C CA  . TYR A 1 38 ? 5.317   15.615  2.305   1.00 11.80  ? 37  TYR A CA  1 
ATOM   297  C C   . TYR A 1 38 ? 4.409   16.049  3.422   1.00 11.65  ? 37  TYR A C   1 
ATOM   298  O O   . TYR A 1 38 ? 4.813   16.135  4.563   1.00 11.24  ? 37  TYR A O   1 
ATOM   299  C CB  . TYR A 1 38 ? 5.615   14.101  2.368   1.00 10.91  ? 37  TYR A CB  1 
ATOM   300  C CG  . TYR A 1 38 ? 6.364   13.629  1.148   1.00 9.05   ? 37  TYR A CG  1 
ATOM   301  C CD1 . TYR A 1 38 ? 7.686   13.327  1.221   1.00 7.61   ? 37  TYR A CD1 1 
ATOM   302  C CD2 . TYR A 1 38 ? 5.714   13.491  -0.097  1.00 6.19   ? 37  TYR A CD2 1 
ATOM   303  C CE1 . TYR A 1 38 ? 8.393   12.900  0.102   1.00 8.32   ? 37  TYR A CE1 1 
ATOM   304  C CE2 . TYR A 1 38 ? 6.370   13.048  -1.192  1.00 7.20   ? 37  TYR A CE2 1 
ATOM   305  C CZ  . TYR A 1 38 ? 7.735   12.771  -1.111  1.00 11.31  ? 37  TYR A CZ  1 
ATOM   306  O OH  . TYR A 1 38 ? 8.440   12.320  -2.225  1.00 11.12  ? 37  TYR A OH  1 
ATOM   307  N N   . ILE A 1 39 ? 3.166   16.347  3.057   1.00 11.36  ? 38  ILE A N   1 
ATOM   308  C CA  . ILE A 1 39 ? 2.173   16.742  3.999   1.00 12.43  ? 38  ILE A CA  1 
ATOM   309  C C   . ILE A 1 39 ? 0.954   15.806  3.953   1.00 12.40  ? 38  ILE A C   1 
ATOM   310  O O   . ILE A 1 39 ? 0.519   15.384  2.891   1.00 13.03  ? 38  ILE A O   1 
ATOM   311  C CB  . ILE A 1 39 ? 1.776   18.228  3.801   1.00 13.52  ? 38  ILE A CB  1 
ATOM   312  C CG1 . ILE A 1 39 ? 3.033   19.106  3.967   1.00 13.93  ? 38  ILE A CG1 1 
ATOM   313  C CG2 . ILE A 1 39 ? 0.651   18.607  4.828   1.00 12.47  ? 38  ILE A CG2 1 
ATOM   314  C CD1 . ILE A 1 39 ? 2.779   20.514  3.930   1.00 18.47  ? 38  ILE A CD1 1 
ATOM   315  N N   . LEU A 1 40 ? 0.441   15.483  5.125   1.00 12.89  ? 39  LEU A N   1 
ATOM   316  C CA  . LEU A 1 40 ? -0.673  14.596  5.274   1.00 14.51  ? 39  LEU A CA  1 
ATOM   317  C C   . LEU A 1 40 ? -1.814  15.322  5.968   1.00 14.03  ? 39  LEU A C   1 
ATOM   318  O O   . LEU A 1 40 ? -1.592  15.981  6.978   1.00 14.41  ? 39  LEU A O   1 
ATOM   319  C CB  . LEU A 1 40 ? -0.218  13.398  6.138   1.00 14.70  ? 39  LEU A CB  1 
ATOM   320  C CG  . LEU A 1 40 ? -1.197  12.310  6.529   1.00 18.78  ? 39  LEU A CG  1 
ATOM   321  C CD1 . LEU A 1 40 ? -1.355  11.369  5.380   1.00 21.52  ? 39  LEU A CD1 1 
ATOM   322  C CD2 . LEU A 1 40 ? -0.710  11.525  7.721   1.00 23.75  ? 39  LEU A CD2 1 
ATOM   323  N N   . SER A 1 41 ? -3.029  15.186  5.447   1.00 13.71  ? 40  SER A N   1 
ATOM   324  C CA  . SER A 1 41 ? -4.217  15.784  6.067   1.00 13.79  ? 40  SER A CA  1 
ATOM   325  C C   . SER A 1 41 ? -5.441  14.871  5.974   1.00 13.60  ? 40  SER A C   1 
ATOM   326  O O   . SER A 1 41 ? -5.435  13.871  5.251   1.00 14.00  ? 40  SER A O   1 
ATOM   327  C CB  . SER A 1 41 ? -4.526  17.166  5.456   1.00 13.61  ? 40  SER A CB  1 
ATOM   328  O OG  . SER A 1 41 ? -4.867  17.062  4.086   1.00 13.45  ? 40  SER A OG  1 
ATOM   329  N N   . GLY A 1 42 ? -6.486  15.219  6.722   1.00 13.96  ? 41  GLY A N   1 
ATOM   330  C CA  . GLY A 1 42 ? -7.748  14.519  6.673   1.00 14.10  ? 41  GLY A CA  1 
ATOM   331  C C   . GLY A 1 42 ? -8.014  13.600  7.864   1.00 14.81  ? 41  GLY A C   1 
ATOM   332  O O   . GLY A 1 42 ? -7.530  13.820  8.979   1.00 16.12  ? 41  GLY A O   1 
ATOM   333  N N   . GLU A 1 43 ? -8.809  12.574  7.618   1.00 14.73  ? 42  GLU A N   1 
ATOM   334  C CA  . GLU A 1 43 ? -9.318  11.722  8.657   1.00 14.50  ? 42  GLU A CA  1 
ATOM   335  C C   . GLU A 1 43 ? -8.243  11.004  9.473   1.00 14.00  ? 42  GLU A C   1 
ATOM   336  O O   . GLU A 1 43 ? -7.494  10.189  8.954   1.00 13.54  ? 42  GLU A O   1 
ATOM   337  C CB  . GLU A 1 43 ? -10.316 10.725  8.053   1.00 14.29  ? 42  GLU A CB  1 
ATOM   338  C CG  . GLU A 1 43 ? -11.532 11.392  7.418   1.00 13.71  ? 42  GLU A CG  1 
ATOM   339  C CD  . GLU A 1 43 ? -12.465 10.348  6.825   1.00 17.65  ? 42  GLU A CD  1 
ATOM   340  O OE1 . GLU A 1 43 ? -13.595 10.696  6.448   1.00 22.36  ? 42  GLU A OE1 1 
ATOM   341  O OE2 . GLU A 1 43 ? -12.095 9.156   6.791   1.00 15.97  ? 42  GLU A OE2 1 
ATOM   342  N N   . GLY A 1 44 ? -8.194  11.342  10.759  1.00 14.33  ? 43  GLY A N   1 
ATOM   343  C CA  . GLY A 1 44 ? -7.248  10.809  11.713  1.00 13.34  ? 43  GLY A CA  1 
ATOM   344  C C   . GLY A 1 44 ? -5.851  11.385  11.614  1.00 14.37  ? 43  GLY A C   1 
ATOM   345  O O   . GLY A 1 44 ? -4.967  10.958  12.357  1.00 13.89  ? 43  GLY A O   1 
ATOM   346  N N   . ALA A 1 45 ? -5.635  12.372  10.734  1.00 14.34  ? 44  ALA A N   1 
ATOM   347  C CA  . ALA A 1 45 ? -4.290  12.967  10.592  1.00 15.60  ? 44  ALA A CA  1 
ATOM   348  C C   . ALA A 1 45 ? -3.890  13.615  11.906  1.00 16.85  ? 44  ALA A C   1 
ATOM   349  O O   . ALA A 1 45 ? -4.687  14.342  12.515  1.00 16.82  ? 44  ALA A O   1 
ATOM   350  C CB  . ALA A 1 45 ? -4.229  14.015  9.429   1.00 13.13  ? 44  ALA A CB  1 
ATOM   351  N N   . GLY A 1 46 ? -2.655  13.376  12.337  1.00 17.85  ? 45  GLY A N   1 
ATOM   352  C CA  . GLY A 1 46 ? -2.169  14.079  13.500  1.00 19.14  ? 45  GLY A CA  1 
ATOM   353  C C   . GLY A 1 46 ? -2.529  13.405  14.802  1.00 20.31  ? 45  GLY A C   1 
ATOM   354  O O   . GLY A 1 46 ? -1.761  13.499  15.765  1.00 22.72  ? 45  GLY A O   1 
ATOM   355  N N   . ILE A 1 47 ? -3.677  12.735  14.850  1.00 19.89  ? 46  ILE A N   1 
ATOM   356  C CA  . ILE A 1 47 ? -4.122  12.042  16.055  1.00 20.12  ? 46  ILE A CA  1 
ATOM   357  C C   . ILE A 1 47 ? -3.934  10.513  15.933  1.00 19.05  ? 46  ILE A C   1 
ATOM   358  O O   . ILE A 1 47 ? -3.508  9.846   16.874  1.00 20.47  ? 46  ILE A O   1 
ATOM   359  C CB  . ILE A 1 47 ? -5.598  12.415  16.390  1.00 20.38  ? 46  ILE A CB  1 
ATOM   360  C CG1 . ILE A 1 47 ? -5.738  13.919  16.659  1.00 23.72  ? 46  ILE A CG1 1 
ATOM   361  C CG2 . ILE A 1 47 ? -6.157  11.648  17.625  1.00 21.54  ? 46  ILE A CG2 1 
ATOM   362  C CD1 . ILE A 1 47 ? -7.181  14.367  16.686  1.00 27.06  ? 46  ILE A CD1 1 
ATOM   363  N N   . VAL A 1 48 ? -4.240  9.958   14.775  1.00 17.21  ? 47  VAL A N   1 
ATOM   364  C CA  . VAL A 1 48 ? -4.111  8.520   14.564  1.00 16.07  ? 47  VAL A CA  1 
ATOM   365  C C   . VAL A 1 48 ? -2.894  8.265   13.679  1.00 15.10  ? 47  VAL A C   1 
ATOM   366  O O   . VAL A 1 48 ? -2.091  7.421   13.984  1.00 14.95  ? 47  VAL A O   1 
ATOM   367  C CB  . VAL A 1 48 ? -5.431  7.938   13.995  1.00 16.14  ? 47  VAL A CB  1 
ATOM   368  C CG1 . VAL A 1 48 ? -5.295  6.473   13.650  1.00 15.77  ? 47  VAL A CG1 1 
ATOM   369  C CG2 . VAL A 1 48 ? -6.553  8.107   15.043  1.00 18.07  ? 47  VAL A CG2 1 
ATOM   370  N N   . PHE A 1 49 ? -2.711  9.067   12.635  1.00 14.31  ? 48  PHE A N   1 
ATOM   371  C CA  . PHE A 1 49 ? -1.637  8.872   11.656  1.00 13.13  ? 48  PHE A CA  1 
ATOM   372  C C   . PHE A 1 49 ? -0.730  10.085  11.616  1.00 14.32  ? 48  PHE A C   1 
ATOM   373  O O   . PHE A 1 49 ? -1.195  11.234  11.547  1.00 15.28  ? 48  PHE A O   1 
ATOM   374  C CB  . PHE A 1 49 ? -2.234  8.664   10.250  1.00 12.80  ? 48  PHE A CB  1 
ATOM   375  C CG  . PHE A 1 49 ? -3.260  7.555   10.183  1.00 10.44  ? 48  PHE A CG  1 
ATOM   376  C CD1 . PHE A 1 49 ? -4.606  7.849   9.936   1.00 6.61   ? 48  PHE A CD1 1 
ATOM   377  C CD2 . PHE A 1 49 ? -2.877  6.213   10.425  1.00 8.75   ? 48  PHE A CD2 1 
ATOM   378  C CE1 . PHE A 1 49 ? -5.563  6.843   9.895   1.00 9.68   ? 48  PHE A CE1 1 
ATOM   379  C CE2 . PHE A 1 49 ? -3.822  5.169   10.395  1.00 8.10   ? 48  PHE A CE2 1 
ATOM   380  C CZ  . PHE A 1 49 ? -5.169  5.483   10.129  1.00 8.43   ? 48  PHE A CZ  1 
ATOM   381  N N   . THR A 1 50 ? 0.567   9.836   11.603  1.00 13.96  ? 49  THR A N   1 
ATOM   382  C CA  . THR A 1 50 ? 1.510   10.918  11.440  1.00 13.72  ? 49  THR A CA  1 
ATOM   383  C C   . THR A 1 50 ? 2.377   10.642  10.222  1.00 12.68  ? 49  THR A C   1 
ATOM   384  O O   . THR A 1 50 ? 2.364   9.522   9.654   1.00 12.03  ? 49  THR A O   1 
ATOM   385  C CB  . THR A 1 50 ? 2.404   11.067  12.670  1.00 14.47  ? 49  THR A CB  1 
ATOM   386  O OG1 . THR A 1 50 ? 2.999   9.799   12.967  1.00 16.38  ? 49  THR A OG1 1 
ATOM   387  C CG2 . THR A 1 50 ? 1.570   11.595  13.873  1.00 16.41  ? 49  THR A CG2 1 
ATOM   388  N N   . ILE A 1 51 ? 3.080   11.673  9.787   1.00 10.77  ? 50  ILE A N   1 
ATOM   389  C CA  . ILE A 1 51 ? 3.957   11.564  8.640   1.00 12.02  ? 50  ILE A CA  1 
ATOM   390  C C   . ILE A 1 51 ? 5.312   12.187  8.988   1.00 12.44  ? 50  ILE A C   1 
ATOM   391  O O   . ILE A 1 51 ? 5.384   13.166  9.738   1.00 11.21  ? 50  ILE A O   1 
ATOM   392  C CB  . ILE A 1 51 ? 3.319   12.219  7.347   1.00 11.92  ? 50  ILE A CB  1 
ATOM   393  C CG1 . ILE A 1 51 ? 3.975   11.657  6.100   1.00 12.51  ? 50  ILE A CG1 1 
ATOM   394  C CG2 . ILE A 1 51 ? 3.413   13.784  7.383   1.00 10.69  ? 50  ILE A CG2 1 
ATOM   395  C CD1 . ILE A 1 51 ? 3.221   11.910  4.834   1.00 16.37  ? 50  ILE A CD1 1 
ATOM   396  N N   . ASP A 1 52 ? 6.373   11.582  8.464   1.00 14.10  ? 51  ASP A N   1 
ATOM   397  C CA  . ASP A 1 52 ? 7.669   12.245  8.393   1.00 15.10  ? 51  ASP A CA  1 
ATOM   398  C C   . ASP A 1 52 ? 7.729   13.025  7.075   1.00 14.99  ? 51  ASP A C   1 
ATOM   399  O O   . ASP A 1 52 ? 7.585   12.429  5.997   1.00 14.07  ? 51  ASP A O   1 
ATOM   400  C CB  . ASP A 1 52 ? 8.783   11.230  8.430   1.00 15.49  ? 51  ASP A CB  1 
ATOM   401  C CG  . ASP A 1 52 ? 10.167  11.897  8.517   1.00 18.91  ? 51  ASP A CG  1 
ATOM   402  O OD1 . ASP A 1 52 ? 10.513  12.719  7.630   1.00 19.65  ? 51  ASP A OD1 1 
ATOM   403  O OD2 . ASP A 1 52 ? 10.923  11.590  9.459   1.00 23.74  ? 51  ASP A OD2 1 
ATOM   404  N N   . ASP A 1 53 ? 7.993   14.334  7.158   1.00 15.05  ? 52  ASP A N   1 
ATOM   405  C CA  . ASP A 1 53 ? 7.794   15.209  5.997   1.00 14.66  ? 52  ASP A CA  1 
ATOM   406  C C   . ASP A 1 53 ? 8.929   15.105  5.000   1.00 14.07  ? 52  ASP A C   1 
ATOM   407  O O   . ASP A 1 53 ? 8.820   15.555  3.844   1.00 14.21  ? 52  ASP A O   1 
ATOM   408  C CB  . ASP A 1 53 ? 7.451   16.662  6.376   1.00 14.78  ? 52  ASP A CB  1 
ATOM   409  C CG  . ASP A 1 53 ? 8.671   17.524  6.788   1.00 18.49  ? 52  ASP A CG  1 
ATOM   410  O OD1 . ASP A 1 53 ? 8.401   18.484  7.515   1.00 24.08  ? 52  ASP A OD1 1 
ATOM   411  O OD2 . ASP A 1 53 ? 9.852   17.324  6.372   1.00 23.88  ? 52  ASP A OD2 1 
ATOM   412  N N   . THR A 1 54 ? 9.990   14.462  5.438   1.00 13.25  ? 53  THR A N   1 
ATOM   413  C CA  . THR A 1 54 ? 11.167  14.251  4.598   1.00 12.79  ? 53  THR A CA  1 
ATOM   414  C C   . THR A 1 54 ? 11.113  12.944  3.880   1.00 12.08  ? 53  THR A C   1 
ATOM   415  O O   . THR A 1 54 ? 11.264  12.899  2.649   1.00 13.10  ? 53  THR A O   1 
ATOM   416  C CB  . THR A 1 54 ? 12.496  14.327  5.448   1.00 13.90  ? 53  THR A CB  1 
ATOM   417  O OG1 . THR A 1 54 ? 12.655  15.661  5.952   1.00 15.91  ? 53  THR A OG1 1 
ATOM   418  C CG2 . THR A 1 54 ? 13.698  13.986  4.606   1.00 12.96  ? 53  THR A CG2 1 
ATOM   419  N N   . THR A 1 55 ? 10.904  11.875  4.647   1.00 11.56  ? 54  THR A N   1 
ATOM   420  C CA  . THR A 1 55 ? 10.819  10.505  4.115   1.00 11.55  ? 54  THR A CA  1 
ATOM   421  C C   . THR A 1 55 ? 9.443   10.169  3.517   1.00 10.70  ? 54  THR A C   1 
ATOM   422  O O   . THR A 1 55 ? 9.367   9.324   2.633   1.00 10.54  ? 54  THR A O   1 
ATOM   423  C CB  . THR A 1 55 ? 11.148  9.435   5.187   1.00 11.63  ? 54  THR A CB  1 
ATOM   424  O OG1 . THR A 1 55 ? 10.100  9.415   6.181   1.00 11.42  ? 54  THR A OG1 1 
ATOM   425  C CG2 . THR A 1 55 ? 12.525  9.717   5.875   1.00 12.53  ? 54  THR A CG2 1 
ATOM   426  N N   . GLY A 1 56 ? 8.377   10.822  4.000   1.00 10.07  ? 55  GLY A N   1 
ATOM   427  C CA  . GLY A 1 56 ? 7.011   10.521  3.522   1.00 9.31   ? 55  GLY A CA  1 
ATOM   428  C C   . GLY A 1 56 ? 6.388   9.342   4.279   1.00 8.34   ? 55  GLY A C   1 
ATOM   429  O O   . GLY A 1 56 ? 5.247   9.034   4.049   1.00 8.23   ? 55  GLY A O   1 
ATOM   430  N N   . ASP A 1 57 ? 7.138   8.730   5.199   1.00 9.09   ? 56  ASP A N   1 
ATOM   431  C CA  . ASP A 1 57 ? 6.703   7.572   6.026   1.00 11.32  ? 56  ASP A CA  1 
ATOM   432  C C   . ASP A 1 57 ? 5.493   7.877   6.917   1.00 10.78  ? 56  ASP A C   1 
ATOM   433  O O   . ASP A 1 57 ? 5.516   8.829   7.668   1.00 12.04  ? 56  ASP A O   1 
ATOM   434  C CB  . ASP A 1 57 ? 7.821   7.095   6.976   1.00 11.05  ? 56  ASP A CB  1 
ATOM   435  C CG  . ASP A 1 57 ? 9.007   6.382   6.257   1.00 15.81  ? 56  ASP A CG  1 
ATOM   436  O OD1 . ASP A 1 57 ? 8.988   6.064   5.035   1.00 15.54  ? 56  ASP A OD1 1 
ATOM   437  O OD2 . ASP A 1 57 ? 9.995   6.106   6.995   1.00 21.83  ? 56  ASP A OD2 1 
ATOM   438  N N   . ILE A 1 58 ? 4.511   6.993   6.917   1.00 10.63  ? 57  ILE A N   1 
ATOM   439  C CA  . ILE A 1 58 ? 3.279   7.182   7.693   1.00 10.47  ? 57  ILE A CA  1 
ATOM   440  C C   . ILE A 1 58 ? 3.230   6.144   8.772   1.00 9.58   ? 57  ILE A C   1 
ATOM   441  O O   . ILE A 1 58 ? 3.466   4.989   8.515   1.00 7.90   ? 57  ILE A O   1 
ATOM   442  C CB  . ILE A 1 58 ? 1.976   7.054   6.792   1.00 9.64   ? 57  ILE A CB  1 
ATOM   443  C CG1 . ILE A 1 58 ? 1.985   8.109   5.682   1.00 12.12  ? 57  ILE A CG1 1 
ATOM   444  C CG2 . ILE A 1 58 ? 0.691   7.169   7.612   1.00 9.87   ? 57  ILE A CG2 1 
ATOM   445  C CD1 . ILE A 1 58 ? 1.138   7.723   4.509   1.00 13.88  ? 57  ILE A CD1 1 
ATOM   446  N N   . HIS A 1 59 ? 2.889   6.567   9.979   1.00 10.27  ? 58  HIS A N   1 
ATOM   447  C CA  . HIS A 1 59 ? 2.742   5.643   11.098  1.00 10.86  ? 58  HIS A CA  1 
ATOM   448  C C   . HIS A 1 59 ? 1.392   5.874   11.712  1.00 10.40  ? 58  HIS A C   1 
ATOM   449  O O   . HIS A 1 59 ? 0.908   7.019   11.752  1.00 9.32   ? 58  HIS A O   1 
ATOM   450  C CB  . HIS A 1 59 ? 3.823   5.841   12.192  1.00 11.10  ? 58  HIS A CB  1 
ATOM   451  C CG  . HIS A 1 59 ? 5.205   5.441   11.761  1.00 12.20  ? 58  HIS A CG  1 
ATOM   452  N ND1 . HIS A 1 59 ? 6.021   6.277   11.013  1.00 12.84  ? 58  HIS A ND1 1 
ATOM   453  C CD2 . HIS A 1 59 ? 5.911   4.295   11.962  1.00 7.92   ? 58  HIS A CD2 1 
ATOM   454  C CE1 . HIS A 1 59 ? 7.174   5.663   10.782  1.00 10.00  ? 58  HIS A CE1 1 
ATOM   455  N NE2 . HIS A 1 59 ? 7.125   4.458   11.333  1.00 8.78   ? 58  HIS A NE2 1 
ATOM   456  N N   . ALA A 1 60 ? 0.824   4.776   12.208  1.00 8.93   ? 59  ALA A N   1 
ATOM   457  C CA  . ALA A 1 60 ? -0.373  4.824   12.999  1.00 10.86  ? 59  ALA A CA  1 
ATOM   458  C C   . ALA A 1 60 ? 0.125   4.747   14.413  1.00 11.46  ? 59  ALA A C   1 
ATOM   459  O O   . ALA A 1 60 ? 1.014   3.918   14.748  1.00 11.74  ? 59  ALA A O   1 
ATOM   460  C CB  . ALA A 1 60 ? -1.282  3.641   12.674  1.00 11.00  ? 59  ALA A CB  1 
ATOM   461  N N   . ILE A 1 61 ? -0.444  5.594   15.251  1.00 12.02  ? 60  ILE A N   1 
ATOM   462  C CA  . ILE A 1 61 ? 0.097   5.806   16.583  1.00 13.56  ? 60  ILE A CA  1 
ATOM   463  C C   . ILE A 1 61 ? -0.950  5.599   17.683  1.00 15.26  ? 60  ILE A C   1 
ATOM   464  O O   . ILE A 1 61 ? -0.691  5.954   18.828  1.00 15.29  ? 60  ILE A O   1 
ATOM   465  C CB  . ILE A 1 61 ? 0.761   7.223   16.742  1.00 13.05  ? 60  ILE A CB  1 
ATOM   466  C CG1 . ILE A 1 61 ? -0.221  8.370   16.420  1.00 12.17  ? 60  ILE A CG1 1 
ATOM   467  C CG2 . ILE A 1 61 ? 2.027   7.336   15.902  1.00 12.70  ? 60  ILE A CG2 1 
ATOM   468  C CD1 . ILE A 1 61 ? 0.123   9.719   17.149  1.00 16.58  ? 60  ILE A CD1 1 
ATOM   469  N N   . GLN A 1 62 ? -2.105  5.043   17.322  1.00 15.89  ? 61  GLN A N   1 
ATOM   470  C CA  . GLN A 1 62 ? -3.166  4.668   18.291  1.00 17.56  ? 61  GLN A CA  1 
ATOM   471  C C   . GLN A 1 62 ? -3.538  3.226   18.029  1.00 16.46  ? 61  GLN A C   1 
ATOM   472  O O   . GLN A 1 62 ? -3.337  2.754   16.923  1.00 15.73  ? 61  GLN A O   1 
ATOM   473  C CB  . GLN A 1 62 ? -4.442  5.526   18.109  1.00 16.50  ? 61  GLN A CB  1 
ATOM   474  C CG  . GLN A 1 62 ? -4.314  6.980   18.590  1.00 23.45  ? 61  GLN A CG  1 
ATOM   475  C CD  . GLN A 1 62 ? -5.659  7.631   18.994  1.00 27.19  ? 61  GLN A CD  1 
ATOM   476  O OE1 . GLN A 1 62 ? -6.758  7.180   18.611  1.00 27.86  ? 61  GLN A OE1 1 
ATOM   477  N NE2 . GLN A 1 62 ? -5.565  8.699   19.775  1.00 30.10  ? 61  GLN A NE2 1 
ATOM   478  N N   . ARG A 1 63 ? -4.093  2.555   19.035  1.00 17.43  ? 62  ARG A N   1 
ATOM   479  C CA  . ARG A 1 63 ? -4.626  1.214   18.887  1.00 19.02  ? 62  ARG A CA  1 
ATOM   480  C C   . ARG A 1 63 ? -5.982  1.316   18.183  1.00 20.06  ? 62  ARG A C   1 
ATOM   481  O O   . ARG A 1 63 ? -6.831  2.108   18.557  1.00 21.12  ? 62  ARG A O   1 
ATOM   482  C CB  . ARG A 1 63 ? -4.680  0.495   20.249  1.00 20.24  ? 62  ARG A CB  1 
ATOM   483  C CG  . ARG A 1 63 ? -5.363  -0.875  20.256  1.00 20.35  ? 62  ARG A CG  1 
ATOM   484  C CD  . ARG A 1 63 ? -4.448  -1.920  20.877  1.00 21.81  ? 62  ARG A CD  1 
ATOM   485  N NE  . ARG A 1 63 ? -5.058  -3.253  20.866  1.00 21.59  ? 62  ARG A NE  1 
ATOM   486  C CZ  . ARG A 1 63 ? -4.842  -4.204  19.963  1.00 19.91  ? 62  ARG A CZ  1 
ATOM   487  N NH1 . ARG A 1 63 ? -3.970  -4.036  18.974  1.00 19.99  ? 62  ARG A NH1 1 
ATOM   488  N NH2 . ARG A 1 63 ? -5.457  -5.367  20.103  1.00 17.50  ? 62  ARG A NH2 1 
ATOM   489  N N   . LEU A 1 64 ? -6.144  0.597   17.083  1.00 21.26  ? 63  LEU A N   1 
ATOM   490  C CA  . LEU A 1 64 ? -7.328  0.785   16.237  1.00 21.76  ? 63  LEU A CA  1 
ATOM   491  C C   . LEU A 1 64 ? -8.179  -0.472  16.212  1.00 23.15  ? 63  LEU A C   1 
ATOM   492  O O   . LEU A 1 64 ? -7.677  -1.579  16.461  1.00 23.52  ? 63  LEU A O   1 
ATOM   493  C CB  . LEU A 1 64 ? -6.943  1.210   14.828  1.00 20.39  ? 63  LEU A CB  1 
ATOM   494  C CG  . LEU A 1 64 ? -6.087  2.492   14.809  1.00 20.57  ? 63  LEU A CG  1 
ATOM   495  C CD1 . LEU A 1 64 ? -5.568  2.781   13.427  1.00 17.48  ? 63  LEU A CD1 1 
ATOM   496  C CD2 . LEU A 1 64 ? -6.837  3.683   15.422  1.00 20.01  ? 63  LEU A CD2 1 
ATOM   497  N N   . ASP A 1 65 ? -9.466  -0.287  15.934  1.00 24.06  ? 64  ASP A N   1 
ATOM   498  C CA  . ASP A 1 65 ? -10.420 -1.401  15.862  1.00 25.84  ? 64  ASP A CA  1 
ATOM   499  C C   . ASP A 1 65 ? -11.257 -1.260  14.600  1.00 24.81  ? 64  ASP A C   1 
ATOM   500  O O   . ASP A 1 65 ? -11.843 -0.217  14.367  1.00 24.32  ? 64  ASP A O   1 
ATOM   501  C CB  . ASP A 1 65 ? -11.293 -1.438  17.120  1.00 27.34  ? 64  ASP A CB  1 
ATOM   502  C CG  . ASP A 1 65 ? -12.331 -2.569  17.102  1.00 30.41  ? 64  ASP A CG  1 
ATOM   503  O OD1 . ASP A 1 65 ? -11.963 -3.734  16.823  1.00 34.38  ? 64  ASP A OD1 1 
ATOM   504  O OD2 . ASP A 1 65 ? -13.509 -2.289  17.416  1.00 33.19  ? 64  ASP A OD2 1 
ATOM   505  N N   . ARG A 1 66 ? -11.257 -2.291  13.756  1.00 24.87  ? 65  ARG A N   1 
ATOM   506  C CA  . ARG A 1 66 ? -11.959 -2.208  12.476  1.00 24.74  ? 65  ARG A CA  1 
ATOM   507  C C   . ARG A 1 66 ? -13.446 -1.899  12.701  1.00 25.32  ? 65  ARG A C   1 
ATOM   508  O O   . ARG A 1 66 ? -14.024 -1.020  12.028  1.00 24.97  ? 65  ARG A O   1 
ATOM   509  C CB  . ARG A 1 66 ? -11.739 -3.467  11.616  1.00 24.45  ? 65  ARG A CB  1 
ATOM   510  C CG  . ARG A 1 66 ? -12.447 -3.431  10.293  1.00 23.19  ? 65  ARG A CG  1 
ATOM   511  C CD  . ARG A 1 66 ? -11.975 -4.487  9.311   1.00 23.83  ? 65  ARG A CD  1 
ATOM   512  N NE  . ARG A 1 66 ? -12.885 -4.519  8.167   1.00 25.14  ? 65  ARG A NE  1 
ATOM   513  C CZ  . ARG A 1 66 ? -12.740 -3.809  7.040   1.00 31.59  ? 65  ARG A CZ  1 
ATOM   514  N NH1 . ARG A 1 66 ? -11.685 -2.992  6.859   1.00 34.20  ? 65  ARG A NH1 1 
ATOM   515  N NH2 . ARG A 1 66 ? -13.658 -3.910  6.068   1.00 32.62  ? 65  ARG A NH2 1 
ATOM   516  N N   . GLU A 1 67 ? -14.057 -2.581  13.670  1.00 25.52  ? 66  GLU A N   1 
ATOM   517  C CA  . GLU A 1 67 ? -15.499 -2.434  13.905  1.00 25.81  ? 66  GLU A CA  1 
ATOM   518  C C   . GLU A 1 67 ? -15.874 -1.007  14.323  1.00 25.76  ? 66  GLU A C   1 
ATOM   519  O O   . GLU A 1 67 ? -16.967 -0.559  14.006  1.00 26.88  ? 66  GLU A O   1 
ATOM   520  C CB  . GLU A 1 67 ? -16.041 -3.484  14.900  1.00 26.11  ? 66  GLU A CB  1 
ATOM   521  N N   . GLU A 1 68 ? -14.971 -0.287  14.997  1.00 25.00  ? 67  GLU A N   1 
ATOM   522  C CA  . GLU A 1 68 ? -15.154 1.159   15.226  1.00 23.81  ? 67  GLU A CA  1 
ATOM   523  C C   . GLU A 1 68 ? -15.016 2.005   13.936  1.00 23.07  ? 67  GLU A C   1 
ATOM   524  O O   . GLU A 1 68 ? -15.784 2.938   13.710  1.00 24.25  ? 67  GLU A O   1 
ATOM   525  C CB  . GLU A 1 68 ? -14.191 1.637   16.316  1.00 24.44  ? 67  GLU A CB  1 
ATOM   526  N N   . ARG A 1 69 ? -14.052 1.669   13.080  1.00 21.47  ? 68  ARG A N   1 
ATOM   527  C CA  . ARG A 1 69 ? -13.847 2.371   11.821  1.00 19.84  ? 68  ARG A CA  1 
ATOM   528  C C   . ARG A 1 69 ? -12.931 1.583   10.911  1.00 18.10  ? 68  ARG A C   1 
ATOM   529  O O   . ARG A 1 69 ? -11.774 1.334   11.247  1.00 18.50  ? 68  ARG A O   1 
ATOM   530  C CB  . ARG A 1 69 ? -13.183 3.728   12.073  1.00 20.02  ? 68  ARG A CB  1 
ATOM   531  C CG  . ARG A 1 69 ? -13.171 4.569   10.841  1.00 22.61  ? 68  ARG A CG  1 
ATOM   532  C CD  . ARG A 1 69 ? -13.069 6.032   11.233  1.00 26.39  ? 68  ARG A CD  1 
ATOM   533  N NE  . ARG A 1 69 ? -14.355 6.642   10.986  1.00 33.10  ? 68  ARG A NE  1 
ATOM   534  C CZ  . ARG A 1 69 ? -14.726 7.144   9.809   1.00 32.92  ? 68  ARG A CZ  1 
ATOM   535  N NH1 . ARG A 1 69 ? -13.893 7.151   8.764   1.00 34.45  ? 68  ARG A NH1 1 
ATOM   536  N NH2 . ARG A 1 69 ? -15.923 7.652   9.693   1.00 31.55  ? 68  ARG A NH2 1 
ATOM   537  N N   . SER A 1 70 ? -13.439 1.218   9.753   1.00 16.73  ? 69  SER A N   1 
ATOM   538  C CA  . SER A 1 70 ? -12.746 0.304   8.885   1.00 16.34  ? 69  SER A CA  1 
ATOM   539  C C   . SER A 1 70 ? -11.800 1.041   7.961   1.00 15.53  ? 69  SER A C   1 
ATOM   540  O O   . SER A 1 70 ? -10.928 0.417   7.362   1.00 15.49  ? 69  SER A O   1 
ATOM   541  C CB  . SER A 1 70 ? -13.740 -0.496  8.048   1.00 16.41  ? 69  SER A CB  1 
ATOM   542  O OG  . SER A 1 70 ? -14.463 0.321   7.112   1.00 18.16  ? 69  SER A OG  1 
ATOM   543  N N   . GLN A 1 71 ? -11.989 2.356   7.833   1.00 15.02  ? 70  GLN A N   1 
ATOM   544  C CA  . GLN A 1 71 ? -11.189 3.127   6.897   1.00 15.76  ? 70  GLN A CA  1 
ATOM   545  C C   . GLN A 1 71 ? -11.132 4.648   7.087   1.00 14.77  ? 70  GLN A C   1 
ATOM   546  O O   . GLN A 1 71 ? -12.073 5.298   7.592   1.00 15.57  ? 70  GLN A O   1 
ATOM   547  C CB  . GLN A 1 71 ? -11.562 2.774   5.450   1.00 17.15  ? 70  GLN A CB  1 
ATOM   548  C CG  . GLN A 1 71 ? -12.880 3.318   4.965   1.00 21.41  ? 70  GLN A CG  1 
ATOM   549  C CD  . GLN A 1 71 ? -12.966 3.235   3.446   1.00 26.16  ? 70  GLN A CD  1 
ATOM   550  O OE1 . GLN A 1 71 ? -13.048 2.150   2.881   1.00 27.82  ? 70  GLN A OE1 1 
ATOM   551  N NE2 . GLN A 1 71 ? -12.957 4.392   2.789   1.00 28.19  ? 70  GLN A NE2 1 
ATOM   552  N N   . TYR A 1 72 ? -9.985  5.193   6.709   1.00 12.54  ? 71  TYR A N   1 
ATOM   553  C CA  . TYR A 1 72 ? -9.705  6.616   6.791   1.00 11.84  ? 71  TYR A CA  1 
ATOM   554  C C   . TYR A 1 72 ? -9.375  7.202   5.457   1.00 10.98  ? 71  TYR A C   1 
ATOM   555  O O   . TYR A 1 72 ? -8.547  6.659   4.735   1.00 9.97   ? 71  TYR A O   1 
ATOM   556  C CB  . TYR A 1 72 ? -8.555  6.853   7.754   1.00 10.60  ? 71  TYR A CB  1 
ATOM   557  C CG  . TYR A 1 72 ? -8.862  6.360   9.141   1.00 9.37   ? 71  TYR A CG  1 
ATOM   558  C CD1 . TYR A 1 72 ? -8.773  4.983   9.443   1.00 10.22  ? 71  TYR A CD1 1 
ATOM   559  C CD2 . TYR A 1 72 ? -9.195  7.253   10.181  1.00 11.32  ? 71  TYR A CD2 1 
ATOM   560  C CE1 . TYR A 1 72 ? -9.070  4.483   10.719  1.00 10.80  ? 71  TYR A CE1 1 
ATOM   561  C CE2 . TYR A 1 72 ? -9.416  6.766   11.507  1.00 12.81  ? 71  TYR A CE2 1 
ATOM   562  C CZ  . TYR A 1 72 ? -9.353  5.370   11.749  1.00 12.02  ? 71  TYR A CZ  1 
ATOM   563  O OH  . TYR A 1 72 ? -9.588  4.843   12.989  1.00 12.88  ? 71  TYR A OH  1 
ATOM   564  N N   . THR A 1 73 ? -10.020 8.318   5.134   1.00 11.37  ? 72  THR A N   1 
ATOM   565  C CA  . THR A 1 73 ? -9.746  9.045   3.890   1.00 11.33  ? 72  THR A CA  1 
ATOM   566  C C   . THR A 1 73 ? -8.790  10.216  4.146   1.00 11.32  ? 72  THR A C   1 
ATOM   567  O O   . THR A 1 73 ? -9.075  11.116  4.928   1.00 11.91  ? 72  THR A O   1 
ATOM   568  C CB  . THR A 1 73 ? -11.033 9.569   3.251   1.00 12.99  ? 72  THR A CB  1 
ATOM   569  O OG1 . THR A 1 73 ? -11.954 8.471   3.079   1.00 12.24  ? 72  THR A OG1 1 
ATOM   570  C CG2 . THR A 1 73 ? -10.711 10.226  1.892   1.00 11.07  ? 72  THR A CG2 1 
ATOM   571  N N   . LEU A 1 74 ? -7.612  10.161  3.541   1.00 10.83  ? 73  LEU A N   1 
ATOM   572  C CA  . LEU A 1 74 ? -6.607  11.145  3.828   1.00 10.01  ? 73  LEU A CA  1 
ATOM   573  C C   . LEU A 1 74 ? -6.266  11.878  2.584   1.00 10.61  ? 73  LEU A C   1 
ATOM   574  O O   . LEU A 1 74 ? -6.699  11.506  1.492   1.00 10.36  ? 73  LEU A O   1 
ATOM   575  C CB  . LEU A 1 74 ? -5.369  10.504  4.428   1.00 9.71   ? 73  LEU A CB  1 
ATOM   576  C CG  . LEU A 1 74 ? -5.670  10.072  5.862   1.00 9.92   ? 73  LEU A CG  1 
ATOM   577  C CD1 . LEU A 1 74 ? -5.801  8.557   5.966   1.00 7.62   ? 73  LEU A CD1 1 
ATOM   578  C CD2 . LEU A 1 74 ? -4.665  10.635  6.867   1.00 8.89   ? 73  LEU A CD2 1 
ATOM   579  N N   . ARG A 1 75 ? -5.447  12.905  2.735   1.00 10.51  ? 74  ARG A N   1 
ATOM   580  C CA  . ARG A 1 75 ? -5.016  13.670  1.591   1.00 11.40  ? 74  ARG A CA  1 
ATOM   581  C C   . ARG A 1 75 ? -3.489  13.838  1.592   1.00 10.96  ? 74  ARG A C   1 
ATOM   582  O O   . ARG A 1 75 ? -2.918  14.142  2.642   1.00 10.70  ? 74  ARG A O   1 
ATOM   583  C CB  . ARG A 1 75 ? -5.696  15.026  1.619   1.00 10.65  ? 74  ARG A CB  1 
ATOM   584  C CG  . ARG A 1 75 ? -7.182  14.962  1.351   1.00 16.36  ? 74  ARG A CG  1 
ATOM   585  C CD  . ARG A 1 75 ? -7.782  16.312  0.910   1.00 19.84  ? 74  ARG A CD  1 
ATOM   586  N NE  . ARG A 1 75 ? -8.789  15.997  -0.083  1.00 30.70  ? 74  ARG A NE  1 
ATOM   587  C CZ  . ARG A 1 75 ? -8.641  16.115  -1.405  1.00 35.01  ? 74  ARG A CZ  1 
ATOM   588  N NH1 . ARG A 1 75 ? -7.528  16.601  -1.941  1.00 36.92  ? 74  ARG A NH1 1 
ATOM   589  N NH2 . ARG A 1 75 ? -9.645  15.772  -2.203  1.00 38.67  ? 74  ARG A NH2 1 
ATOM   590  N N   . ALA A 1 76 ? -2.868  13.689  0.416   1.00 9.06   ? 75  ALA A N   1 
ATOM   591  C CA  . ALA A 1 76 ? -1.432  13.769  0.284   1.00 9.16   ? 75  ALA A CA  1 
ATOM   592  C C   . ALA A 1 76 ? -1.037  15.063  -0.421  1.00 9.62   ? 75  ALA A C   1 
ATOM   593  O O   . ALA A 1 76 ? -1.633  15.413  -1.445  1.00 9.84   ? 75  ALA A O   1 
ATOM   594  C CB  . ALA A 1 76 ? -0.918  12.615  -0.509  1.00 7.47   ? 75  ALA A CB  1 
ATOM   595  N N   . GLN A 1 77 ? 0.009   15.717  0.089   1.00 9.62   ? 76  GLN A N   1 
ATOM   596  C CA  . GLN A 1 77 ? 0.632   16.860  -0.602  1.00 9.56   ? 76  GLN A CA  1 
ATOM   597  C C   . GLN A 1 77 ? 2.138   16.704  -0.719  1.00 9.40   ? 76  GLN A C   1 
ATOM   598  O O   . GLN A 1 77 ? 2.787   16.164  0.155   1.00 7.50   ? 76  GLN A O   1 
ATOM   599  C CB  . GLN A 1 77 ? 0.335   18.180  0.128   1.00 9.57   ? 76  GLN A CB  1 
ATOM   600  C CG  . GLN A 1 77 ? -1.144  18.537  0.205   1.00 14.12  ? 76  GLN A CG  1 
ATOM   601  C CD  . GLN A 1 77 ? -1.402  19.839  0.970   1.00 19.22  ? 76  GLN A CD  1 
ATOM   602  O OE1 . GLN A 1 77 ? -0.900  20.897  0.591   1.00 21.83  ? 76  GLN A OE1 1 
ATOM   603  N NE2 . GLN A 1 77 ? -2.148  19.753  2.070   1.00 18.76  ? 76  GLN A NE2 1 
ATOM   604  N N   . ALA A 1 78 ? 2.692   17.197  -1.822  1.00 9.96   ? 77  ALA A N   1 
ATOM   605  C CA  . ALA A 1 78 ? 4.114   17.173  -2.003  1.00 10.98  ? 77  ALA A CA  1 
ATOM   606  C C   . ALA A 1 78 ? 4.483   18.637  -2.336  1.00 11.88  ? 77  ALA A C   1 
ATOM   607  O O   . ALA A 1 78 ? 4.137   19.125  -3.429  1.00 12.08  ? 77  ALA A O   1 
ATOM   608  C CB  . ALA A 1 78 ? 4.485   16.229  -3.156  1.00 10.05  ? 77  ALA A CB  1 
ATOM   609  N N   . LEU A 1 79 ? 5.098   19.341  -1.385  1.00 11.50  ? 78  LEU A N   1 
ATOM   610  C CA  . LEU A 1 79 ? 5.547   20.718  -1.648  1.00 12.61  ? 78  LEU A CA  1 
ATOM   611  C C   . LEU A 1 79 ? 7.045   20.828  -1.922  1.00 13.00  ? 78  LEU A C   1 
ATOM   612  O O   . LEU A 1 79 ? 7.851   20.027  -1.413  1.00 12.21  ? 78  LEU A O   1 
ATOM   613  C CB  . LEU A 1 79 ? 5.161   21.633  -0.500  1.00 12.78  ? 78  LEU A CB  1 
ATOM   614  C CG  . LEU A 1 79 ? 3.751   21.415  0.029   1.00 14.87  ? 78  LEU A CG  1 
ATOM   615  C CD1 . LEU A 1 79 ? 3.521   22.442  1.153   1.00 19.79  ? 78  LEU A CD1 1 
ATOM   616  C CD2 . LEU A 1 79 ? 2.738   21.570  -1.093  1.00 12.13  ? 78  LEU A CD2 1 
ATOM   617  N N   . ASP A 1 80 ? 7.421   21.786  -2.761  1.00 14.90  ? 79  ASP A N   1 
ATOM   618  C CA  . ASP A 1 80 ? 8.828   22.114  -2.887  1.00 16.88  ? 79  ASP A CA  1 
ATOM   619  C C   . ASP A 1 80 ? 9.228   22.680  -1.517  1.00 17.20  ? 79  ASP A C   1 
ATOM   620  O O   . ASP A 1 80 ? 8.646   23.637  -1.052  1.00 17.66  ? 79  ASP A O   1 
ATOM   621  C CB  . ASP A 1 80 ? 9.090   23.125  -4.001  1.00 17.09  ? 79  ASP A CB  1 
ATOM   622  C CG  . ASP A 1 80 ? 10.556  23.624  -4.009  1.00 20.65  ? 79  ASP A CG  1 
ATOM   623  O OD1 . ASP A 1 80 ? 11.499  22.901  -4.412  1.00 21.40  ? 79  ASP A OD1 1 
ATOM   624  O OD2 . ASP A 1 80 ? 10.771  24.768  -3.567  1.00 26.54  ? 79  ASP A OD2 1 
ATOM   625  N N   . ARG A 1 81 ? 10.181  22.036  -0.859  1.00 18.34  ? 80  ARG A N   1 
ATOM   626  C CA  . ARG A 1 81 ? 10.688  22.484  0.464   1.00 18.67  ? 80  ARG A CA  1 
ATOM   627  C C   . ARG A 1 81 ? 11.163  23.971  0.535   1.00 17.96  ? 80  ARG A C   1 
ATOM   628  O O   . ARG A 1 81 ? 10.994  24.663  1.560   1.00 17.85  ? 80  ARG A O   1 
ATOM   629  C CB  . ARG A 1 81 ? 11.810  21.536  0.863   1.00 18.81  ? 80  ARG A CB  1 
ATOM   630  C CG  . ARG A 1 81 ? 12.698  21.899  2.028   1.00 20.32  ? 80  ARG A CG  1 
ATOM   631  C CD  . ARG A 1 81 ? 12.274  21.199  3.285   1.00 20.12  ? 80  ARG A CD  1 
ATOM   632  N NE  . ARG A 1 81 ? 11.874  19.811  3.089   1.00 18.27  ? 80  ARG A NE  1 
ATOM   633  C CZ  . ARG A 1 81 ? 11.256  19.110  4.030   1.00 18.83  ? 80  ARG A CZ  1 
ATOM   634  N NH1 . ARG A 1 81 ? 11.048  19.678  5.213   1.00 15.29  ? 80  ARG A NH1 1 
ATOM   635  N NH2 . ARG A 1 81 ? 10.890  17.841  3.815   1.00 16.72  ? 80  ARG A NH2 1 
ATOM   636  N N   . ARG A 1 82 ? 11.738  24.478  -0.538  1.00 17.92  ? 81  ARG A N   1 
ATOM   637  C CA  . ARG A 1 82 ? 12.272  25.859  -0.498  1.00 17.63  ? 81  ARG A CA  1 
ATOM   638  C C   . ARG A 1 82 ? 11.178  26.908  -0.696  1.00 17.59  ? 81  ARG A C   1 
ATOM   639  O O   . ARG A 1 82 ? 11.137  27.861  0.049   1.00 18.54  ? 81  ARG A O   1 
ATOM   640  C CB  . ARG A 1 82 ? 13.466  26.041  -1.440  1.00 17.82  ? 81  ARG A CB  1 
ATOM   641  N N   . THR A 1 83 ? 10.232  26.691  -1.618  1.00 16.71  ? 82  THR A N   1 
ATOM   642  C CA  . THR A 1 83 ? 9.255   27.701  -1.947  1.00 16.18  ? 82  THR A CA  1 
ATOM   643  C C   . THR A 1 83 ? 7.881   27.427  -1.322  1.00 16.72  ? 82  THR A C   1 
ATOM   644  O O   . THR A 1 83 ? 7.058   28.346  -1.212  1.00 15.40  ? 82  THR A O   1 
ATOM   645  C CB  . THR A 1 83 ? 9.055   27.819  -3.470  1.00 16.30  ? 82  THR A CB  1 
ATOM   646  O OG1 . THR A 1 83 ? 8.393   26.657  -3.944  1.00 18.13  ? 82  THR A OG1 1 
ATOM   647  C CG2 . THR A 1 83 ? 10.388  27.981  -4.246  1.00 17.11  ? 82  THR A CG2 1 
ATOM   648  N N   . GLY A 1 84 ? 7.618   26.165  -0.936  1.00 16.34  ? 83  GLY A N   1 
ATOM   649  C CA  . GLY A 1 84 ? 6.284   25.776  -0.427  1.00 16.10  ? 83  GLY A CA  1 
ATOM   650  C C   . GLY A 1 84 ? 5.254   25.603  -1.538  1.00 16.45  ? 83  GLY A C   1 
ATOM   651  O O   . GLY A 1 84 ? 4.087   25.356  -1.283  1.00 18.33  ? 83  GLY A O   1 
ATOM   652  N N   . ARG A 1 85 ? 5.679   25.698  -2.780  1.00 18.06  ? 84  ARG A N   1 
ATOM   653  C CA  . ARG A 1 85 ? 4.786   25.478  -3.920  1.00 18.59  ? 84  ARG A CA  1 
ATOM   654  C C   . ARG A 1 85 ? 4.547   23.999  -4.223  1.00 18.15  ? 84  ARG A C   1 
ATOM   655  O O   . ARG A 1 85 ? 5.468   23.191  -4.152  1.00 15.94  ? 84  ARG A O   1 
ATOM   656  C CB  . ARG A 1 85 ? 5.330   26.184  -5.145  1.00 19.32  ? 84  ARG A CB  1 
ATOM   657  C CG  . ARG A 1 85 ? 5.382   27.704  -4.917  1.00 23.37  ? 84  ARG A CG  1 
ATOM   658  C CD  . ARG A 1 85 ? 5.405   28.473  -6.186  1.00 27.49  ? 84  ARG A CD  1 
ATOM   659  N NE  . ARG A 1 85 ? 6.345   29.571  -6.044  1.00 32.66  ? 84  ARG A NE  1 
ATOM   660  C CZ  . ARG A 1 85 ? 7.620   29.513  -6.425  1.00 34.88  ? 84  ARG A CZ  1 
ATOM   661  N NH1 . ARG A 1 85 ? 8.113   28.411  -7.009  1.00 35.59  ? 84  ARG A NH1 1 
ATOM   662  N NH2 . ARG A 1 85 ? 8.403   30.556  -6.229  1.00 34.23  ? 84  ARG A NH2 1 
ATOM   663  N N   . PRO A 1 86 ? 3.297   23.645  -4.592  1.00 19.34  ? 85  PRO A N   1 
ATOM   664  C CA  . PRO A 1 86 ? 3.016   22.228  -4.838  1.00 19.19  ? 85  PRO A CA  1 
ATOM   665  C C   . PRO A 1 86 ? 3.799   21.708  -6.054  1.00 19.79  ? 85  PRO A C   1 
ATOM   666  O O   . PRO A 1 86 ? 4.083   22.453  -7.000  1.00 20.29  ? 85  PRO A O   1 
ATOM   667  C CB  . PRO A 1 86 ? 1.490   22.197  -5.064  1.00 19.51  ? 85  PRO A CB  1 
ATOM   668  C CG  . PRO A 1 86 ? 0.978   23.527  -4.494  1.00 19.84  ? 85  PRO A CG  1 
ATOM   669  C CD  . PRO A 1 86 ? 2.104   24.486  -4.830  1.00 18.72  ? 85  PRO A CD  1 
ATOM   670  N N   . MET A 1 87 ? 4.223   20.459  -5.968  1.00 19.90  ? 86  MET A N   1 
ATOM   671  C CA  . MET A 1 87 ? 4.927   19.778  -7.034  1.00 20.73  ? 86  MET A CA  1 
ATOM   672  C C   . MET A 1 87 ? 4.072   18.687  -7.645  1.00 20.15  ? 86  MET A C   1 
ATOM   673  O O   . MET A 1 87 ? 4.415   18.132  -8.700  1.00 20.70  ? 86  MET A O   1 
ATOM   674  C CB  . MET A 1 87 ? 6.220   19.180  -6.492  1.00 21.21  ? 86  MET A CB  1 
ATOM   675  C CG  . MET A 1 87 ? 7.344   20.226  -6.443  1.00 24.86  ? 86  MET A CG  1 
ATOM   676  S SD  . MET A 1 87 ? 8.688   19.490  -5.560  1.00 33.95  ? 86  MET A SD  1 
ATOM   677  C CE  . MET A 1 87 ? 9.724   18.917  -6.913  1.00 34.46  ? 86  MET A CE  1 
ATOM   678  N N   . GLU A 1 88 ? 3.000   18.359  -6.932  1.00 18.91  ? 87  GLU A N   1 
ATOM   679  C CA  . GLU A 1 88 ? 1.991   17.361  -7.305  1.00 18.80  ? 87  GLU A CA  1 
ATOM   680  C C   . GLU A 1 88 ? 0.582   17.918  -6.956  1.00 18.72  ? 87  GLU A C   1 
ATOM   681  O O   . GLU A 1 88 ? 0.428   18.674  -5.986  1.00 17.60  ? 87  GLU A O   1 
ATOM   682  C CB  . GLU A 1 88 ? 2.186   16.065  -6.488  1.00 17.98  ? 87  GLU A CB  1 
ATOM   683  C CG  . GLU A 1 88 ? 3.519   15.341  -6.667  1.00 17.98  ? 87  GLU A CG  1 
ATOM   684  C CD  . GLU A 1 88 ? 3.645   14.623  -8.001  1.00 19.43  ? 87  GLU A CD  1 
ATOM   685  O OE1 . GLU A 1 88 ? 4.667   13.926  -8.201  1.00 18.82  ? 87  GLU A OE1 1 
ATOM   686  O OE2 . GLU A 1 88 ? 2.742   14.756  -8.859  1.00 21.51  ? 87  GLU A OE2 1 
ATOM   687  N N   . PRO A 1 89 ? -0.460  17.490  -7.693  1.00 18.71  ? 88  PRO A N   1 
ATOM   688  C CA  . PRO A 1 89 ? -1.808  17.807  -7.212  1.00 18.16  ? 88  PRO A CA  1 
ATOM   689  C C   . PRO A 1 89 ? -2.051  17.121  -5.867  1.00 18.94  ? 88  PRO A C   1 
ATOM   690  O O   . PRO A 1 89 ? -1.520  16.017  -5.608  1.00 19.66  ? 88  PRO A O   1 
ATOM   691  C CB  . PRO A 1 89 ? -2.721  17.201  -8.278  1.00 17.49  ? 88  PRO A CB  1 
ATOM   692  C CG  . PRO A 1 89 ? -1.900  16.109  -8.915  1.00 18.66  ? 88  PRO A CG  1 
ATOM   693  C CD  . PRO A 1 89 ? -0.480  16.686  -8.922  1.00 18.64  ? 88  PRO A CD  1 
ATOM   694  N N   . GLU A 1 90 ? -2.823  17.754  -5.005  1.00 18.58  ? 89  GLU A N   1 
ATOM   695  C CA  . GLU A 1 90 ? -3.187  17.118  -3.778  1.00 19.12  ? 89  GLU A CA  1 
ATOM   696  C C   . GLU A 1 90 ? -4.057  15.940  -4.132  1.00 18.48  ? 89  GLU A C   1 
ATOM   697  O O   . GLU A 1 90 ? -4.989  16.072  -4.906  1.00 18.76  ? 89  GLU A O   1 
ATOM   698  C CB  . GLU A 1 90 ? -3.972  18.080  -2.898  1.00 19.87  ? 89  GLU A CB  1 
ATOM   699  C CG  . GLU A 1 90 ? -4.233  17.560  -1.529  1.00 21.56  ? 89  GLU A CG  1 
ATOM   700  C CD  . GLU A 1 90 ? -4.753  18.650  -0.641  1.00 27.30  ? 89  GLU A CD  1 
ATOM   701  O OE1 . GLU A 1 90 ? -4.264  19.795  -0.752  1.00 28.59  ? 89  GLU A OE1 1 
ATOM   702  O OE2 . GLU A 1 90 ? -5.666  18.370  0.154   1.00 29.32  ? 89  GLU A OE2 1 
ATOM   703  N N   . SER A 1 91 ? -3.772  14.794  -3.532  1.00 17.86  ? 90  SER A N   1 
ATOM   704  C CA  . SER A 1 91 ? -4.402  13.567  -3.948  1.00 17.58  ? 90  SER A CA  1 
ATOM   705  C C   . SER A 1 91 ? -4.928  12.836  -2.753  1.00 16.45  ? 90  SER A C   1 
ATOM   706  O O   . SER A 1 91 ? -4.260  12.741  -1.726  1.00 15.16  ? 90  SER A O   1 
ATOM   707  C CB  . SER A 1 91 ? -3.405  12.666  -4.665  1.00 18.19  ? 90  SER A CB  1 
ATOM   708  O OG  . SER A 1 91 ? -3.100  13.218  -5.937  1.00 23.41  ? 90  SER A OG  1 
ATOM   709  N N   . GLU A 1 92 ? -6.125  12.296  -2.909  1.00 15.21  ? 91  GLU A N   1 
ATOM   710  C CA  . GLU A 1 92 ? -6.709  11.453  -1.899  1.00 14.32  ? 91  GLU A CA  1 
ATOM   711  C C   . GLU A 1 92 ? -6.123  10.041  -1.886  1.00 13.18  ? 91  GLU A C   1 
ATOM   712  O O   . GLU A 1 92 ? -5.799  9.440   -2.924  1.00 12.84  ? 91  GLU A O   1 
ATOM   713  C CB  . GLU A 1 92 ? -8.202  11.358  -2.159  1.00 15.83  ? 91  GLU A CB  1 
ATOM   714  C CG  . GLU A 1 92 ? -9.031  10.872  -1.010  1.00 19.00  ? 91  GLU A CG  1 
ATOM   715  C CD  . GLU A 1 92 ? -10.489 10.652  -1.429  1.00 26.90  ? 91  GLU A CD  1 
ATOM   716  O OE1 . GLU A 1 92 ? -10.806 9.575   -2.007  1.00 23.59  ? 91  GLU A OE1 1 
ATOM   717  O OE2 . GLU A 1 92 ? -11.313 11.563  -1.151  1.00 28.47  ? 91  GLU A OE2 1 
ATOM   718  N N   . PHE A 1 93 ? -6.020  9.495   -0.690  1.00 12.16  ? 92  PHE A N   1 
ATOM   719  C CA  . PHE A 1 93 ? -5.684  8.093   -0.543  1.00 11.85  ? 92  PHE A CA  1 
ATOM   720  C C   . PHE A 1 93 ? -6.397  7.551   0.673   1.00 12.00  ? 92  PHE A C   1 
ATOM   721  O O   . PHE A 1 93 ? -6.868  8.326   1.522   1.00 12.38  ? 92  PHE A O   1 
ATOM   722  C CB  . PHE A 1 93 ? -4.162  7.873   -0.489  1.00 11.62  ? 92  PHE A CB  1 
ATOM   723  C CG  . PHE A 1 93 ? -3.520  8.365   0.774   1.00 10.67  ? 92  PHE A CG  1 
ATOM   724  C CD1 . PHE A 1 93 ? -3.277  7.487   1.828   1.00 11.81  ? 92  PHE A CD1 1 
ATOM   725  C CD2 . PHE A 1 93 ? -3.165  9.702   0.924   1.00 11.15  ? 92  PHE A CD2 1 
ATOM   726  C CE1 . PHE A 1 93 ? -2.676  7.937   3.001   1.00 7.39   ? 92  PHE A CE1 1 
ATOM   727  C CE2 . PHE A 1 93 ? -2.566  10.136  2.093   1.00 10.84  ? 92  PHE A CE2 1 
ATOM   728  C CZ  . PHE A 1 93 ? -2.311  9.240   3.112   1.00 8.86   ? 92  PHE A CZ  1 
ATOM   729  N N   . ILE A 1 94 ? -6.506  6.228   0.746   1.00 11.40  ? 93  ILE A N   1 
ATOM   730  C CA  . ILE A 1 94 ? -7.224  5.578   1.825   1.00 11.94  ? 93  ILE A CA  1 
ATOM   731  C C   . ILE A 1 94 ? -6.339  4.692   2.666   1.00 10.99  ? 93  ILE A C   1 
ATOM   732  O O   . ILE A 1 94 ? -5.424  4.026   2.142   1.00 10.50  ? 93  ILE A O   1 
ATOM   733  C CB  . ILE A 1 94 ? -8.351  4.643   1.237   1.00 12.76  ? 93  ILE A CB  1 
ATOM   734  C CG1 . ILE A 1 94 ? -9.165  5.389   0.190   1.00 14.73  ? 93  ILE A CG1 1 
ATOM   735  C CG2 . ILE A 1 94 ? -9.255  4.145   2.340   1.00 14.53  ? 93  ILE A CG2 1 
ATOM   736  C CD1 . ILE A 1 94 ? -9.799  6.688   0.741   1.00 12.23  ? 93  ILE A CD1 1 
ATOM   737  N N   . ILE A 1 95 ? -6.650  4.627   3.965   1.00 10.21  ? 94  ILE A N   1 
ATOM   738  C CA  . ILE A 1 95 ? -5.978  3.688   4.875   1.00 9.56   ? 94  ILE A CA  1 
ATOM   739  C C   . ILE A 1 95 ? -7.090  2.772   5.393   1.00 10.87  ? 94  ILE A C   1 
ATOM   740  O O   . ILE A 1 95 ? -8.027  3.207   6.035   1.00 10.45  ? 94  ILE A O   1 
ATOM   741  C CB  . ILE A 1 95 ? -5.232  4.405   6.040   1.00 8.38   ? 94  ILE A CB  1 
ATOM   742  C CG1 . ILE A 1 95 ? -4.058  5.235   5.515   1.00 10.60  ? 94  ILE A CG1 1 
ATOM   743  C CG2 . ILE A 1 95 ? -4.784  3.432   7.116   1.00 7.17   ? 94  ILE A CG2 1 
ATOM   744  C CD1 . ILE A 1 95 ? -3.352  6.070   6.575   1.00 9.40   ? 94  ILE A CD1 1 
ATOM   745  N N   . LYS A 1 96 ? -6.992  1.495   5.078   1.00 11.90  ? 95  LYS A N   1 
ATOM   746  C CA  . LYS A 1 96 ? -8.007  0.535   5.481   1.00 14.14  ? 95  LYS A CA  1 
ATOM   747  C C   . LYS A 1 96 ? -7.484  -0.258  6.657   1.00 14.90  ? 95  LYS A C   1 
ATOM   748  O O   . LYS A 1 96 ? -6.312  -0.670  6.665   1.00 13.41  ? 95  LYS A O   1 
ATOM   749  C CB  . LYS A 1 96 ? -8.317  -0.396  4.292   1.00 14.21  ? 95  LYS A CB  1 
ATOM   750  C CG  . LYS A 1 96 ? -8.881  0.401   3.106   1.00 15.59  ? 95  LYS A CG  1 
ATOM   751  C CD  . LYS A 1 96 ? -9.384  -0.518  1.999   1.00 17.15  ? 95  LYS A CD  1 
ATOM   752  C CE  . LYS A 1 96 ? -10.418 0.217   1.155   1.00 20.73  ? 95  LYS A CE  1 
ATOM   753  N NZ  . LYS A 1 96 ? -10.571 -0.447  -0.171  1.00 22.83  ? 95  LYS A NZ  1 
ATOM   754  N N   . ILE A 1 97 ? -8.336  -0.451  7.654   1.00 16.27  ? 96  ILE A N   1 
ATOM   755  C CA  . ILE A 1 97 ? -7.965  -1.228  8.841   1.00 19.33  ? 96  ILE A CA  1 
ATOM   756  C C   . ILE A 1 97 ? -8.415  -2.636  8.538   1.00 23.15  ? 96  ILE A C   1 
ATOM   757  O O   . ILE A 1 97 ? -9.555  -2.840  8.141   1.00 22.42  ? 96  ILE A O   1 
ATOM   758  C CB  . ILE A 1 97 ? -8.683  -0.692  10.112  1.00 18.18  ? 96  ILE A CB  1 
ATOM   759  C CG1 . ILE A 1 97 ? -8.415  0.833   10.303  1.00 18.01  ? 96  ILE A CG1 1 
ATOM   760  C CG2 . ILE A 1 97 ? -8.346  -1.519  11.349  1.00 17.16  ? 96  ILE A CG2 1 
ATOM   761  C CD1 . ILE A 1 97 ? -6.933  1.246   10.184  1.00 15.76  ? 96  ILE A CD1 1 
ATOM   762  N N   . GLN A 1 98 ? -7.568  -3.636  8.723   1.00 27.74  ? 97  GLN A N   1 
ATOM   763  C CA  . GLN A 1 98 ? -8.093  -4.952  8.374   1.00 32.80  ? 97  GLN A CA  1 
ATOM   764  C C   . GLN A 1 98 ? -8.225  -5.865  9.597   1.00 36.45  ? 97  GLN A C   1 
ATOM   765  O O   . GLN A 1 98 ? -7.767  -5.530  10.705  1.00 37.60  ? 97  GLN A O   1 
ATOM   766  C CB  . GLN A 1 98 ? -7.319  -5.580  7.205   1.00 32.01  ? 97  GLN A CB  1 
ATOM   767  C CG  . GLN A 1 98 ? -8.156  -6.595  6.379   1.00 34.87  ? 97  GLN A CG  1 
ATOM   768  C CD  . GLN A 1 98 ? -9.472  -5.998  5.848   1.00 34.96  ? 97  GLN A CD  1 
ATOM   769  N N   . ASP A 1 99 ? -8.864  -7.003  9.355   1.00 40.28  ? 98  ASP A N   1 
ATOM   770  C CA  . ASP A 1 99 ? -9.324  -7.944  10.367  1.00 44.63  ? 98  ASP A CA  1 
ATOM   771  C C   . ASP A 1 99 ? -10.708 -7.405  10.849  1.00 46.07  ? 98  ASP A C   1 
ATOM   772  O O   . ASP A 1 99 ? -12.053 -7.558  10.822  1.00 47.56  ? 98  ASP A O   1 
ATOM   773  C CB  . ASP A 1 99 ? -8.309  -8.160  11.511  1.00 44.89  ? 98  ASP A CB  1 
ATOM   774  C CG  . ASP A 1 99 ? -8.503  -9.531  12.158  1.00 49.12  ? 98  ASP A CG  1 
ATOM   775  O OD1 . ASP A 1 99 ? -9.673  -9.980  12.293  1.00 54.04  ? 98  ASP A OD1 1 
ATOM   776  O OD2 . ASP A 1 99 ? -7.485  -10.168 12.566  1.00 52.63  ? 98  ASP A OD2 1 
ATOM   777  O OXT . ASP A 1 99 ? -11.132 -8.416  10.222  1.00 47.24  ? 98  ASP A OXT 1 
ATOM   778  N N   . SER B 1 1  ? -0.251  12.506  -12.609 1.00 18.73  ? 0   SER B N   1 
ATOM   779  C CA  . SER B 1 1  ? 0.569   12.994  -11.460 1.00 17.73  ? 0   SER B CA  1 
ATOM   780  C C   . SER B 1 1  ? 1.771   12.085  -11.206 1.00 17.60  ? 0   SER B C   1 
ATOM   781  O O   . SER B 1 1  ? 1.810   10.926  -11.677 1.00 17.92  ? 0   SER B O   1 
ATOM   782  C CB  . SER B 1 1  ? -0.293  13.070  -10.213 1.00 18.33  ? 0   SER B CB  1 
ATOM   783  O OG  . SER B 1 1  ? -0.251  11.852  -9.520  1.00 18.58  ? 0   SER B OG  1 
ATOM   784  N N   . GLY B 1 2  ? 2.749   12.600  -10.456 1.00 15.28  ? 1   GLY B N   1 
ATOM   785  C CA  . GLY B 1 2  ? 3.934   11.801  -10.106 1.00 14.03  ? 1   GLY B CA  1 
ATOM   786  C C   . GLY B 1 2  ? 3.850   10.954  -8.830  1.00 13.03  ? 1   GLY B C   1 
ATOM   787  O O   . GLY B 1 2  ? 4.810   10.260  -8.499  1.00 13.25  ? 1   GLY B O   1 
ATOM   788  N N   . TRP B 1 3  ? 2.717   10.977  -8.134  1.00 11.47  ? 2   TRP B N   1 
ATOM   789  C CA  . TRP B 1 3  ? 2.535   10.096  -6.977  1.00 11.19  ? 2   TRP B CA  1 
ATOM   790  C C   . TRP B 1 3  ? 2.759   8.616   -7.305  1.00 11.07  ? 2   TRP B C   1 
ATOM   791  O O   . TRP B 1 3  ? 2.298   8.095   -8.342  1.00 11.67  ? 2   TRP B O   1 
ATOM   792  C CB  . TRP B 1 3  ? 1.146   10.265  -6.347  1.00 10.45  ? 2   TRP B CB  1 
ATOM   793  C CG  . TRP B 1 3  ? 0.878   11.574  -5.696  1.00 10.25  ? 2   TRP B CG  1 
ATOM   794  C CD1 . TRP B 1 3  ? -0.018  12.549  -6.129  1.00 9.61   ? 2   TRP B CD1 1 
ATOM   795  C CD2 . TRP B 1 3  ? 1.471   12.085  -4.495  1.00 8.23   ? 2   TRP B CD2 1 
ATOM   796  N NE1 . TRP B 1 3  ? 0.004   13.610  -5.268  1.00 7.50   ? 2   TRP B NE1 1 
ATOM   797  C CE2 . TRP B 1 3  ? 0.901   13.365  -4.262  1.00 8.29   ? 2   TRP B CE2 1 
ATOM   798  C CE3 . TRP B 1 3  ? 2.416   11.585  -3.583  1.00 6.11   ? 2   TRP B CE3 1 
ATOM   799  C CZ2 . TRP B 1 3  ? 1.237   14.132  -3.167  1.00 6.33   ? 2   TRP B CZ2 1 
ATOM   800  C CZ3 . TRP B 1 3  ? 2.756   12.358  -2.503  1.00 7.50   ? 2   TRP B CZ3 1 
ATOM   801  C CH2 . TRP B 1 3  ? 2.182   13.624  -2.312  1.00 7.56   ? 2   TRP B CH2 1 
ATOM   802  N N   . VAL B 1 4  ? 3.440   7.936   -6.399  1.00 10.38  ? 3   VAL B N   1 
ATOM   803  C CA  . VAL B 1 4  ? 3.703   6.530   -6.552  1.00 9.90   ? 3   VAL B CA  1 
ATOM   804  C C   . VAL B 1 4  ? 2.806   5.869   -5.510  1.00 9.94   ? 3   VAL B C   1 
ATOM   805  O O   . VAL B 1 4  ? 2.978   6.117   -4.298  1.00 10.08  ? 3   VAL B O   1 
ATOM   806  C CB  . VAL B 1 4  ? 5.221   6.207   -6.329  1.00 10.44  ? 3   VAL B CB  1 
ATOM   807  C CG1 . VAL B 1 4  ? 5.494   4.693   -6.402  1.00 8.44   ? 3   VAL B CG1 1 
ATOM   808  C CG2 . VAL B 1 4  ? 6.086   6.999   -7.339  1.00 10.64  ? 3   VAL B CG2 1 
ATOM   809  N N   . TRP B 1 5  ? 1.828   5.084   -5.987  1.00 8.60   ? 4   TRP B N   1 
ATOM   810  C CA  . TRP B 1 5  ? 0.881   4.387   -5.130  1.00 9.44   ? 4   TRP B CA  1 
ATOM   811  C C   . TRP B 1 5  ? 0.994   2.870   -5.315  1.00 10.37  ? 4   TRP B C   1 
ATOM   812  O O   . TRP B 1 5  ? 0.487   2.093   -4.488  1.00 9.81   ? 4   TRP B O   1 
ATOM   813  C CB  . TRP B 1 5  ? -0.576  4.776   -5.442  1.00 8.69   ? 4   TRP B CB  1 
ATOM   814  C CG  . TRP B 1 5  ? -0.914  6.225   -5.242  1.00 9.24   ? 4   TRP B CG  1 
ATOM   815  C CD1 . TRP B 1 5  ? -1.308  7.088   -6.204  1.00 8.85   ? 4   TRP B CD1 1 
ATOM   816  C CD2 . TRP B 1 5  ? -0.912  6.967   -4.013  1.00 9.15   ? 4   TRP B CD2 1 
ATOM   817  N NE1 . TRP B 1 5  ? -1.534  8.320   -5.685  1.00 8.43   ? 4   TRP B NE1 1 
ATOM   818  C CE2 . TRP B 1 5  ? -1.304  8.287   -4.335  1.00 9.73   ? 4   TRP B CE2 1 
ATOM   819  C CE3 . TRP B 1 5  ? -0.614  6.649   -2.663  1.00 10.67  ? 4   TRP B CE3 1 
ATOM   820  C CZ2 . TRP B 1 5  ? -1.423  9.295   -3.371  1.00 6.86   ? 4   TRP B CZ2 1 
ATOM   821  C CZ3 . TRP B 1 5  ? -0.703  7.652   -1.701  1.00 5.95   ? 4   TRP B CZ3 1 
ATOM   822  C CH2 . TRP B 1 5  ? -1.096  8.969   -2.073  1.00 8.60   ? 4   TRP B CH2 1 
ATOM   823  N N   . ASN B 1 6  ? 1.629   2.437   -6.402  1.00 10.15  ? 5   ASN B N   1 
ATOM   824  C CA  . ASN B 1 6  ? 1.597   1.019   -6.703  1.00 11.97  ? 5   ASN B CA  1 
ATOM   825  C C   . ASN B 1 6  ? 2.645   0.259   -5.871  1.00 12.56  ? 5   ASN B C   1 
ATOM   826  O O   . ASN B 1 6  ? 3.543   -0.368  -6.403  1.00 11.91  ? 5   ASN B O   1 
ATOM   827  C CB  . ASN B 1 6  ? 1.730   0.757   -8.219  1.00 11.58  ? 5   ASN B CB  1 
ATOM   828  C CG  . ASN B 1 6  ? 3.040   1.246   -8.789  1.00 12.92  ? 5   ASN B CG  1 
ATOM   829  O OD1 . ASN B 1 6  ? 3.585   2.273   -8.356  1.00 15.84  ? 5   ASN B OD1 1 
ATOM   830  N ND2 . ASN B 1 6  ? 3.582   0.493   -9.713  1.00 9.84   ? 5   ASN B ND2 1 
ATOM   831  N N   . GLN B 1 7  ? 2.529   0.354   -4.550  1.00 13.70  ? 6   GLN B N   1 
ATOM   832  C CA  . GLN B 1 7  ? 3.441   -0.355  -3.648  1.00 13.75  ? 6   GLN B CA  1 
ATOM   833  C C   . GLN B 1 7  ? 2.757   -0.752  -2.370  1.00 14.80  ? 6   GLN B C   1 
ATOM   834  O O   . GLN B 1 7  ? 1.856   -0.027  -1.890  1.00 14.67  ? 6   GLN B O   1 
ATOM   835  C CB  . GLN B 1 7  ? 4.688   0.464   -3.296  1.00 14.41  ? 6   GLN B CB  1 
ATOM   836  C CG  . GLN B 1 7  ? 4.562   1.980   -3.325  1.00 16.77  ? 6   GLN B CG  1 
ATOM   837  C CD  . GLN B 1 7  ? 5.874   2.682   -2.965  1.00 19.80  ? 6   GLN B CD  1 
ATOM   838  O OE1 . GLN B 1 7  ? 6.960   2.171   -3.241  1.00 21.22  ? 6   GLN B OE1 1 
ATOM   839  N NE2 . GLN B 1 7  ? 5.776   3.873   -2.368  1.00 20.57  ? 6   GLN B NE2 1 
ATOM   840  N N   . PHE B 1 8  ? 3.223   -1.869  -1.796  1.00 14.41  ? 7   PHE B N   1 
ATOM   841  C CA  . PHE B 1 8  ? 2.798   -2.294  -0.459  1.00 14.86  ? 7   PHE B CA  1 
ATOM   842  C C   . PHE B 1 8  ? 3.973   -2.385  0.472   1.00 14.43  ? 7   PHE B C   1 
ATOM   843  O O   . PHE B 1 8  ? 5.092   -2.556  0.030   1.00 15.34  ? 7   PHE B O   1 
ATOM   844  C CB  . PHE B 1 8  ? 2.087   -3.664  -0.508  1.00 14.93  ? 7   PHE B CB  1 
ATOM   845  C CG  . PHE B 1 8  ? 0.860   -3.651  -1.340  1.00 16.47  ? 7   PHE B CG  1 
ATOM   846  C CD1 . PHE B 1 8  ? 0.844   -4.253  -2.573  1.00 17.73  ? 7   PHE B CD1 1 
ATOM   847  C CD2 . PHE B 1 8  ? -0.269  -2.995  -0.906  1.00 16.59  ? 7   PHE B CD2 1 
ATOM   848  C CE1 . PHE B 1 8  ? -0.306  -4.251  -3.358  1.00 18.65  ? 7   PHE B CE1 1 
ATOM   849  C CE2 . PHE B 1 8  ? -1.413  -2.966  -1.686  1.00 19.84  ? 7   PHE B CE2 1 
ATOM   850  C CZ  . PHE B 1 8  ? -1.431  -3.608  -2.908  1.00 19.54  ? 7   PHE B CZ  1 
ATOM   851  N N   . PHE B 1 9  ? 3.690   -2.303  1.759   1.00 14.41  ? 8   PHE B N   1 
ATOM   852  C CA  . PHE B 1 9  ? 4.699   -2.295  2.790   1.00 15.08  ? 8   PHE B CA  1 
ATOM   853  C C   . PHE B 1 9  ? 4.549   -3.425  3.791   1.00 15.69  ? 8   PHE B C   1 
ATOM   854  O O   . PHE B 1 9  ? 3.444   -3.725  4.292   1.00 16.43  ? 8   PHE B O   1 
ATOM   855  C CB  . PHE B 1 9  ? 4.694   -0.935  3.461   1.00 13.97  ? 8   PHE B CB  1 
ATOM   856  C CG  . PHE B 1 9  ? 4.920   0.191   2.493   1.00 15.92  ? 8   PHE B CG  1 
ATOM   857  C CD1 . PHE B 1 9  ? 3.833   0.784   1.819   1.00 14.69  ? 8   PHE B CD1 1 
ATOM   858  C CD2 . PHE B 1 9  ? 6.203   0.607   2.204   1.00 15.49  ? 8   PHE B CD2 1 
ATOM   859  C CE1 . PHE B 1 9  ? 4.027   1.799   0.916   1.00 17.03  ? 8   PHE B CE1 1 
ATOM   860  C CE2 . PHE B 1 9  ? 6.419   1.638   1.276   1.00 18.88  ? 8   PHE B CE2 1 
ATOM   861  C CZ  . PHE B 1 9  ? 5.323   2.229   0.632   1.00 17.66  ? 8   PHE B CZ  1 
ATOM   862  N N   . VAL B 1 10 ? 5.670   -4.063  4.104   1.00 16.62  ? 9   VAL B N   1 
ATOM   863  C CA  . VAL B 1 10 ? 5.618   -5.223  4.998   1.00 16.27  ? 9   VAL B CA  1 
ATOM   864  C C   . VAL B 1 10 ? 6.637   -5.099  6.083   1.00 15.84  ? 9   VAL B C   1 
ATOM   865  O O   . VAL B 1 10 ? 7.814   -4.971  5.805   1.00 14.28  ? 9   VAL B O   1 
ATOM   866  C CB  . VAL B 1 10 ? 5.838   -6.565  4.242   1.00 16.69  ? 9   VAL B CB  1 
ATOM   867  C CG1 . VAL B 1 10 ? 6.078   -7.719  5.229   1.00 18.05  ? 9   VAL B CG1 1 
ATOM   868  C CG2 . VAL B 1 10 ? 4.651   -6.893  3.440   1.00 17.30  ? 9   VAL B CG2 1 
ATOM   869  N N   . LEU B 1 11 ? 6.171   -5.170  7.332   1.00 15.68  ? 10  LEU B N   1 
ATOM   870  C CA  . LEU B 1 11 ? 7.083   -5.204  8.466   1.00 16.56  ? 10  LEU B CA  1 
ATOM   871  C C   . LEU B 1 11 ? 7.636   -6.622  8.659   1.00 15.85  ? 10  LEU B C   1 
ATOM   872  O O   . LEU B 1 11 ? 6.884   -7.553  8.920   1.00 13.10  ? 10  LEU B O   1 
ATOM   873  C CB  . LEU B 1 11 ? 6.435   -4.661  9.748   1.00 17.02  ? 10  LEU B CB  1 
ATOM   874  C CG  . LEU B 1 11 ? 6.197   -3.150  9.693   1.00 20.37  ? 10  LEU B CG  1 
ATOM   875  C CD1 . LEU B 1 11 ? 4.913   -2.794  10.480  1.00 21.84  ? 10  LEU B CD1 1 
ATOM   876  C CD2 . LEU B 1 11 ? 7.449   -2.335  10.105  1.00 16.45  ? 10  LEU B CD2 1 
ATOM   877  N N   . GLU B 1 12 ? 8.954   -6.740  8.490   1.00 16.67  ? 11  GLU B N   1 
ATOM   878  C CA  . GLU B 1 12 ? 9.640   -8.031  8.543   1.00 19.11  ? 11  GLU B CA  1 
ATOM   879  C C   . GLU B 1 12 ? 9.502   -8.746  9.883   1.00 19.14  ? 11  GLU B C   1 
ATOM   880  O O   . GLU B 1 12 ? 9.553   -9.968  9.925   1.00 19.37  ? 11  GLU B O   1 
ATOM   881  C CB  . GLU B 1 12 ? 11.112  -7.896  8.160   1.00 19.58  ? 11  GLU B CB  1 
ATOM   882  C CG  . GLU B 1 12 ? 11.900  -6.964  9.007   1.00 24.94  ? 11  GLU B CG  1 
ATOM   883  C CD  . GLU B 1 12 ? 13.410  -7.151  8.817   1.00 28.50  ? 11  GLU B CD  1 
ATOM   884  O OE1 . GLU B 1 12 ? 13.894  -6.964  7.689   1.00 31.59  ? 11  GLU B OE1 1 
ATOM   885  O OE2 . GLU B 1 12 ? 14.113  -7.439  9.803   1.00 28.53  ? 11  GLU B OE2 1 
ATOM   886  N N   . GLU B 1 13 ? 9.354   -7.966  10.958  1.00 19.16  ? 12  GLU B N   1 
ATOM   887  C CA  . GLU B 1 13 ? 9.185   -8.462  12.319  1.00 20.21  ? 12  GLU B CA  1 
ATOM   888  C C   . GLU B 1 13 ? 7.997   -9.400  12.375  1.00 19.89  ? 12  GLU B C   1 
ATOM   889  O O   . GLU B 1 13 ? 8.007   -10.385 13.111  1.00 18.79  ? 12  GLU B O   1 
ATOM   890  C CB  . GLU B 1 13 ? 8.903   -7.281  13.275  1.00 20.41  ? 12  GLU B CB  1 
ATOM   891  C CG  . GLU B 1 13 ? 9.120   -7.600  14.769  1.00 26.22  ? 12  GLU B CG  1 
ATOM   892  C CD  . GLU B 1 13 ? 8.600   -6.496  15.706  1.00 30.25  ? 12  GLU B CD  1 
ATOM   893  O OE1 . GLU B 1 13 ? 8.942   -5.309  15.458  1.00 29.77  ? 12  GLU B OE1 1 
ATOM   894  O OE2 . GLU B 1 13 ? 7.832   -6.825  16.666  1.00 31.14  ? 12  GLU B OE2 1 
ATOM   895  N N   . TYR B 1 14 ? 6.961   -9.056  11.600  1.00 18.47  ? 13  TYR B N   1 
ATOM   896  C CA  . TYR B 1 14 ? 5.703   -9.768  11.653  1.00 18.43  ? 13  TYR B CA  1 
ATOM   897  C C   . TYR B 1 14 ? 5.578   -10.914 10.666  1.00 17.36  ? 13  TYR B C   1 
ATOM   898  O O   . TYR B 1 14 ? 4.576   -11.596 10.690  1.00 16.81  ? 13  TYR B O   1 
ATOM   899  C CB  . TYR B 1 14 ? 4.502   -8.799  11.522  1.00 18.29  ? 13  TYR B CB  1 
ATOM   900  C CG  . TYR B 1 14 ? 4.503   -7.746  12.580  1.00 17.41  ? 13  TYR B CG  1 
ATOM   901  C CD1 . TYR B 1 14 ? 4.810   -8.065  13.910  1.00 17.63  ? 13  TYR B CD1 1 
ATOM   902  C CD2 . TYR B 1 14 ? 4.218   -6.427  12.260  1.00 18.56  ? 13  TYR B CD2 1 
ATOM   903  C CE1 . TYR B 1 14 ? 4.845   -7.068  14.888  1.00 20.79  ? 13  TYR B CE1 1 
ATOM   904  C CE2 . TYR B 1 14 ? 4.230   -5.436  13.229  1.00 21.03  ? 13  TYR B CE2 1 
ATOM   905  C CZ  . TYR B 1 14 ? 4.549   -5.755  14.534  1.00 22.24  ? 13  TYR B CZ  1 
ATOM   906  O OH  . TYR B 1 14 ? 4.547   -4.744  15.485  1.00 25.68  ? 13  TYR B OH  1 
ATOM   907  N N   . THR B 1 15 ? 6.571   -11.095 9.794   1.00 16.90  ? 14  THR B N   1 
ATOM   908  C CA  . THR B 1 15 ? 6.531   -12.160 8.812   1.00 17.14  ? 14  THR B CA  1 
ATOM   909  C C   . THR B 1 15 ? 7.074   -13.461 9.418   1.00 19.63  ? 14  THR B C   1 
ATOM   910  O O   . THR B 1 15 ? 7.599   -13.505 10.558  1.00 18.84  ? 14  THR B O   1 
ATOM   911  C CB  . THR B 1 15 ? 7.340   -11.869 7.547   1.00 17.57  ? 14  THR B CB  1 
ATOM   912  O OG1 . THR B 1 15 ? 8.715   -11.589 7.879   1.00 15.94  ? 14  THR B OG1 1 
ATOM   913  C CG2 . THR B 1 15 ? 6.696   -10.708 6.709   1.00 15.45  ? 14  THR B CG2 1 
ATOM   914  N N   . GLY B 1 16 ? 6.923   -14.515 8.645   1.00 20.16  ? 15  GLY B N   1 
ATOM   915  C CA  . GLY B 1 16 ? 7.190   -15.820 9.117   1.00 24.03  ? 15  GLY B CA  1 
ATOM   916  C C   . GLY B 1 16 ? 6.210   -16.722 8.416   1.00 26.41  ? 15  GLY B C   1 
ATOM   917  O O   . GLY B 1 16 ? 5.598   -16.371 7.389   1.00 27.99  ? 15  GLY B O   1 
ATOM   918  N N   . THR B 1 17 ? 6.096   -17.903 8.992   1.00 27.74  ? 16  THR B N   1 
ATOM   919  C CA  . THR B 1 17 ? 5.200   -18.966 8.571   1.00 28.58  ? 16  THR B CA  1 
ATOM   920  C C   . THR B 1 17 ? 3.708   -18.586 8.361   1.00 26.62  ? 16  THR B C   1 
ATOM   921  O O   . THR B 1 17 ? 3.159   -18.883 7.286   1.00 26.70  ? 16  THR B O   1 
ATOM   922  C CB  . THR B 1 17 ? 5.428   -20.150 9.571   1.00 29.29  ? 16  THR B CB  1 
ATOM   923  O OG1 . THR B 1 17 ? 6.615   -20.853 9.170   1.00 32.93  ? 16  THR B OG1 1 
ATOM   924  C CG2 . THR B 1 17 ? 4.279   -21.084 9.643   1.00 31.27  ? 16  THR B CG2 1 
ATOM   925  N N   . ASP B 1 18 ? 3.076   -17.984 9.390   1.00 24.93  ? 17  ASP B N   1 
ATOM   926  C CA  . ASP B 1 18 ? 1.653   -17.589 9.392   1.00 22.67  ? 17  ASP B CA  1 
ATOM   927  C C   . ASP B 1 18 ? 1.470   -16.467 8.355   1.00 21.42  ? 17  ASP B C   1 
ATOM   928  O O   . ASP B 1 18 ? 2.276   -15.516 8.323   1.00 21.20  ? 17  ASP B O   1 
ATOM   929  C CB  . ASP B 1 18 ? 1.229   -17.118 10.797  1.00 23.08  ? 17  ASP B CB  1 
ATOM   930  C CG  . ASP B 1 18 ? -0.321  -16.969 10.968  1.00 26.16  ? 17  ASP B CG  1 
ATOM   931  O OD1 . ASP B 1 18 ? -0.802  -15.847 11.201  1.00 29.55  ? 17  ASP B OD1 1 
ATOM   932  O OD2 . ASP B 1 18 ? -1.086  -17.977 10.934  1.00 32.20  ? 17  ASP B OD2 1 
ATOM   933  N N   . PRO B 1 19 ? 0.463   -16.607 7.467   1.00 19.58  ? 18  PRO B N   1 
ATOM   934  C CA  . PRO B 1 19 ? 0.170   -15.598 6.432   1.00 17.95  ? 18  PRO B CA  1 
ATOM   935  C C   . PRO B 1 19 ? -0.009  -14.219 7.060   1.00 16.29  ? 18  PRO B C   1 
ATOM   936  O O   . PRO B 1 19 ? -0.805  -14.069 8.002   1.00 17.19  ? 18  PRO B O   1 
ATOM   937  C CB  . PRO B 1 19 ? -1.132  -16.083 5.801   1.00 17.24  ? 18  PRO B CB  1 
ATOM   938  C CG  . PRO B 1 19 ? -1.117  -17.586 6.025   1.00 19.41  ? 18  PRO B CG  1 
ATOM   939  C CD  . PRO B 1 19 ? -0.445  -17.775 7.376   1.00 20.26  ? 18  PRO B CD  1 
ATOM   940  N N   . LEU B 1 20 ? 0.784   -13.263 6.590   1.00 13.06  ? 19  LEU B N   1 
ATOM   941  C CA  . LEU B 1 20 ? 0.678   -11.861 7.006   1.00 12.11  ? 19  LEU B CA  1 
ATOM   942  C C   . LEU B 1 20 ? 0.019   -11.076 5.870   1.00 11.73  ? 19  LEU B C   1 
ATOM   943  O O   . LEU B 1 20 ? 0.560   -11.031 4.768   1.00 10.70  ? 19  LEU B O   1 
ATOM   944  C CB  . LEU B 1 20 ? 2.068   -11.282 7.285   1.00 10.87  ? 19  LEU B CB  1 
ATOM   945  C CG  . LEU B 1 20 ? 2.025   -9.833  7.774   1.00 12.69  ? 19  LEU B CG  1 
ATOM   946  C CD1 . LEU B 1 20 ? 1.377   -9.766  9.170   1.00 11.72  ? 19  LEU B CD1 1 
ATOM   947  C CD2 . LEU B 1 20 ? 3.421   -9.177  7.754   1.00 9.81   ? 19  LEU B CD2 1 
ATOM   948  N N   . TYR B 1 21 ? -1.155  -10.519 6.126   1.00 12.21  ? 20  TYR B N   1 
ATOM   949  C CA  . TYR B 1 21 ? -1.848  -9.679  5.154   1.00 15.17  ? 20  TYR B CA  1 
ATOM   950  C C   . TYR B 1 21 ? -0.930  -8.545  4.712   1.00 15.45  ? 20  TYR B C   1 
ATOM   951  O O   . TYR B 1 21 ? -0.343  -7.887  5.563   1.00 16.60  ? 20  TYR B O   1 
ATOM   952  C CB  . TYR B 1 21 ? -3.151  -9.102  5.732   1.00 14.79  ? 20  TYR B CB  1 
ATOM   953  C CG  . TYR B 1 21 ? -4.062  -8.423  4.703   1.00 17.71  ? 20  TYR B CG  1 
ATOM   954  C CD1 . TYR B 1 21 ? -4.927  -9.182  3.918   1.00 18.91  ? 20  TYR B CD1 1 
ATOM   955  C CD2 . TYR B 1 21 ? -4.056  -7.035  4.518   1.00 18.49  ? 20  TYR B CD2 1 
ATOM   956  C CE1 . TYR B 1 21 ? -5.786  -8.595  3.028   1.00 18.71  ? 20  TYR B CE1 1 
ATOM   957  C CE2 . TYR B 1 21 ? -4.910  -6.428  3.583   1.00 18.57  ? 20  TYR B CE2 1 
ATOM   958  C CZ  . TYR B 1 21 ? -5.770  -7.238  2.843   1.00 21.05  ? 20  TYR B CZ  1 
ATOM   959  O OH  . TYR B 1 21 ? -6.632  -6.718  1.908   1.00 23.38  ? 20  TYR B OH  1 
ATOM   960  N N   . VAL B 1 22 ? -0.819  -8.346  3.389   1.00 15.94  ? 21  VAL B N   1 
ATOM   961  C CA  . VAL B 1 22 ? 0.051   -7.353  2.758   1.00 16.17  ? 21  VAL B CA  1 
ATOM   962  C C   . VAL B 1 22 ? -0.785  -6.207  2.135   1.00 16.80  ? 21  VAL B C   1 
ATOM   963  O O   . VAL B 1 22 ? -0.435  -5.013  2.209   1.00 16.56  ? 21  VAL B O   1 
ATOM   964  C CB  . VAL B 1 22 ? 0.946   -8.005  1.632   1.00 16.65  ? 21  VAL B CB  1 
ATOM   965  C CG1 . VAL B 1 22 ? 1.617   -6.958  0.806   1.00 18.54  ? 21  VAL B CG1 1 
ATOM   966  C CG2 . VAL B 1 22 ? 2.049   -8.911  2.187   1.00 16.11  ? 21  VAL B CG2 1 
ATOM   967  N N   . GLY B 1 23 ? -1.896  -6.583  1.525   1.00 16.71  ? 22  GLY B N   1 
ATOM   968  C CA  . GLY B 1 23 ? -2.720  -5.645  0.760   1.00 16.37  ? 22  GLY B CA  1 
ATOM   969  C C   . GLY B 1 23 ? -3.595  -6.434  -0.167  1.00 16.10  ? 22  GLY B C   1 
ATOM   970  O O   . GLY B 1 23 ? -3.760  -7.650  -0.027  1.00 15.33  ? 22  GLY B O   1 
ATOM   971  N N   . LYS B 1 24 ? -4.210  -5.741  -1.098  1.00 16.69  ? 23  LYS B N   1 
ATOM   972  C CA  . LYS B 1 24 ? -5.044  -6.428  -2.052  1.00 17.06  ? 23  LYS B CA  1 
ATOM   973  C C   . LYS B 1 24 ? -4.965  -5.751  -3.402  1.00 16.32  ? 23  LYS B C   1 
ATOM   974  O O   . LYS B 1 24 ? -4.765  -4.515  -3.488  1.00 17.25  ? 23  LYS B O   1 
ATOM   975  C CB  . LYS B 1 24 ? -6.492  -6.569  -1.572  1.00 18.32  ? 23  LYS B CB  1 
ATOM   976  C CG  . LYS B 1 24 ? -7.329  -5.312  -1.487  1.00 20.21  ? 23  LYS B CG  1 
ATOM   977  C CD  . LYS B 1 24 ? -8.780  -5.629  -1.806  1.00 23.18  ? 23  LYS B CD  1 
ATOM   978  C CE  . LYS B 1 24 ? -9.450  -6.303  -0.615  1.00 28.87  ? 23  LYS B CE  1 
ATOM   979  N NZ  . LYS B 1 24 ? -10.415 -7.350  -1.023  1.00 32.68  ? 23  LYS B NZ  1 
ATOM   980  N N   . LEU B 1 25 ? -5.078  -6.573  -4.435  1.00 12.72  ? 24  LEU B N   1 
ATOM   981  C CA  . LEU B 1 25 ? -5.259  -6.077  -5.793  1.00 12.12  ? 24  LEU B CA  1 
ATOM   982  C C   . LEU B 1 25 ? -6.725  -5.757  -6.014  1.00 10.90  ? 24  LEU B C   1 
ATOM   983  O O   . LEU B 1 25 ? -7.616  -6.476  -5.535  1.00 11.34  ? 24  LEU B O   1 
ATOM   984  C CB  . LEU B 1 25 ? -4.812  -7.098  -6.830  1.00 9.91   ? 24  LEU B CB  1 
ATOM   985  C CG  . LEU B 1 25 ? -3.364  -7.489  -6.820  1.00 9.74   ? 24  LEU B CG  1 
ATOM   986  C CD1 . LEU B 1 25 ? -3.106  -8.357  -8.046  1.00 4.67   ? 24  LEU B CD1 1 
ATOM   987  C CD2 . LEU B 1 25 ? -2.422  -6.227  -6.754  1.00 10.44  ? 24  LEU B CD2 1 
ATOM   988  N N   . HIS B 1 26 ? -6.977  -4.696  -6.760  1.00 9.92   ? 25  HIS B N   1 
ATOM   989  C CA  . HIS B 1 26 ? -8.348  -4.301  -7.047  1.00 9.60   ? 25  HIS B CA  1 
ATOM   990  C C   . HIS B 1 26 ? -8.397  -3.435  -8.277  1.00 9.61   ? 25  HIS B C   1 
ATOM   991  O O   . HIS B 1 26 ? -7.706  -2.439  -8.349  1.00 8.08   ? 25  HIS B O   1 
ATOM   992  C CB  . HIS B 1 26 ? -9.035  -3.570  -5.872  1.00 10.00  ? 25  HIS B CB  1 
ATOM   993  C CG  . HIS B 1 26 ? -10.516 -3.442  -6.057  1.00 12.08  ? 25  HIS B CG  1 
ATOM   994  N ND1 . HIS B 1 26 ? -11.399 -4.483  -5.809  1.00 14.36  ? 25  HIS B ND1 1 
ATOM   995  C CD2 . HIS B 1 26 ? -11.261 -2.434  -6.560  1.00 13.74  ? 25  HIS B CD2 1 
ATOM   996  C CE1 . HIS B 1 26 ? -12.625 -4.097  -6.105  1.00 10.99  ? 25  HIS B CE1 1 
ATOM   997  N NE2 . HIS B 1 26 ? -12.563 -2.870  -6.588  1.00 14.16  ? 25  HIS B NE2 1 
ATOM   998  N N   . SER B 1 27 ? -9.200  -3.868  -9.250  1.00 9.74   ? 26  SER B N   1 
ATOM   999  C CA  . SER B 1 27 ? -9.515  -3.118  -10.445 1.00 10.15  ? 26  SER B CA  1 
ATOM   1000 C C   . SER B 1 27 ? -10.865 -2.436  -10.260 1.00 11.92  ? 26  SER B C   1 
ATOM   1001 O O   . SER B 1 27 ? -11.803 -3.053  -9.779  1.00 12.45  ? 26  SER B O   1 
ATOM   1002 C CB  . SER B 1 27 ? -9.576  -4.073  -11.613 1.00 9.18   ? 26  SER B CB  1 
ATOM   1003 O OG  . SER B 1 27 ? -10.410 -3.580  -12.630 1.00 9.24   ? 26  SER B OG  1 
ATOM   1004 N N   . ASP B 1 28 ? -10.968 -1.168  -10.650 1.00 13.52  ? 27  ASP B N   1 
ATOM   1005 C CA  . ASP B 1 28 ? -12.252 -0.474  -10.657 1.00 16.29  ? 27  ASP B CA  1 
ATOM   1006 C C   . ASP B 1 28 ? -13.304 -1.089  -11.584 1.00 17.13  ? 27  ASP B C   1 
ATOM   1007 O O   . ASP B 1 28 ? -14.430 -0.636  -11.620 1.00 18.72  ? 27  ASP B O   1 
ATOM   1008 C CB  . ASP B 1 28 ? -12.092 1.054   -10.869 1.00 16.42  ? 27  ASP B CB  1 
ATOM   1009 C CG  . ASP B 1 28 ? -11.878 1.457   -12.337 1.00 18.05  ? 27  ASP B CG  1 
ATOM   1010 O OD1 . ASP B 1 28 ? -12.018 0.624   -13.292 1.00 18.59  ? 27  ASP B OD1 1 
ATOM   1011 O OD2 . ASP B 1 28 ? -11.534 2.638   -12.538 1.00 18.40  ? 27  ASP B OD2 1 
ATOM   1012 N N   . MET B 1 29 ? -12.939 -2.125  -12.316 1.00 18.71  ? 28  MET B N   1 
ATOM   1013 C CA  . MET B 1 29 ? -13.902 -2.883  -13.133 1.00 20.67  ? 28  MET B CA  1 
ATOM   1014 C C   . MET B 1 29 ? -14.513 -4.127  -12.455 1.00 19.28  ? 28  MET B C   1 
ATOM   1015 O O   . MET B 1 29 ? -15.365 -4.816  -13.022 1.00 19.44  ? 28  MET B O   1 
ATOM   1016 C CB  . MET B 1 29 ? -13.254 -3.268  -14.441 1.00 21.15  ? 28  MET B CB  1 
ATOM   1017 C CG  . MET B 1 29 ? -12.930 -1.984  -15.216 1.00 28.31  ? 28  MET B CG  1 
ATOM   1018 S SD  . MET B 1 29 ? -13.493 -2.021  -16.899 1.00 39.01  ? 28  MET B SD  1 
ATOM   1019 C CE  . MET B 1 29 ? -15.276 -1.825  -16.826 1.00 38.71  ? 28  MET B CE  1 
ATOM   1020 N N   . ASP B 1 30 ? -14.054 -4.392  -11.244 1.00 18.36  ? 29  ASP B N   1 
ATOM   1021 C CA  . ASP B 1 30 ? -14.541 -5.479  -10.450 1.00 17.91  ? 29  ASP B CA  1 
ATOM   1022 C C   . ASP B 1 30 ? -15.882 -5.020  -9.929  1.00 18.60  ? 29  ASP B C   1 
ATOM   1023 O O   . ASP B 1 30 ? -15.953 -4.089  -9.116  1.00 18.49  ? 29  ASP B O   1 
ATOM   1024 C CB  . ASP B 1 30 ? -13.543 -5.751  -9.313  1.00 18.25  ? 29  ASP B CB  1 
ATOM   1025 C CG  . ASP B 1 30 ? -13.931 -6.917  -8.459  1.00 17.48  ? 29  ASP B CG  1 
ATOM   1026 O OD1 . ASP B 1 30 ? -15.121 -7.333  -8.551  1.00 13.23  ? 29  ASP B OD1 1 
ATOM   1027 O OD2 . ASP B 1 30 ? -13.045 -7.390  -7.700  1.00 14.67  ? 29  ASP B OD2 1 
ATOM   1028 N N   . ARG B 1 31 ? -16.939 -5.652  -10.446 1.00 18.42  ? 30  ARG B N   1 
ATOM   1029 C CA  . ARG B 1 31 ? -18.297 -5.384  -10.049 1.00 19.78  ? 30  ARG B CA  1 
ATOM   1030 C C   . ARG B 1 31 ? -18.686 -6.032  -8.689  1.00 20.12  ? 30  ARG B C   1 
ATOM   1031 O O   . ARG B 1 31 ? -19.767 -5.776  -8.167  1.00 20.49  ? 30  ARG B O   1 
ATOM   1032 C CB  . ARG B 1 31 ? -19.259 -5.810  -11.170 1.00 19.32  ? 30  ARG B CB  1 
ATOM   1033 N N   . GLY B 1 32 ? -17.795 -6.851  -8.139  1.00 20.91  ? 31  GLY B N   1 
ATOM   1034 C CA  . GLY B 1 32 ? -18.020 -7.567  -6.874  1.00 21.54  ? 31  GLY B CA  1 
ATOM   1035 C C   . GLY B 1 32 ? -18.553 -8.990  -6.978  1.00 22.01  ? 31  GLY B C   1 
ATOM   1036 O O   . GLY B 1 32 ? -18.745 -9.657  -5.963  1.00 21.42  ? 31  GLY B O   1 
ATOM   1037 N N   . ASP B 1 33 ? -18.768 -9.468  -8.197  1.00 22.72  ? 32  ASP B N   1 
ATOM   1038 C CA  . ASP B 1 33 ? -19.391 -10.783 -8.427  1.00 23.73  ? 32  ASP B CA  1 
ATOM   1039 C C   . ASP B 1 33 ? -18.416 -11.937 -8.730  1.00 23.75  ? 32  ASP B C   1 
ATOM   1040 O O   . ASP B 1 33 ? -18.831 -13.017 -9.207  1.00 24.68  ? 32  ASP B O   1 
ATOM   1041 C CB  . ASP B 1 33 ? -20.411 -10.663 -9.551  1.00 24.09  ? 32  ASP B CB  1 
ATOM   1042 C CG  . ASP B 1 33 ? -19.851 -9.970  -10.797 1.00 25.94  ? 32  ASP B CG  1 
ATOM   1043 O OD1 . ASP B 1 33 ? -18.599 -9.990  -11.016 1.00 28.97  ? 32  ASP B OD1 1 
ATOM   1044 O OD2 . ASP B 1 33 ? -20.668 -9.395  -11.561 1.00 27.35  ? 32  ASP B OD2 1 
ATOM   1045 N N   . GLY B 1 34 ? -17.128 -11.714 -8.486  1.00 23.83  ? 33  GLY B N   1 
ATOM   1046 C CA  . GLY B 1 34 ? -16.102 -12.751 -8.672  1.00 23.14  ? 33  GLY B CA  1 
ATOM   1047 C C   . GLY B 1 34 ? -15.819 -13.104 -10.118 1.00 23.51  ? 33  GLY B C   1 
ATOM   1048 O O   . GLY B 1 34 ? -15.184 -14.134 -10.395 1.00 23.27  ? 33  GLY B O   1 
ATOM   1049 N N   . SER B 1 35 ? -16.281 -12.266 -11.048 1.00 23.36  ? 34  SER B N   1 
ATOM   1050 C CA  . SER B 1 35 ? -16.041 -12.550 -12.462 1.00 23.23  ? 34  SER B CA  1 
ATOM   1051 C C   . SER B 1 35 ? -14.642 -12.118 -12.885 1.00 22.23  ? 34  SER B C   1 
ATOM   1052 O O   . SER B 1 35 ? -14.159 -12.480 -13.974 1.00 21.21  ? 34  SER B O   1 
ATOM   1053 C CB  . SER B 1 35 ? -17.122 -11.976 -13.368 1.00 23.94  ? 34  SER B CB  1 
ATOM   1054 O OG  . SER B 1 35 ? -17.071 -10.568 -13.397 1.00 26.97  ? 34  SER B OG  1 
ATOM   1055 N N   . ILE B 1 36 ? -13.975 -11.396 -11.986 1.00 20.54  ? 35  ILE B N   1 
ATOM   1056 C CA  . ILE B 1 36 ? -12.546 -11.088 -12.169 1.00 19.23  ? 35  ILE B CA  1 
ATOM   1057 C C   . ILE B 1 36 ? -11.673 -12.121 -11.456 1.00 18.30  ? 35  ILE B C   1 
ATOM   1058 O O   . ILE B 1 36 ? -11.963 -12.569 -10.340 1.00 18.55  ? 35  ILE B O   1 
ATOM   1059 C CB  . ILE B 1 36 ? -12.178 -9.603  -11.797 1.00 18.54  ? 35  ILE B CB  1 
ATOM   1060 C CG1 . ILE B 1 36 ? -12.845 -8.705  -12.840 1.00 18.19  ? 35  ILE B CG1 1 
ATOM   1061 C CG2 . ILE B 1 36 ? -10.678 -9.402  -11.772 1.00 16.66  ? 35  ILE B CG2 1 
ATOM   1062 C CD1 . ILE B 1 36 ? -12.362 -7.278  -12.905 1.00 22.68  ? 35  ILE B CD1 1 
ATOM   1063 N N   . LYS B 1 37 ? -10.612 -12.515 -12.136 1.00 16.94  ? 36  LYS B N   1 
ATOM   1064 C CA  . LYS B 1 37 ? -9.659  -13.380 -11.533 1.00 16.17  ? 36  LYS B CA  1 
ATOM   1065 C C   . LYS B 1 37 ? -8.317  -12.658 -11.403 1.00 16.13  ? 36  LYS B C   1 
ATOM   1066 O O   . LYS B 1 37 ? -7.685  -12.295 -12.399 1.00 15.97  ? 36  LYS B O   1 
ATOM   1067 C CB  . LYS B 1 37 ? -9.544  -14.703 -12.314 1.00 15.71  ? 36  LYS B CB  1 
ATOM   1068 C CG  . LYS B 1 37 ? -8.513  -15.673 -11.746 1.00 14.40  ? 36  LYS B CG  1 
ATOM   1069 C CD  . LYS B 1 37 ? -8.434  -16.957 -12.562 1.00 19.17  ? 36  LYS B CD  1 
ATOM   1070 C CE  . LYS B 1 37 ? -7.193  -17.789 -12.173 1.00 22.39  ? 36  LYS B CE  1 
ATOM   1071 N NZ  . LYS B 1 37 ? -7.107  -19.087 -12.959 1.00 24.89  ? 36  LYS B NZ  1 
ATOM   1072 N N   . TYR B 1 38 ? -7.884  -12.495 -10.155 1.00 15.32  ? 37  TYR B N   1 
ATOM   1073 C CA  . TYR B 1 38 ? -6.646  -11.783 -9.847  1.00 15.27  ? 37  TYR B CA  1 
ATOM   1074 C C   . TYR B 1 38 ? -5.468  -12.751 -9.875  1.00 15.45  ? 37  TYR B C   1 
ATOM   1075 O O   . TYR B 1 38 ? -5.491  -13.852 -9.300  1.00 14.90  ? 37  TYR B O   1 
ATOM   1076 C CB  . TYR B 1 38 ? -6.735  -11.002 -8.515  1.00 14.86  ? 37  TYR B CB  1 
ATOM   1077 C CG  . TYR B 1 38 ? -7.725  -9.844  -8.569  1.00 12.53  ? 37  TYR B CG  1 
ATOM   1078 C CD1 . TYR B 1 38 ? -8.961  -9.920  -7.930  1.00 14.37  ? 37  TYR B CD1 1 
ATOM   1079 C CD2 . TYR B 1 38 ? -7.424  -8.696  -9.267  1.00 12.13  ? 37  TYR B CD2 1 
ATOM   1080 C CE1 . TYR B 1 38 ? -9.878  -8.867  -7.987  1.00 14.00  ? 37  TYR B CE1 1 
ATOM   1081 C CE2 . TYR B 1 38 ? -8.317  -7.647  -9.351  1.00 12.71  ? 37  TYR B CE2 1 
ATOM   1082 C CZ  . TYR B 1 38 ? -9.546  -7.743  -8.710  1.00 12.91  ? 37  TYR B CZ  1 
ATOM   1083 O OH  . TYR B 1 38 ? -10.396 -6.705  -8.801  1.00 9.46   ? 37  TYR B OH  1 
ATOM   1084 N N   . ILE B 1 39 ? -4.444  -12.323 -10.579 1.00 14.72  ? 38  ILE B N   1 
ATOM   1085 C CA  . ILE B 1 39 ? -3.279  -13.126 -10.780 1.00 15.46  ? 38  ILE B CA  1 
ATOM   1086 C C   . ILE B 1 39 ? -2.038  -12.374 -10.382 1.00 15.76  ? 38  ILE B C   1 
ATOM   1087 O O   . ILE B 1 39 ? -1.851  -11.222 -10.753 1.00 14.20  ? 38  ILE B O   1 
ATOM   1088 C CB  . ILE B 1 39 ? -3.252  -13.644 -12.240 1.00 16.38  ? 38  ILE B CB  1 
ATOM   1089 C CG1 . ILE B 1 39 ? -4.493  -14.583 -12.424 1.00 18.82  ? 38  ILE B CG1 1 
ATOM   1090 C CG2 . ILE B 1 39 ? -1.940  -14.329 -12.564 1.00 16.84  ? 38  ILE B CG2 1 
ATOM   1091 C CD1 . ILE B 1 39 ? -4.543  -15.401 -13.650 1.00 22.62  ? 38  ILE B CD1 1 
ATOM   1092 N N   . LEU B 1 40 ? -1.180  -13.063 -9.639  1.00 16.66  ? 39  LEU B N   1 
ATOM   1093 C CA  . LEU B 1 40 ? 0.106   -12.529 -9.261  1.00 18.79  ? 39  LEU B CA  1 
ATOM   1094 C C   . LEU B 1 40 ? 1.216   -13.175 -10.066 1.00 19.26  ? 39  LEU B C   1 
ATOM   1095 O O   . LEU B 1 40 ? 1.206   -14.393 -10.327 1.00 20.22  ? 39  LEU B O   1 
ATOM   1096 C CB  . LEU B 1 40 ? 0.312   -12.785 -7.764  1.00 19.89  ? 39  LEU B CB  1 
ATOM   1097 C CG  . LEU B 1 40 ? 1.057   -11.820 -6.888  1.00 19.92  ? 39  LEU B CG  1 
ATOM   1098 C CD1 . LEU B 1 40 ? 0.393   -10.454 -6.877  1.00 21.01  ? 39  LEU B CD1 1 
ATOM   1099 C CD2 . LEU B 1 40 ? 1.011   -12.452 -5.562  1.00 20.01  ? 39  LEU B CD2 1 
ATOM   1100 N N   . SER B 1 41 ? 2.191   -12.360 -10.426 1.00 18.54  ? 40  SER B N   1 
ATOM   1101 C CA  . SER B 1 41 ? 3.296   -12.771 -11.282 1.00 19.74  ? 40  SER B CA  1 
ATOM   1102 C C   . SER B 1 41 ? 4.595   -12.054 -10.826 1.00 19.31  ? 40  SER B C   1 
ATOM   1103 O O   . SER B 1 41 ? 4.542   -11.092 -10.083 1.00 19.39  ? 40  SER B O   1 
ATOM   1104 C CB  . SER B 1 41 ? 2.946   -12.331 -12.698 1.00 19.65  ? 40  SER B CB  1 
ATOM   1105 O OG  . SER B 1 41 ? 3.423   -13.247 -13.615 1.00 24.86  ? 40  SER B OG  1 
ATOM   1106 N N   . GLY B 1 42 ? 5.749   -12.486 -11.294 1.00 20.32  ? 41  GLY B N   1 
ATOM   1107 C CA  . GLY B 1 42 ? 6.997   -11.789 -10.972 1.00 21.30  ? 41  GLY B CA  1 
ATOM   1108 C C   . GLY B 1 42 ? 7.617   -12.342 -9.703  1.00 22.50  ? 41  GLY B C   1 
ATOM   1109 O O   . GLY B 1 42 ? 7.332   -13.479 -9.341  1.00 22.07  ? 41  GLY B O   1 
ATOM   1110 N N   . GLU B 1 43 ? 8.413   -11.510 -9.008  1.00 23.16  ? 42  GLU B N   1 
ATOM   1111 C CA  . GLU B 1 43 ? 9.347   -11.951 -7.940  1.00 23.61  ? 42  GLU B CA  1 
ATOM   1112 C C   . GLU B 1 43 ? 8.713   -12.579 -6.701  1.00 22.05  ? 42  GLU B C   1 
ATOM   1113 O O   . GLU B 1 43 ? 8.119   -11.873 -5.887  1.00 22.68  ? 42  GLU B O   1 
ATOM   1114 C CB  . GLU B 1 43 ? 10.256  -10.786 -7.510  1.00 24.63  ? 42  GLU B CB  1 
ATOM   1115 C CG  . GLU B 1 43 ? 11.181  -10.291 -8.597  1.00 27.19  ? 42  GLU B CG  1 
ATOM   1116 C CD  . GLU B 1 43 ? 12.007  -9.065  -8.193  1.00 31.33  ? 42  GLU B CD  1 
ATOM   1117 O OE1 . GLU B 1 43 ? 11.858  -8.526  -7.069  1.00 31.49  ? 42  GLU B OE1 1 
ATOM   1118 O OE2 . GLU B 1 43 ? 12.825  -8.646  -9.030  1.00 32.59  ? 42  GLU B OE2 1 
ATOM   1119 N N   . GLY B 1 44 ? 8.878   -13.898 -6.555  1.00 21.73  ? 43  GLY B N   1 
ATOM   1120 C CA  . GLY B 1 44 ? 8.291   -14.683 -5.434  1.00 19.80  ? 43  GLY B CA  1 
ATOM   1121 C C   . GLY B 1 44 ? 6.778   -14.887 -5.431  1.00 18.20  ? 43  GLY B C   1 
ATOM   1122 O O   . GLY B 1 44 ? 6.191   -15.236 -4.407  1.00 17.53  ? 43  GLY B O   1 
ATOM   1123 N N   . ALA B 1 45 ? 6.142   -14.689 -6.581  1.00 17.17  ? 44  ALA B N   1 
ATOM   1124 C CA  . ALA B 1 45 ? 4.706   -14.866 -6.706  1.00 16.11  ? 44  ALA B CA  1 
ATOM   1125 C C   . ALA B 1 45 ? 4.328   -16.338 -6.452  1.00 15.90  ? 44  ALA B C   1 
ATOM   1126 O O   . ALA B 1 45 ? 4.906   -17.220 -7.064  1.00 15.59  ? 44  ALA B O   1 
ATOM   1127 C CB  . ALA B 1 45 ? 4.255   -14.438 -8.063  1.00 14.72  ? 44  ALA B CB  1 
ATOM   1128 N N   . GLY B 1 46 ? 3.382   -16.585 -5.539  1.00 15.40  ? 45  GLY B N   1 
ATOM   1129 C CA  . GLY B 1 46 ? 2.956   -17.954 -5.220  1.00 13.74  ? 45  GLY B CA  1 
ATOM   1130 C C   . GLY B 1 46 ? 3.833   -18.691 -4.189  1.00 13.62  ? 45  GLY B C   1 
ATOM   1131 O O   . GLY B 1 46 ? 3.435   -19.759 -3.676  1.00 13.35  ? 45  GLY B O   1 
ATOM   1132 N N   . ILE B 1 47 ? 5.001   -18.125 -3.902  1.00 12.06  ? 46  ILE B N   1 
ATOM   1133 C CA  . ILE B 1 47 ? 6.054   -18.753 -3.077  1.00 12.28  ? 46  ILE B CA  1 
ATOM   1134 C C   . ILE B 1 47 ? 6.337   -17.900 -1.844  1.00 11.49  ? 46  ILE B C   1 
ATOM   1135 O O   . ILE B 1 47 ? 6.307   -18.386 -0.734  1.00 12.09  ? 46  ILE B O   1 
ATOM   1136 C CB  . ILE B 1 47 ? 7.392   -18.950 -3.865  1.00 11.91  ? 46  ILE B CB  1 
ATOM   1137 C CG1 . ILE B 1 47 ? 7.170   -19.693 -5.197  1.00 14.59  ? 46  ILE B CG1 1 
ATOM   1138 C CG2 . ILE B 1 47 ? 8.460   -19.639 -2.966  1.00 13.37  ? 46  ILE B CG2 1 
ATOM   1139 C CD1 . ILE B 1 47 ? 6.705   -21.098 -5.060  1.00 14.51  ? 46  ILE B CD1 1 
ATOM   1140 N N   . VAL B 1 48 ? 6.623   -16.623 -2.057  1.00 11.52  ? 47  VAL B N   1 
ATOM   1141 C CA  . VAL B 1 48 ? 6.824   -15.650 -0.973  1.00 10.82  ? 47  VAL B CA  1 
ATOM   1142 C C   . VAL B 1 48 ? 5.448   -14.983 -0.678  1.00 11.01  ? 47  VAL B C   1 
ATOM   1143 O O   . VAL B 1 48 ? 5.071   -14.794 0.506   1.00 10.96  ? 47  VAL B O   1 
ATOM   1144 C CB  . VAL B 1 48 ? 7.888   -14.558 -1.370  1.00 11.44  ? 47  VAL B CB  1 
ATOM   1145 C CG1 . VAL B 1 48 ? 8.192   -13.642 -0.199  1.00 11.21  ? 47  VAL B CG1 1 
ATOM   1146 C CG2 . VAL B 1 48 ? 9.206   -15.177 -1.962  1.00 10.11  ? 47  VAL B CG2 1 
ATOM   1147 N N   . PHE B 1 49 ? 4.695   -14.701 -1.743  1.00 9.17   ? 48  PHE B N   1 
ATOM   1148 C CA  . PHE B 1 49 ? 3.406   -14.033 -1.638  1.00 10.28  ? 48  PHE B CA  1 
ATOM   1149 C C   . PHE B 1 49 ? 2.313   -14.832 -2.308  1.00 10.96  ? 48  PHE B C   1 
ATOM   1150 O O   . PHE B 1 49 ? 2.484   -15.332 -3.437  1.00 12.84  ? 48  PHE B O   1 
ATOM   1151 C CB  . PHE B 1 49 ? 3.438   -12.616 -2.232  1.00 9.62   ? 48  PHE B CB  1 
ATOM   1152 C CG  . PHE B 1 49 ? 4.539   -11.761 -1.676  1.00 10.21  ? 48  PHE B CG  1 
ATOM   1153 C CD1 . PHE B 1 49 ? 5.742   -11.607 -2.385  1.00 8.39   ? 48  PHE B CD1 1 
ATOM   1154 C CD2 . PHE B 1 49 ? 4.406   -11.171 -0.415  1.00 5.54   ? 48  PHE B CD2 1 
ATOM   1155 C CE1 . PHE B 1 49 ? 6.773   -10.832 -1.857  1.00 7.12   ? 48  PHE B CE1 1 
ATOM   1156 C CE2 . PHE B 1 49 ? 5.427   -10.430 0.127   1.00 9.58   ? 48  PHE B CE2 1 
ATOM   1157 C CZ  . PHE B 1 49 ? 6.635   -10.256 -0.598  1.00 10.37  ? 48  PHE B CZ  1 
ATOM   1158 N N   . THR B 1 50 ? 1.197   -14.969 -1.610  1.00 11.17  ? 49  THR B N   1 
ATOM   1159 C CA  . THR B 1 50 ? 0.055   -15.651 -2.152  1.00 12.92  ? 49  THR B CA  1 
ATOM   1160 C C   . THR B 1 50 ? -1.010  -14.598 -2.500  1.00 12.46  ? 49  THR B C   1 
ATOM   1161 O O   . THR B 1 50 ? -0.958  -13.473 -2.049  1.00 10.29  ? 49  THR B O   1 
ATOM   1162 C CB  . THR B 1 50 ? -0.500  -16.708 -1.136  1.00 14.09  ? 49  THR B CB  1 
ATOM   1163 O OG1 . THR B 1 50 ? -0.795  -16.039 0.096   1.00 17.19  ? 49  THR B OG1 1 
ATOM   1164 C CG2 . THR B 1 50 ? 0.518   -17.806 -0.871  1.00 14.40  ? 49  THR B CG2 1 
ATOM   1165 N N   . ILE B 1 51 ? -1.957  -14.979 -3.355  1.00 13.18  ? 50  ILE B N   1 
ATOM   1166 C CA  . ILE B 1 51 ? -3.083  -14.119 -3.669  1.00 13.42  ? 50  ILE B CA  1 
ATOM   1167 C C   . ILE B 1 51 ? -4.298  -14.980 -3.694  1.00 13.95  ? 50  ILE B C   1 
ATOM   1168 O O   . ILE B 1 51 ? -4.233  -16.127 -4.082  1.00 13.18  ? 50  ILE B O   1 
ATOM   1169 C CB  . ILE B 1 51 ? -2.922  -13.346 -5.036  1.00 13.59  ? 50  ILE B CB  1 
ATOM   1170 C CG1 . ILE B 1 51 ? -3.968  -12.207 -5.102  1.00 14.32  ? 50  ILE B CG1 1 
ATOM   1171 C CG2 . ILE B 1 51 ? -2.960  -14.318 -6.243  1.00 14.97  ? 50  ILE B CG2 1 
ATOM   1172 C CD1 . ILE B 1 51 ? -3.776  -11.152 -6.163  1.00 11.36  ? 50  ILE B CD1 1 
ATOM   1173 N N   . ASP B 1 52 ? -5.400  -14.417 -3.227  1.00 14.57  ? 51  ASP B N   1 
ATOM   1174 C CA  . ASP B 1 52 ? -6.672  -15.022 -3.388  1.00 15.30  ? 51  ASP B CA  1 
ATOM   1175 C C   . ASP B 1 52 ? -7.212  -14.438 -4.688  1.00 14.89  ? 51  ASP B C   1 
ATOM   1176 O O   . ASP B 1 52 ? -7.361  -13.214 -4.818  1.00 12.84  ? 51  ASP B O   1 
ATOM   1177 C CB  . ASP B 1 52 ? -7.567  -14.659 -2.214  1.00 15.98  ? 51  ASP B CB  1 
ATOM   1178 C CG  . ASP B 1 52 ? -8.943  -15.209 -2.362  1.00 19.59  ? 51  ASP B CG  1 
ATOM   1179 O OD1 . ASP B 1 52 ? -9.626  -14.865 -3.352  1.00 21.67  ? 51  ASP B OD1 1 
ATOM   1180 O OD2 . ASP B 1 52 ? -9.349  -16.004 -1.482  1.00 26.14  ? 51  ASP B OD2 1 
ATOM   1181 N N   . ASP B 1 53 ? -7.515  -15.311 -5.654  1.00 15.12  ? 52  ASP B N   1 
ATOM   1182 C CA  . ASP B 1 53 ? -7.806  -14.811 -7.021  1.00 15.90  ? 52  ASP B CA  1 
ATOM   1183 C C   . ASP B 1 53 ? -9.171  -14.170 -7.167  1.00 14.74  ? 52  ASP B C   1 
ATOM   1184 O O   . ASP B 1 53 ? -9.482  -13.605 -8.164  1.00 14.57  ? 52  ASP B O   1 
ATOM   1185 C CB  . ASP B 1 53 ? -7.534  -15.838 -8.100  1.00 16.14  ? 52  ASP B CB  1 
ATOM   1186 C CG  . ASP B 1 53 ? -8.425  -17.021 -8.024  1.00 18.72  ? 52  ASP B CG  1 
ATOM   1187 O OD1 . ASP B 1 53 ? -9.625  -16.909 -7.600  1.00 21.47  ? 52  ASP B OD1 1 
ATOM   1188 O OD2 . ASP B 1 53 ? -7.916  -18.081 -8.457  1.00 22.72  ? 52  ASP B OD2 1 
ATOM   1189 N N   . THR B 1 54 ? -9.948  -14.247 -6.107  1.00 15.53  ? 53  THR B N   1 
ATOM   1190 C CA  . THR B 1 54 ? -11.248 -13.659 -6.053  1.00 15.92  ? 53  THR B CA  1 
ATOM   1191 C C   . THR B 1 54 ? -11.233 -12.350 -5.334  1.00 15.63  ? 53  THR B C   1 
ATOM   1192 O O   . THR B 1 54 ? -11.796 -11.393 -5.819  1.00 17.57  ? 53  THR B O   1 
ATOM   1193 C CB  . THR B 1 54 ? -12.254 -14.599 -5.351  1.00 16.83  ? 53  THR B CB  1 
ATOM   1194 O OG1 . THR B 1 54 ? -12.353 -15.780 -6.154  1.00 16.36  ? 53  THR B OG1 1 
ATOM   1195 C CG2 . THR B 1 54 ? -13.649 -13.925 -5.288  1.00 14.95  ? 53  THR B CG2 1 
ATOM   1196 N N   . THR B 1 55 ? -10.654 -12.306 -4.142  1.00 14.87  ? 54  THR B N   1 
ATOM   1197 C CA  . THR B 1 55 ? -10.687 -11.065 -3.368  1.00 13.24  ? 54  THR B CA  1 
ATOM   1198 C C   . THR B 1 55 ? -9.548  -10.148 -3.765  1.00 12.09  ? 54  THR B C   1 
ATOM   1199 O O   . THR B 1 55 ? -9.587  -8.964  -3.520  1.00 12.60  ? 54  THR B O   1 
ATOM   1200 C CB  . THR B 1 55 ? -10.614 -11.322 -1.870  1.00 11.90  ? 54  THR B CB  1 
ATOM   1201 O OG1 . THR B 1 55 ? -9.432  -12.063 -1.590  1.00 11.04  ? 54  THR B OG1 1 
ATOM   1202 C CG2 . THR B 1 55 ? -11.825 -12.132 -1.378  1.00 13.66  ? 54  THR B CG2 1 
ATOM   1203 N N   . GLY B 1 56 ? -8.516  -10.709 -4.359  1.00 11.97  ? 55  GLY B N   1 
ATOM   1204 C CA  . GLY B 1 56 ? -7.322  -9.940  -4.652  1.00 10.74  ? 55  GLY B CA  1 
ATOM   1205 C C   . GLY B 1 56 ? -6.409  -9.752  -3.439  1.00 11.06  ? 55  GLY B C   1 
ATOM   1206 O O   . GLY B 1 56 ? -5.430  -9.019  -3.552  1.00 10.18  ? 55  GLY B O   1 
ATOM   1207 N N   . ASP B 1 57 ? -6.739  -10.349 -2.273  1.00 10.57  ? 56  ASP B N   1 
ATOM   1208 C CA  . ASP B 1 57 ? -5.876  -10.243 -1.066  1.00 10.99  ? 56  ASP B CA  1 
ATOM   1209 C C   . ASP B 1 57 ? -4.518  -10.918 -1.218  1.00 10.24  ? 56  ASP B C   1 
ATOM   1210 O O   . ASP B 1 57 ? -4.435  -12.053 -1.709  1.00 10.84  ? 56  ASP B O   1 
ATOM   1211 C CB  . ASP B 1 57 ? -6.540  -10.862 0.161   1.00 11.95  ? 56  ASP B CB  1 
ATOM   1212 C CG  . ASP B 1 57 ? -7.747  -10.105 0.603   1.00 14.83  ? 56  ASP B CG  1 
ATOM   1213 O OD1 . ASP B 1 57 ? -7.870  -8.940  0.216   1.00 18.68  ? 56  ASP B OD1 1 
ATOM   1214 O OD2 . ASP B 1 57 ? -8.570  -10.668 1.339   1.00 16.79  ? 56  ASP B OD2 1 
ATOM   1215 N N   . ILE B 1 58 ? -3.479  -10.238 -0.740  1.00 9.49   ? 57  ILE B N   1 
ATOM   1216 C CA  . ILE B 1 58 ? -2.130  -10.697 -0.808  1.00 9.90   ? 57  ILE B CA  1 
ATOM   1217 C C   . ILE B 1 58 ? -1.570  -10.943 0.570   1.00 9.47   ? 57  ILE B C   1 
ATOM   1218 O O   . ILE B 1 58 ? -1.727  -10.109 1.453   1.00 9.15   ? 57  ILE B O   1 
ATOM   1219 C CB  . ILE B 1 58 ? -1.222  -9.700  -1.585  1.00 10.80  ? 57  ILE B CB  1 
ATOM   1220 C CG1 . ILE B 1 58 ? -1.765  -9.526  -2.997  1.00 11.36  ? 57  ILE B CG1 1 
ATOM   1221 C CG2 . ILE B 1 58 ? 0.258   -10.214 -1.610  1.00 9.87   ? 57  ILE B CG2 1 
ATOM   1222 C CD1 . ILE B 1 58 ? -1.334  -8.224  -3.666  1.00 10.92  ? 57  ILE B CD1 1 
ATOM   1223 N N   . HIS B 1 59 ? -0.970  -12.130 0.763   1.00 10.47  ? 58  HIS B N   1 
ATOM   1224 C CA  . HIS B 1 59 ? -0.323  -12.498 2.025   1.00 11.88  ? 58  HIS B CA  1 
ATOM   1225 C C   . HIS B 1 59 ? 1.127   -12.852 1.811   1.00 12.42  ? 58  HIS B C   1 
ATOM   1226 O O   . HIS B 1 59 ? 1.462   -13.414 0.770   1.00 13.74  ? 58  HIS B O   1 
ATOM   1227 C CB  . HIS B 1 59 ? -1.003  -13.672 2.691   1.00 12.30  ? 58  HIS B CB  1 
ATOM   1228 C CG  . HIS B 1 59 ? -2.341  -13.351 3.248   1.00 11.54  ? 58  HIS B CG  1 
ATOM   1229 N ND1 . HIS B 1 59 ? -3.477  -13.328 2.472   1.00 11.56  ? 58  HIS B ND1 1 
ATOM   1230 C CD2 . HIS B 1 59 ? -2.744  -13.098 4.519   1.00 12.84  ? 58  HIS B CD2 1 
ATOM   1231 C CE1 . HIS B 1 59 ? -4.526  -13.056 3.228   1.00 10.29  ? 58  HIS B CE1 1 
ATOM   1232 N NE2 . HIS B 1 59 ? -4.112  -12.927 4.481   1.00 12.08  ? 58  HIS B NE2 1 
ATOM   1233 N N   . ALA B 1 60 ? 1.987   -12.497 2.768   1.00 12.04  ? 59  ALA B N   1 
ATOM   1234 C CA  . ALA B 1 60 ? 3.372   -12.999 2.790   1.00 12.67  ? 59  ALA B CA  1 
ATOM   1235 C C   . ALA B 1 60 ? 3.361   -14.256 3.642   1.00 13.29  ? 59  ALA B C   1 
ATOM   1236 O O   . ALA B 1 60 ? 2.752   -14.269 4.721   1.00 13.70  ? 59  ALA B O   1 
ATOM   1237 C CB  . ALA B 1 60 ? 4.353   -11.957 3.356   1.00 12.02  ? 59  ALA B CB  1 
ATOM   1238 N N   . ILE B 1 61 ? 4.003   -15.314 3.138   1.00 13.95  ? 60  ILE B N   1 
ATOM   1239 C CA  . ILE B 1 61 ? 4.025   -16.605 3.778   1.00 16.18  ? 60  ILE B CA  1 
ATOM   1240 C C   . ILE B 1 61 ? 5.454   -17.115 4.045   1.00 16.90  ? 60  ILE B C   1 
ATOM   1241 O O   . ILE B 1 61 ? 5.645   -18.266 4.371   1.00 17.83  ? 60  ILE B O   1 
ATOM   1242 C CB  . ILE B 1 61 ? 3.128   -17.654 2.998   1.00 16.55  ? 60  ILE B CB  1 
ATOM   1243 C CG1 . ILE B 1 61 ? 3.587   -17.827 1.538   1.00 18.64  ? 60  ILE B CG1 1 
ATOM   1244 C CG2 . ILE B 1 61 ? 1.678   -17.240 3.059   1.00 16.21  ? 60  ILE B CG2 1 
ATOM   1245 C CD1 . ILE B 1 61 ? 3.411   -19.250 0.947   1.00 19.72  ? 60  ILE B CD1 1 
ATOM   1246 N N   . GLN B 1 62 ? 6.451   -16.253 3.904   1.00 17.71  ? 61  GLN B N   1 
ATOM   1247 C CA  . GLN B 1 62 ? 7.832   -16.565 4.300   1.00 18.34  ? 61  GLN B CA  1 
ATOM   1248 C C   . GLN B 1 62 ? 8.276   -15.503 5.268   1.00 18.24  ? 61  GLN B C   1 
ATOM   1249 O O   . GLN B 1 62 ? 7.652   -14.443 5.365   1.00 17.93  ? 61  GLN B O   1 
ATOM   1250 C CB  . GLN B 1 62 ? 8.794   -16.580 3.081   1.00 18.02  ? 61  GLN B CB  1 
ATOM   1251 C CG  . GLN B 1 62 ? 8.723   -17.875 2.274   1.00 19.81  ? 61  GLN B CG  1 
ATOM   1252 C CD  . GLN B 1 62 ? 9.749   -17.971 1.155   1.00 22.58  ? 61  GLN B CD  1 
ATOM   1253 O OE1 . GLN B 1 62 ? 10.846  -17.452 1.253   1.00 27.78  ? 61  GLN B OE1 1 
ATOM   1254 N NE2 . GLN B 1 62 ? 9.402   -18.687 0.104   1.00 24.84  ? 61  GLN B NE2 1 
ATOM   1255 N N   . ARG B 1 63 ? 9.343   -15.815 5.996   1.00 18.55  ? 62  ARG B N   1 
ATOM   1256 C CA  . ARG B 1 63 ? 10.024  -14.879 6.874   1.00 17.89  ? 62  ARG B CA  1 
ATOM   1257 C C   . ARG B 1 63 ? 10.849  -14.023 5.949   1.00 18.65  ? 62  ARG B C   1 
ATOM   1258 O O   . ARG B 1 63 ? 11.614  -14.526 5.109   1.00 17.57  ? 62  ARG B O   1 
ATOM   1259 C CB  . ARG B 1 63 ? 10.914  -15.614 7.892   1.00 17.97  ? 62  ARG B CB  1 
ATOM   1260 C CG  . ARG B 1 63 ? 11.776  -14.732 8.751   1.00 17.65  ? 62  ARG B CG  1 
ATOM   1261 C CD  . ARG B 1 63 ? 10.930  -14.068 9.790   1.00 19.38  ? 62  ARG B CD  1 
ATOM   1262 N NE  . ARG B 1 63 ? 11.637  -12.953 10.423  1.00 21.98  ? 62  ARG B NE  1 
ATOM   1263 C CZ  . ARG B 1 63 ? 11.188  -12.296 11.490  1.00 22.97  ? 62  ARG B CZ  1 
ATOM   1264 N NH1 . ARG B 1 63 ? 10.023  -12.629 12.062  1.00 21.47  ? 62  ARG B NH1 1 
ATOM   1265 N NH2 . ARG B 1 63 ? 11.899  -11.294 11.990  1.00 22.70  ? 62  ARG B NH2 1 
ATOM   1266 N N   . LEU B 1 64 ? 10.675  -12.716 6.087   1.00 19.03  ? 63  LEU B N   1 
ATOM   1267 C CA  . LEU B 1 64 ? 11.284  -11.806 5.161   1.00 21.31  ? 63  LEU B CA  1 
ATOM   1268 C C   . LEU B 1 64 ? 12.379  -11.045 5.915   1.00 22.22  ? 63  LEU B C   1 
ATOM   1269 O O   . LEU B 1 64 ? 12.393  -11.035 7.152   1.00 22.39  ? 63  LEU B O   1 
ATOM   1270 C CB  . LEU B 1 64 ? 10.201  -10.881 4.550   1.00 21.44  ? 63  LEU B CB  1 
ATOM   1271 C CG  . LEU B 1 64 ? 9.006   -11.542 3.800   1.00 23.21  ? 63  LEU B CG  1 
ATOM   1272 C CD1 . LEU B 1 64 ? 8.093   -10.515 3.162   1.00 22.34  ? 63  LEU B CD1 1 
ATOM   1273 C CD2 . LEU B 1 64 ? 9.457   -12.545 2.727   1.00 21.46  ? 63  LEU B CD2 1 
ATOM   1274 N N   . ASP B 1 65 ? 13.305  -10.420 5.189   1.00 22.55  ? 64  ASP B N   1 
ATOM   1275 C CA  . ASP B 1 65 ? 14.355  -9.648  5.844   1.00 24.23  ? 64  ASP B CA  1 
ATOM   1276 C C   . ASP B 1 65 ? 14.833  -8.582  4.879   1.00 24.40  ? 64  ASP B C   1 
ATOM   1277 O O   . ASP B 1 65 ? 15.245  -8.885  3.748   1.00 23.87  ? 64  ASP B O   1 
ATOM   1278 C CB  . ASP B 1 65 ? 15.505  -10.579 6.333   1.00 25.45  ? 64  ASP B CB  1 
ATOM   1279 C CG  . ASP B 1 65 ? 16.733  -9.806  6.853   1.00 29.70  ? 64  ASP B CG  1 
ATOM   1280 O OD1 . ASP B 1 65 ? 16.592  -8.867  7.694   1.00 35.27  ? 64  ASP B OD1 1 
ATOM   1281 O OD2 . ASP B 1 65 ? 17.857  -10.165 6.427   1.00 35.79  ? 64  ASP B OD2 1 
ATOM   1282 N N   . ARG B 1 66 ? 14.743  -7.332  5.322   1.00 24.24  ? 65  ARG B N   1 
ATOM   1283 C CA  . ARG B 1 66 ? 15.128  -6.200  4.504   1.00 25.58  ? 65  ARG B CA  1 
ATOM   1284 C C   . ARG B 1 66 ? 16.593  -6.255  4.044   1.00 26.41  ? 65  ARG B C   1 
ATOM   1285 O O   . ARG B 1 66 ? 16.914  -5.853  2.907   1.00 25.98  ? 65  ARG B O   1 
ATOM   1286 C CB  . ARG B 1 66 ? 14.852  -4.873  5.215   1.00 24.90  ? 65  ARG B CB  1 
ATOM   1287 C CG  . ARG B 1 66 ? 14.731  -3.739  4.239   1.00 26.97  ? 65  ARG B CG  1 
ATOM   1288 C CD  . ARG B 1 66 ? 14.951  -2.348  4.823   1.00 28.54  ? 65  ARG B CD  1 
ATOM   1289 N NE  . ARG B 1 66 ? 15.427  -1.481  3.747   1.00 34.18  ? 65  ARG B NE  1 
ATOM   1290 C CZ  . ARG B 1 66 ? 14.748  -0.458  3.228   1.00 36.48  ? 65  ARG B CZ  1 
ATOM   1291 N NH1 . ARG B 1 66 ? 13.559  -0.150  3.724   1.00 37.39  ? 65  ARG B NH1 1 
ATOM   1292 N NH2 . ARG B 1 66 ? 15.256  0.266   2.219   1.00 33.94  ? 65  ARG B NH2 1 
ATOM   1293 N N   . GLU B 1 67 ? 17.471  -6.745  4.920   1.00 27.19  ? 66  GLU B N   1 
ATOM   1294 C CA  . GLU B 1 67 ? 18.922  -6.775  4.622   1.00 28.64  ? 66  GLU B CA  1 
ATOM   1295 C C   . GLU B 1 67 ? 19.268  -7.767  3.529   1.00 27.99  ? 66  GLU B C   1 
ATOM   1296 O O   . GLU B 1 67 ? 20.086  -7.466  2.649   1.00 29.29  ? 66  GLU B O   1 
ATOM   1297 C CB  . GLU B 1 67 ? 19.753  -7.045  5.891   1.00 28.92  ? 66  GLU B CB  1 
ATOM   1298 C CG  . GLU B 1 67 ? 19.894  -5.831  6.794   1.00 33.31  ? 66  GLU B CG  1 
ATOM   1299 C CD  . GLU B 1 67 ? 20.573  -6.146  8.123   1.00 41.47  ? 66  GLU B CD  1 
ATOM   1300 O OE1 . GLU B 1 67 ? 21.533  -6.966  8.133   1.00 44.85  ? 66  GLU B OE1 1 
ATOM   1301 O OE2 . GLU B 1 67 ? 20.147  -5.569  9.162   1.00 42.70  ? 66  GLU B OE2 1 
ATOM   1302 N N   . GLU B 1 68 ? 18.640  -8.937  3.590   1.00 27.23  ? 67  GLU B N   1 
ATOM   1303 C CA  . GLU B 1 68 ? 18.663  -9.907  2.506   1.00 26.77  ? 67  GLU B CA  1 
ATOM   1304 C C   . GLU B 1 68 ? 18.016  -9.403  1.195   1.00 26.07  ? 67  GLU B C   1 
ATOM   1305 O O   . GLU B 1 68 ? 18.614  -9.502  0.107   1.00 26.37  ? 67  GLU B O   1 
ATOM   1306 C CB  . GLU B 1 68 ? 17.913  -11.158 2.954   1.00 27.14  ? 67  GLU B CB  1 
ATOM   1307 C CG  . GLU B 1 68 ? 18.686  -12.113 3.879   1.00 31.87  ? 67  GLU B CG  1 
ATOM   1308 C CD  . GLU B 1 68 ? 17.798  -13.281 4.318   1.00 38.16  ? 67  GLU B CD  1 
ATOM   1309 O OE1 . GLU B 1 68 ? 16.951  -13.690 3.486   1.00 41.29  ? 67  GLU B OE1 1 
ATOM   1310 O OE2 . GLU B 1 68 ? 17.901  -13.759 5.482   1.00 37.95  ? 67  GLU B OE2 1 
ATOM   1311 N N   . ARG B 1 69 ? 16.778  -8.907  1.292   1.00 23.74  ? 68  ARG B N   1 
ATOM   1312 C CA  . ARG B 1 69 ? 15.998  -8.497  0.109   1.00 22.66  ? 68  ARG B CA  1 
ATOM   1313 C C   . ARG B 1 69 ? 15.045  -7.415  0.546   1.00 20.55  ? 68  ARG B C   1 
ATOM   1314 O O   . ARG B 1 69 ? 14.168  -7.684  1.364   1.00 19.31  ? 68  ARG B O   1 
ATOM   1315 C CB  . ARG B 1 69 ? 15.168  -9.647  -0.436  1.00 22.42  ? 68  ARG B CB  1 
ATOM   1316 C CG  . ARG B 1 69 ? 14.771  -9.461  -1.864  1.00 24.58  ? 68  ARG B CG  1 
ATOM   1317 C CD  . ARG B 1 69 ? 14.447  -10.803 -2.404  1.00 30.42  ? 68  ARG B CD  1 
ATOM   1318 N NE  . ARG B 1 69 ? 14.385  -10.881 -3.852  1.00 34.30  ? 68  ARG B NE  1 
ATOM   1319 C CZ  . ARG B 1 69 ? 15.352  -11.412 -4.598  1.00 39.81  ? 68  ARG B CZ  1 
ATOM   1320 N NH1 . ARG B 1 69 ? 16.463  -11.894 -4.016  1.00 39.56  ? 68  ARG B NH1 1 
ATOM   1321 N NH2 . ARG B 1 69 ? 15.213  -11.464 -5.927  1.00 39.52  ? 68  ARG B NH2 1 
ATOM   1322 N N   . SER B 1 70 ? 15.233  -6.202  0.027   1.00 19.23  ? 69  SER B N   1 
ATOM   1323 C CA  . SER B 1 70 ? 14.517  -5.043  0.584   1.00 19.25  ? 69  SER B CA  1 
ATOM   1324 C C   . SER B 1 70 ? 13.185  -4.834  -0.080  1.00 17.93  ? 69  SER B C   1 
ATOM   1325 O O   . SER B 1 70 ? 12.353  -4.090  0.429   1.00 19.16  ? 69  SER B O   1 
ATOM   1326 C CB  . SER B 1 70 ? 15.372  -3.776  0.498   1.00 18.08  ? 69  SER B CB  1 
ATOM   1327 O OG  . SER B 1 70 ? 15.576  -3.436  -0.861  1.00 19.85  ? 69  SER B OG  1 
ATOM   1328 N N   . GLN B 1 71 ? 12.979  -5.489  -1.218  1.00 18.56  ? 70  GLN B N   1 
ATOM   1329 C CA  . GLN B 1 71 ? 11.719  -5.359  -1.971  1.00 17.52  ? 70  GLN B CA  1 
ATOM   1330 C C   . GLN B 1 71 ? 11.548  -6.416  -3.061  1.00 16.99  ? 70  GLN B C   1 
ATOM   1331 O O   . GLN B 1 71 ? 12.529  -7.013  -3.514  1.00 17.30  ? 70  GLN B O   1 
ATOM   1332 C CB  . GLN B 1 71 ? 11.628  -3.973  -2.609  1.00 17.13  ? 70  GLN B CB  1 
ATOM   1333 C CG  . GLN B 1 71 ? 12.798  -3.614  -3.513  1.00 19.02  ? 70  GLN B CG  1 
ATOM   1334 C CD  . GLN B 1 71 ? 12.463  -2.484  -4.449  1.00 20.68  ? 70  GLN B CD  1 
ATOM   1335 O OE1 . GLN B 1 71 ? 12.096  -2.717  -5.613  1.00 26.82  ? 70  GLN B OE1 1 
ATOM   1336 N NE2 . GLN B 1 71 ? 12.548  -1.267  -3.961  1.00 18.40  ? 70  GLN B NE2 1 
ATOM   1337 N N   . TYR B 1 72 ? 10.297  -6.565  -3.524  1.00 15.03  ? 71  TYR B N   1 
ATOM   1338 C CA  . TYR B 1 72 ? 9.908   -7.501  -4.568  1.00 13.33  ? 71  TYR B CA  1 
ATOM   1339 C C   . TYR B 1 72 ? 9.090   -6.784  -5.595  1.00 12.15  ? 71  TYR B C   1 
ATOM   1340 O O   . TYR B 1 72 ? 8.107   -6.129  -5.266  1.00 12.63  ? 71  TYR B O   1 
ATOM   1341 C CB  . TYR B 1 72 ? 9.053   -8.658  -3.989  1.00 12.12  ? 71  TYR B CB  1 
ATOM   1342 C CG  . TYR B 1 72 ? 9.786   -9.483  -2.956  1.00 14.64  ? 71  TYR B CG  1 
ATOM   1343 C CD1 . TYR B 1 72 ? 9.938   -9.008  -1.649  1.00 14.28  ? 71  TYR B CD1 1 
ATOM   1344 C CD2 . TYR B 1 72 ? 10.358  -10.735 -3.293  1.00 16.40  ? 71  TYR B CD2 1 
ATOM   1345 C CE1 . TYR B 1 72 ? 10.613  -9.740  -0.696  1.00 17.49  ? 71  TYR B CE1 1 
ATOM   1346 C CE2 . TYR B 1 72 ? 11.051  -11.480 -2.327  1.00 17.12  ? 71  TYR B CE2 1 
ATOM   1347 C CZ  . TYR B 1 72 ? 11.158  -10.961 -1.038  1.00 18.14  ? 71  TYR B CZ  1 
ATOM   1348 O OH  . TYR B 1 72 ? 11.785  -11.652 -0.066  1.00 21.39  ? 71  TYR B OH  1 
ATOM   1349 N N   . THR B 1 73 ? 9.460   -6.945  -6.841  1.00 11.59  ? 72  THR B N   1 
ATOM   1350 C CA  . THR B 1 73 ? 8.694   -6.401  -7.948  1.00 12.47  ? 72  THR B CA  1 
ATOM   1351 C C   . THR B 1 73 ? 7.767   -7.487  -8.463  1.00 12.25  ? 72  THR B C   1 
ATOM   1352 O O   . THR B 1 73 ? 8.223   -8.521  -8.928  1.00 13.20  ? 72  THR B O   1 
ATOM   1353 C CB  . THR B 1 73 ? 9.635   -5.941  -9.091  1.00 13.08  ? 72  THR B CB  1 
ATOM   1354 O OG1 . THR B 1 73 ? 10.570  -5.003  -8.574  1.00 13.04  ? 72  THR B OG1 1 
ATOM   1355 C CG2 . THR B 1 73 ? 8.872   -5.315  -10.264 1.00 13.80  ? 72  THR B CG2 1 
ATOM   1356 N N   . LEU B 1 74 ? 6.464   -7.244  -8.377  1.00 12.02  ? 73  LEU B N   1 
ATOM   1357 C CA  . LEU B 1 74 ? 5.463   -8.190  -8.835  1.00 11.60  ? 73  LEU B CA  1 
ATOM   1358 C C   . LEU B 1 74 ? 4.659   -7.563  -9.935  1.00 11.45  ? 73  LEU B C   1 
ATOM   1359 O O   . LEU B 1 74 ? 4.866   -6.408  -10.267 1.00 11.05  ? 73  LEU B O   1 
ATOM   1360 C CB  . LEU B 1 74 ? 4.541   -8.633  -7.687  1.00 10.50  ? 73  LEU B CB  1 
ATOM   1361 C CG  . LEU B 1 74 ? 5.304   -9.459  -6.660  1.00 14.19  ? 73  LEU B CG  1 
ATOM   1362 C CD1 . LEU B 1 74 ? 5.457   -8.681  -5.386  1.00 18.39  ? 73  LEU B CD1 1 
ATOM   1363 C CD2 . LEU B 1 74 ? 4.571   -10.724 -6.359  1.00 16.65  ? 73  LEU B CD2 1 
ATOM   1364 N N   . ARG B 1 75 ? 3.763   -8.358  -10.501 1.00 12.57  ? 74  ARG B N   1 
ATOM   1365 C CA  . ARG B 1 75 ? 2.900   -7.969  -11.588 1.00 13.78  ? 74  ARG B CA  1 
ATOM   1366 C C   . ARG B 1 75 ? 1.501   -8.406  -11.249 1.00 13.78  ? 74  ARG B C   1 
ATOM   1367 O O   . ARG B 1 75 ? 1.267   -9.545  -10.765 1.00 13.96  ? 74  ARG B O   1 
ATOM   1368 C CB  . ARG B 1 75 ? 3.347   -8.597  -12.911 1.00 14.10  ? 74  ARG B CB  1 
ATOM   1369 C CG  . ARG B 1 75 ? 4.657   -7.980  -13.468 1.00 18.27  ? 74  ARG B CG  1 
ATOM   1370 C CD  . ARG B 1 75 ? 5.068   -8.596  -14.798 1.00 22.84  ? 74  ARG B CD  1 
ATOM   1371 N NE  . ARG B 1 75 ? 5.903   -9.777  -14.623 1.00 30.32  ? 74  ARG B NE  1 
ATOM   1372 C CZ  . ARG B 1 75 ? 5.589   -10.998 -15.054 1.00 33.37  ? 74  ARG B CZ  1 
ATOM   1373 N NH1 . ARG B 1 75 ? 4.446   -11.209 -15.717 1.00 36.06  ? 74  ARG B NH1 1 
ATOM   1374 N NH2 . ARG B 1 75 ? 6.426   -12.011 -14.835 1.00 32.04  ? 74  ARG B NH2 1 
ATOM   1375 N N   . ALA B 1 76 ? 0.576   -7.507  -11.529 1.00 12.63  ? 75  ALA B N   1 
ATOM   1376 C CA  . ALA B 1 76 ? -0.808  -7.734  -11.292 1.00 12.76  ? 75  ALA B CA  1 
ATOM   1377 C C   . ALA B 1 76 ? -1.495  -7.931  -12.636 1.00 14.18  ? 75  ALA B C   1 
ATOM   1378 O O   . ALA B 1 76 ? -1.281  -7.162  -13.613 1.00 13.46  ? 75  ALA B O   1 
ATOM   1379 C CB  . ALA B 1 76 ? -1.402  -6.515  -10.594 1.00 12.05  ? 75  ALA B CB  1 
ATOM   1380 N N   . GLN B 1 77 ? -2.356  -8.934  -12.675 1.00 14.36  ? 76  GLN B N   1 
ATOM   1381 C CA  . GLN B 1 77 ? -3.222  -9.120  -13.815 1.00 15.86  ? 76  GLN B CA  1 
ATOM   1382 C C   . GLN B 1 77 ? -4.600  -9.254  -13.287 1.00 15.26  ? 76  GLN B C   1 
ATOM   1383 O O   . GLN B 1 77 ? -4.780  -9.700  -12.157 1.00 16.38  ? 76  GLN B O   1 
ATOM   1384 C CB  . GLN B 1 77 ? -2.834  -10.402 -14.560 1.00 16.54  ? 76  GLN B CB  1 
ATOM   1385 C CG  . GLN B 1 77 ? -1.456  -10.383 -15.120 1.00 18.78  ? 76  GLN B CG  1 
ATOM   1386 C CD  . GLN B 1 77 ? -1.189  -11.615 -15.926 1.00 24.97  ? 76  GLN B CD  1 
ATOM   1387 O OE1 . GLN B 1 77 ? -1.875  -11.880 -16.918 1.00 29.49  ? 76  GLN B OE1 1 
ATOM   1388 N NE2 . GLN B 1 77 ? -0.203  -12.389 -15.512 1.00 24.82  ? 76  GLN B NE2 1 
ATOM   1389 N N   . ALA B 1 78 ? -5.561  -8.848  -14.094 1.00 16.45  ? 77  ALA B N   1 
ATOM   1390 C CA  . ALA B 1 78 ? -6.992  -8.979  -13.816 1.00 17.67  ? 77  ALA B CA  1 
ATOM   1391 C C   . ALA B 1 78 ? -7.643  -9.600  -15.066 1.00 19.78  ? 77  ALA B C   1 
ATOM   1392 O O   . ALA B 1 78 ? -7.739  -8.970  -16.110 1.00 19.54  ? 77  ALA B O   1 
ATOM   1393 C CB  . ALA B 1 78 ? -7.620  -7.649  -13.491 1.00 16.33  ? 77  ALA B CB  1 
ATOM   1394 N N   . LEU B 1 79 ? -8.063  -10.860 -14.957 1.00 21.12  ? 78  LEU B N   1 
ATOM   1395 C CA  . LEU B 1 79 ? -8.631  -11.561 -16.097 1.00 22.50  ? 78  LEU B CA  1 
ATOM   1396 C C   . LEU B 1 79 ? -10.099 -11.811 -15.909 1.00 23.70  ? 78  LEU B C   1 
ATOM   1397 O O   . LEU B 1 79 ? -10.592 -11.879 -14.788 1.00 23.64  ? 78  LEU B O   1 
ATOM   1398 C CB  . LEU B 1 79 ? -7.925  -12.889 -16.304 1.00 22.41  ? 78  LEU B CB  1 
ATOM   1399 C CG  . LEU B 1 79 ? -6.414  -12.882 -16.300 1.00 22.88  ? 78  LEU B CG  1 
ATOM   1400 C CD1 . LEU B 1 79 ? -6.025  -14.324 -16.359 1.00 25.37  ? 78  LEU B CD1 1 
ATOM   1401 C CD2 . LEU B 1 79 ? -5.820  -12.094 -17.499 1.00 22.85  ? 78  LEU B CD2 1 
ATOM   1402 N N   . ASP B 1 80 ? -10.818 -11.879 -17.023 1.00 25.84  ? 79  ASP B N   1 
ATOM   1403 C CA  . ASP B 1 80 ? -12.178 -12.398 -17.040 1.00 27.55  ? 79  ASP B CA  1 
ATOM   1404 C C   . ASP B 1 80 ? -12.149 -13.915 -16.710 1.00 28.12  ? 79  ASP B C   1 
ATOM   1405 O O   . ASP B 1 80 ? -11.507 -14.668 -17.428 1.00 28.20  ? 79  ASP B O   1 
ATOM   1406 C CB  . ASP B 1 80 ? -12.729 -12.185 -18.448 1.00 28.27  ? 79  ASP B CB  1 
ATOM   1407 C CG  . ASP B 1 80 ? -14.154 -12.668 -18.592 1.00 29.92  ? 79  ASP B CG  1 
ATOM   1408 O OD1 . ASP B 1 80 ? -15.075 -11.873 -18.295 1.00 30.55  ? 79  ASP B OD1 1 
ATOM   1409 O OD2 . ASP B 1 80 ? -14.341 -13.841 -19.006 1.00 32.91  ? 79  ASP B OD2 1 
ATOM   1410 N N   . ARG B 1 81 ? -12.807 -14.345 -15.630 1.00 29.39  ? 80  ARG B N   1 
ATOM   1411 C CA  . ARG B 1 81 ? -12.863 -15.771 -15.228 1.00 31.51  ? 80  ARG B CA  1 
ATOM   1412 C C   . ARG B 1 81 ? -13.069 -16.733 -16.414 1.00 32.92  ? 80  ARG B C   1 
ATOM   1413 O O   . ARG B 1 81 ? -12.349 -17.726 -16.567 1.00 33.94  ? 80  ARG B O   1 
ATOM   1414 C CB  . ARG B 1 81 ? -14.050 -16.040 -14.305 1.00 31.60  ? 80  ARG B CB  1 
ATOM   1415 C CG  . ARG B 1 81 ? -13.908 -15.662 -12.878 1.00 31.45  ? 80  ARG B CG  1 
ATOM   1416 C CD  . ARG B 1 81 ? -13.565 -16.799 -11.916 1.00 28.93  ? 80  ARG B CD  1 
ATOM   1417 N NE  . ARG B 1 81 ? -13.006 -16.083 -10.784 1.00 26.96  ? 80  ARG B NE  1 
ATOM   1418 C CZ  . ARG B 1 81 ? -12.009 -16.455 -10.010 1.00 25.66  ? 80  ARG B CZ  1 
ATOM   1419 N NH1 . ARG B 1 81 ? -11.432 -17.641 -10.110 1.00 24.09  ? 80  ARG B NH1 1 
ATOM   1420 N NH2 . ARG B 1 81 ? -11.628 -15.603 -9.083  1.00 28.16  ? 80  ARG B NH2 1 
ATOM   1421 N N   . ARG B 1 82 ? -14.085 -16.425 -17.212 1.00 33.82  ? 81  ARG B N   1 
ATOM   1422 C CA  . ARG B 1 82 ? -14.586 -17.306 -18.249 1.00 34.94  ? 81  ARG B CA  1 
ATOM   1423 C C   . ARG B 1 82 ? -13.585 -17.472 -19.367 1.00 35.12  ? 81  ARG B C   1 
ATOM   1424 O O   . ARG B 1 82 ? -13.268 -18.600 -19.753 1.00 36.34  ? 81  ARG B O   1 
ATOM   1425 C CB  . ARG B 1 82 ? -15.893 -16.741 -18.809 1.00 35.10  ? 81  ARG B CB  1 
ATOM   1426 N N   . THR B 1 83 ? -13.081 -16.337 -19.859 1.00 35.01  ? 82  THR B N   1 
ATOM   1427 C CA  . THR B 1 83 ? -12.312 -16.260 -21.098 1.00 34.05  ? 82  THR B CA  1 
ATOM   1428 C C   . THR B 1 83 ? -10.824 -16.298 -20.845 1.00 33.13  ? 82  THR B C   1 
ATOM   1429 O O   . THR B 1 83 ? -10.044 -16.748 -21.719 1.00 33.37  ? 82  THR B O   1 
ATOM   1430 C CB  . THR B 1 83 ? -12.576 -14.927 -21.817 1.00 34.08  ? 82  THR B CB  1 
ATOM   1431 O OG1 . THR B 1 83 ? -13.965 -14.591 -21.717 1.00 34.68  ? 82  THR B OG1 1 
ATOM   1432 C CG2 . THR B 1 83 ? -12.195 -15.048 -23.276 1.00 36.23  ? 82  THR B CG2 1 
ATOM   1433 N N   . GLY B 1 84 ? -10.418 -15.789 -19.679 1.00 31.06  ? 83  GLY B N   1 
ATOM   1434 C CA  . GLY B 1 84 ? -9.005  -15.661 -19.375 1.00 28.86  ? 83  GLY B CA  1 
ATOM   1435 C C   . GLY B 1 84 ? -8.389  -14.501 -20.124 1.00 27.96  ? 83  GLY B C   1 
ATOM   1436 O O   . GLY B 1 84 ? -7.173  -14.318 -20.084 1.00 27.85  ? 83  GLY B O   1 
ATOM   1437 N N   . ARG B 1 85 ? -9.212  -13.706 -20.811 1.00 26.74  ? 84  ARG B N   1 
ATOM   1438 C CA  . ARG B 1 85 ? -8.694  -12.526 -21.501 1.00 26.46  ? 84  ARG B CA  1 
ATOM   1439 C C   . ARG B 1 85 ? -8.569  -11.350 -20.523 1.00 25.96  ? 84  ARG B C   1 
ATOM   1440 O O   . ARG B 1 85 ? -9.457  -11.119 -19.692 1.00 23.79  ? 84  ARG B O   1 
ATOM   1441 C CB  . ARG B 1 85 ? -9.550  -12.152 -22.722 1.00 26.57  ? 84  ARG B CB  1 
ATOM   1442 N N   . PRO B 1 86 ? -7.457  -10.603 -20.627 1.00 26.01  ? 85  PRO B N   1 
ATOM   1443 C CA  . PRO B 1 86 ? -7.150  -9.514  -19.701 1.00 25.78  ? 85  PRO B CA  1 
ATOM   1444 C C   . PRO B 1 86 ? -8.178  -8.398  -19.755 1.00 25.62  ? 85  PRO B C   1 
ATOM   1445 O O   . PRO B 1 86 ? -8.624  -8.036  -20.851 1.00 26.00  ? 85  PRO B O   1 
ATOM   1446 C CB  . PRO B 1 86 ? -5.768  -9.039  -20.172 1.00 26.15  ? 85  PRO B CB  1 
ATOM   1447 C CG  . PRO B 1 86 ? -5.670  -9.458  -21.561 1.00 26.42  ? 85  PRO B CG  1 
ATOM   1448 C CD  . PRO B 1 86 ? -6.399  -10.766 -21.638 1.00 26.36  ? 85  PRO B CD  1 
ATOM   1449 N N   . MET B 1 87 ? -8.590  -7.905  -18.581 1.00 24.30  ? 86  MET B N   1 
ATOM   1450 C CA  . MET B 1 87 ? -9.514  -6.782  -18.462 1.00 23.96  ? 86  MET B CA  1 
ATOM   1451 C C   . MET B 1 87 ? -8.833  -5.470  -18.039 1.00 22.49  ? 86  MET B C   1 
ATOM   1452 O O   . MET B 1 87 ? -9.445  -4.385  -18.091 1.00 22.39  ? 86  MET B O   1 
ATOM   1453 C CB  . MET B 1 87 ? -10.612 -7.115  -17.443 1.00 25.20  ? 86  MET B CB  1 
ATOM   1454 C CG  . MET B 1 87 ? -11.586 -8.122  -17.964 1.00 28.72  ? 86  MET B CG  1 
ATOM   1455 S SD  . MET B 1 87 ? -12.814 -8.440  -16.736 1.00 37.55  ? 86  MET B SD  1 
ATOM   1456 C CE  . MET B 1 87 ? -14.071 -7.206  -17.141 1.00 37.56  ? 86  MET B CE  1 
ATOM   1457 N N   . GLU B 1 88 ? -7.609  -5.596  -17.555 1.00 20.12  ? 87  GLU B N   1 
ATOM   1458 C CA  . GLU B 1 88 ? -6.758  -4.485  -17.216 1.00 18.64  ? 87  GLU B CA  1 
ATOM   1459 C C   . GLU B 1 88 ? -5.450  -4.752  -17.900 1.00 18.06  ? 87  GLU B C   1 
ATOM   1460 O O   . GLU B 1 88 ? -5.146  -5.910  -18.181 1.00 19.07  ? 87  GLU B O   1 
ATOM   1461 C CB  . GLU B 1 88 ? -6.478  -4.425  -15.708 1.00 18.49  ? 87  GLU B CB  1 
ATOM   1462 C CG  . GLU B 1 88 ? -7.687  -4.058  -14.837 1.00 18.80  ? 87  GLU B CG  1 
ATOM   1463 C CD  . GLU B 1 88 ? -8.070  -2.587  -14.896 1.00 19.54  ? 87  GLU B CD  1 
ATOM   1464 O OE1 . GLU B 1 88 ? -7.420  -1.769  -15.624 1.00 21.30  ? 87  GLU B OE1 1 
ATOM   1465 O OE2 . GLU B 1 88 ? -9.045  -2.231  -14.191 1.00 20.44  ? 87  GLU B OE2 1 
ATOM   1466 N N   . PRO B 1 89 ? -4.660  -3.703  -18.149 1.00 17.51  ? 88  PRO B N   1 
ATOM   1467 C CA  . PRO B 1 89 ? -3.285  -3.956  -18.530 1.00 18.40  ? 88  PRO B CA  1 
ATOM   1468 C C   . PRO B 1 89 ? -2.537  -4.458  -17.309 1.00 18.62  ? 88  PRO B C   1 
ATOM   1469 O O   . PRO B 1 89 ? -2.773  -3.994  -16.194 1.00 18.02  ? 88  PRO B O   1 
ATOM   1470 C CB  . PRO B 1 89 ? -2.754  -2.557  -18.885 1.00 18.08  ? 88  PRO B CB  1 
ATOM   1471 C CG  . PRO B 1 89 ? -3.604  -1.617  -18.095 1.00 18.10  ? 88  PRO B CG  1 
ATOM   1472 C CD  . PRO B 1 89 ? -4.956  -2.255  -18.048 1.00 17.32  ? 88  PRO B CD  1 
ATOM   1473 N N   . GLU B 1 90 ? -1.613  -5.366  -17.537 1.00 19.52  ? 89  GLU B N   1 
ATOM   1474 C CA  . GLU B 1 90 ? -0.878  -5.966  -16.472 1.00 20.35  ? 89  GLU B CA  1 
ATOM   1475 C C   . GLU B 1 90 ? -0.034  -4.846  -15.920 1.00 20.27  ? 89  GLU B C   1 
ATOM   1476 O O   . GLU B 1 90 ? 0.424   -3.964  -16.676 1.00 21.91  ? 89  GLU B O   1 
ATOM   1477 C CB  . GLU B 1 90 ? -0.038  -7.122  -17.022 1.00 21.58  ? 89  GLU B CB  1 
ATOM   1478 C CG  . GLU B 1 90 ? 1.159   -7.454  -16.186 1.00 24.61  ? 89  GLU B CG  1 
ATOM   1479 C CD  . GLU B 1 90 ? 2.084   -8.392  -16.896 1.00 29.20  ? 89  GLU B CD  1 
ATOM   1480 O OE1 . GLU B 1 90 ? 3.132   -7.912  -17.404 1.00 32.93  ? 89  GLU B OE1 1 
ATOM   1481 O OE2 . GLU B 1 90 ? 1.752   -9.593  -16.953 1.00 30.88  ? 89  GLU B OE2 1 
ATOM   1482 N N   . SER B 1 91 ? 0.097   -4.803  -14.601 1.00 18.64  ? 90  SER B N   1 
ATOM   1483 C CA  . SER B 1 91 ? 0.748   -3.681  -13.988 1.00 17.14  ? 90  SER B CA  1 
ATOM   1484 C C   . SER B 1 91 ? 1.734   -4.153  -12.940 1.00 16.46  ? 90  SER B C   1 
ATOM   1485 O O   . SER B 1 91 ? 1.413   -4.979  -12.087 1.00 15.56  ? 90  SER B O   1 
ATOM   1486 C CB  . SER B 1 91 ? -0.303  -2.736  -13.398 1.00 17.06  ? 90  SER B CB  1 
ATOM   1487 O OG  . SER B 1 91 ? 0.295   -1.607  -12.765 1.00 20.58  ? 90  SER B OG  1 
ATOM   1488 N N   . GLU B 1 92 ? 2.931   -3.607  -12.995 1.00 16.14  ? 91  GLU B N   1 
ATOM   1489 C CA  . GLU B 1 92 ? 3.915   -3.875  -11.975 1.00 17.00  ? 91  GLU B CA  1 
ATOM   1490 C C   . GLU B 1 92 ? 3.583   -3.147  -10.698 1.00 15.96  ? 91  GLU B C   1 
ATOM   1491 O O   . GLU B 1 92 ? 3.032   -2.062  -10.731 1.00 15.04  ? 91  GLU B O   1 
ATOM   1492 C CB  . GLU B 1 92 ? 5.311   -3.506  -12.443 1.00 18.05  ? 91  GLU B CB  1 
ATOM   1493 C CG  . GLU B 1 92 ? 5.946   -4.599  -13.308 1.00 24.87  ? 91  GLU B CG  1 
ATOM   1494 C CD  . GLU B 1 92 ? 7.206   -4.139  -14.042 1.00 31.09  ? 91  GLU B CD  1 
ATOM   1495 O OE1 . GLU B 1 92 ? 8.217   -3.781  -13.389 1.00 29.37  ? 91  GLU B OE1 1 
ATOM   1496 O OE2 . GLU B 1 92 ? 7.170   -4.152  -15.287 1.00 36.65  ? 91  GLU B OE2 1 
ATOM   1497 N N   . PHE B 1 93 ? 3.900   -3.776  -9.574  1.00 14.74  ? 92  PHE B N   1 
ATOM   1498 C CA  . PHE B 1 93 ? 3.803   -3.132  -8.273  1.00 14.33  ? 92  PHE B CA  1 
ATOM   1499 C C   . PHE B 1 93 ? 4.867   -3.666  -7.369  1.00 14.04  ? 92  PHE B C   1 
ATOM   1500 O O   . PHE B 1 93 ? 5.398   -4.721  -7.599  1.00 15.01  ? 92  PHE B O   1 
ATOM   1501 C CB  . PHE B 1 93 ? 2.411   -3.290  -7.641  1.00 13.22  ? 92  PHE B CB  1 
ATOM   1502 C CG  . PHE B 1 93 ? 2.100   -4.681  -7.198  1.00 12.00  ? 92  PHE B CG  1 
ATOM   1503 C CD1 . PHE B 1 93 ? 2.333   -5.069  -5.865  1.00 12.97  ? 92  PHE B CD1 1 
ATOM   1504 C CD2 . PHE B 1 93 ? 1.582   -5.611  -8.095  1.00 7.13   ? 92  PHE B CD2 1 
ATOM   1505 C CE1 . PHE B 1 93 ? 2.043   -6.359  -5.448  1.00 9.98   ? 92  PHE B CE1 1 
ATOM   1506 C CE2 . PHE B 1 93 ? 1.283   -6.912  -7.687  1.00 7.16   ? 92  PHE B CE2 1 
ATOM   1507 C CZ  . PHE B 1 93 ? 1.521   -7.277  -6.369  1.00 9.94   ? 92  PHE B CZ  1 
ATOM   1508 N N   . ILE B 1 94 ? 5.178   -2.949  -6.312  1.00 14.06  ? 93  ILE B N   1 
ATOM   1509 C CA  . ILE B 1 94 ? 6.246   -3.406  -5.465  1.00 14.38  ? 93  ILE B CA  1 
ATOM   1510 C C   . ILE B 1 94 ? 5.777   -3.679  -4.045  1.00 13.67  ? 93  ILE B C   1 
ATOM   1511 O O   . ILE B 1 94 ? 4.873   -3.018  -3.528  1.00 12.81  ? 93  ILE B O   1 
ATOM   1512 C CB  . ILE B 1 94 ? 7.432   -2.368  -5.469  1.00 15.19  ? 93  ILE B CB  1 
ATOM   1513 C CG1 . ILE B 1 94 ? 8.603   -2.893  -4.689  1.00 16.44  ? 93  ILE B CG1 1 
ATOM   1514 C CG2 . ILE B 1 94 ? 7.019   -1.072  -4.821  1.00 18.05  ? 93  ILE B CG2 1 
ATOM   1515 C CD1 . ILE B 1 94 ? 9.719   -1.918  -4.764  1.00 24.47  ? 93  ILE B CD1 1 
ATOM   1516 N N   . ILE B 1 95 ? 6.404   -4.674  -3.426  1.00 12.63  ? 94  ILE B N   1 
ATOM   1517 C CA  . ILE B 1 95 ? 6.252   -4.895  -2.009  1.00 12.79  ? 94  ILE B CA  1 
ATOM   1518 C C   . ILE B 1 95 ? 7.583   -4.580  -1.319  1.00 13.34  ? 94  ILE B C   1 
ATOM   1519 O O   . ILE B 1 95 ? 8.622   -5.219  -1.628  1.00 13.35  ? 94  ILE B O   1 
ATOM   1520 C CB  . ILE B 1 95 ? 5.816   -6.362  -1.727  1.00 12.56  ? 94  ILE B CB  1 
ATOM   1521 C CG1 . ILE B 1 95 ? 4.412   -6.585  -2.316  1.00 13.51  ? 94  ILE B CG1 1 
ATOM   1522 C CG2 . ILE B 1 95 ? 5.896   -6.610  -0.242  1.00 14.87  ? 94  ILE B CG2 1 
ATOM   1523 C CD1 . ILE B 1 95 ? 3.999   -8.033  -2.513  1.00 15.83  ? 94  ILE B CD1 1 
ATOM   1524 N N   . LYS B 1 96 ? 7.563   -3.592  -0.416  1.00 14.02  ? 95  LYS B N   1 
ATOM   1525 C CA  . LYS B 1 96 ? 8.758   -3.138  0.282   1.00 14.67  ? 95  LYS B CA  1 
ATOM   1526 C C   . LYS B 1 96 ? 8.756   -3.715  1.676   1.00 15.54  ? 95  LYS B C   1 
ATOM   1527 O O   . LYS B 1 96 ? 7.717   -3.757  2.324   1.00 14.82  ? 95  LYS B O   1 
ATOM   1528 C CB  . LYS B 1 96 ? 8.833   -1.618  0.311   1.00 14.40  ? 95  LYS B CB  1 
ATOM   1529 C CG  . LYS B 1 96 ? 9.283   -1.112  -1.027  1.00 18.26  ? 95  LYS B CG  1 
ATOM   1530 C CD  . LYS B 1 96 ? 9.189   0.356   -1.170  1.00 18.84  ? 95  LYS B CD  1 
ATOM   1531 C CE  . LYS B 1 96 ? 9.926   0.732   -2.435  1.00 18.90  ? 95  LYS B CE  1 
ATOM   1532 N NZ  . LYS B 1 96 ? 9.732   2.156   -2.638  1.00 18.47  ? 95  LYS B NZ  1 
ATOM   1533 N N   . ILE B 1 97 ? 9.932   -4.159  2.112   1.00 17.19  ? 96  ILE B N   1 
ATOM   1534 C CA  . ILE B 1 97 ? 10.092  -4.782  3.421   1.00 18.86  ? 96  ILE B CA  1 
ATOM   1535 C C   . ILE B 1 97 ? 10.693  -3.709  4.352   1.00 19.61  ? 96  ILE B C   1 
ATOM   1536 O O   . ILE B 1 97 ? 11.717  -3.132  4.045   1.00 18.50  ? 96  ILE B O   1 
ATOM   1537 C CB  . ILE B 1 97 ? 10.981  -6.040  3.361   1.00 19.01  ? 96  ILE B CB  1 
ATOM   1538 C CG1 . ILE B 1 97 ? 10.702  -6.894  2.101   1.00 18.57  ? 96  ILE B CG1 1 
ATOM   1539 C CG2 . ILE B 1 97 ? 10.779  -6.904  4.612   1.00 20.71  ? 96  ILE B CG2 1 
ATOM   1540 C CD1 . ILE B 1 97 ? 9.245   -7.281  1.940   1.00 18.97  ? 96  ILE B CD1 1 
ATOM   1541 N N   . GLN B 1 98 ? 10.025  -3.421  5.456   1.00 21.31  ? 97  GLN B N   1 
ATOM   1542 C CA  . GLN B 1 98 ? 10.543  -2.471  6.444   1.00 24.50  ? 97  GLN B CA  1 
ATOM   1543 C C   . GLN B 1 98 ? 11.096  -3.236  7.622   1.00 25.84  ? 97  GLN B C   1 
ATOM   1544 O O   . GLN B 1 98 ? 10.500  -4.227  8.031   1.00 25.83  ? 97  GLN B O   1 
ATOM   1545 C CB  . GLN B 1 98 ? 9.442   -1.541  6.924   1.00 23.91  ? 97  GLN B CB  1 
ATOM   1546 C CG  . GLN B 1 98 ? 8.717   -0.865  5.779   1.00 28.77  ? 97  GLN B CG  1 
ATOM   1547 C CD  . GLN B 1 98 ? 9.560   0.228   5.124   1.00 32.40  ? 97  GLN B CD  1 
ATOM   1548 O OE1 . GLN B 1 98 ? 10.327  0.937   5.812   1.00 34.58  ? 97  GLN B OE1 1 
ATOM   1549 N NE2 . GLN B 1 98 ? 9.402   0.397   3.801   1.00 30.87  ? 97  GLN B NE2 1 
ATOM   1550 N N   . ASP B 1 99 ? 12.205  -2.753  8.175   1.00 28.55  ? 98  ASP B N   1 
ATOM   1551 C CA  . ASP B 1 99 ? 12.938  -3.443  9.245   1.00 31.95  ? 98  ASP B CA  1 
ATOM   1552 C C   . ASP B 1 99 ? 12.689  -2.859  10.629  1.00 33.31  ? 98  ASP B C   1 
ATOM   1553 O O   . ASP B 1 99 ? 12.711  -3.587  11.636  1.00 33.91  ? 98  ASP B O   1 
ATOM   1554 C CB  . ASP B 1 99 ? 14.447  -3.410  8.979   1.00 32.89  ? 98  ASP B CB  1 
ATOM   1555 C CG  . ASP B 1 99 ? 14.959  -1.997  8.699   1.00 36.41  ? 98  ASP B CG  1 
ATOM   1556 O OD1 . ASP B 1 99 ? 15.844  -1.490  9.445   1.00 42.99  ? 98  ASP B OD1 1 
ATOM   1557 O OD2 . ASP B 1 99 ? 14.457  -1.373  7.733   1.00 38.99  ? 98  ASP B OD2 1 
ATOM   1558 O OXT . ASP B 1 99 ? 12.495  -1.644  10.786  1.00 35.00  ? 98  ASP B OXT 1 
HETATM 1559 O O   . HOH C 2 .  ? 9.068   9.528   -0.130  1.00 16.26  ? 99  HOH A O   1 
HETATM 1560 O O   . HOH C 2 .  ? 2.772   -11.578 13.217  1.00 17.74  ? 100 HOH A O   1 
HETATM 1561 O O   . HOH C 2 .  ? -12.108 -7.200  15.009  1.00 37.67  ? 101 HOH A O   1 
HETATM 1562 O O   . HOH C 2 .  ? 18.988  12.408  -2.831  1.00 31.29  ? 102 HOH A O   1 
HETATM 1563 O O   . HOH C 2 .  ? -2.306  17.166  2.978   1.00 16.12  ? 103 HOH A O   1 
HETATM 1564 O O   . HOH C 2 .  ? -8.453  4.255   -2.923  1.00 36.95  ? 104 HOH A O   1 
HETATM 1565 O O   . HOH C 2 .  ? -7.825  16.921  19.357  1.00 12.93  ? 105 HOH A O   1 
HETATM 1566 O O   . HOH C 2 .  ? 11.726  11.032  0.337   1.00 30.66  ? 106 HOH A O   1 
HETATM 1567 O O   . HOH C 2 .  ? -15.915 2.867   9.113   1.00 25.98  ? 107 HOH A O   1 
HETATM 1568 O O   . HOH C 2 .  ? -4.601  -2.763  -7.258  1.00 10.96  ? 108 HOH A O   1 
HETATM 1569 O O   . HOH C 2 .  ? -7.315  3.910   -10.287 1.00 25.38  ? 109 HOH A O   1 
HETATM 1570 O O   . HOH C 2 .  ? 13.394  15.707  -3.071  1.00 26.38  ? 110 HOH A O   1 
HETATM 1571 O O   . HOH C 2 .  ? -2.555  10.168  19.256  1.00 41.94  ? 111 HOH A O   1 
HETATM 1572 O O   . HOH C 2 .  ? 2.049   -4.274  17.691  1.00 16.86  ? 112 HOH A O   1 
HETATM 1573 O O   . HOH C 2 .  ? -10.318 2.453   13.385  1.00 19.12  ? 113 HOH A O   1 
HETATM 1574 O O   . HOH C 2 .  ? -4.074  2.959   -11.677 1.00 21.37  ? 114 HOH A O   1 
HETATM 1575 O O   . HOH C 2 .  ? -0.377  -12.579 14.284  1.00 33.31  ? 115 HOH A O   1 
HETATM 1576 O O   . HOH C 2 .  ? 5.048   16.125  9.708   1.00 26.10  ? 116 HOH A O   1 
HETATM 1577 O O   . HOH C 2 .  ? -9.691  4.371   17.202  1.00 29.02  ? 117 HOH A O   1 
HETATM 1578 O O   . HOH C 2 .  ? 11.307  22.979  5.784   1.00 31.99  ? 118 HOH A O   1 
HETATM 1579 O O   . HOH C 2 .  ? -11.262 -6.544  17.170  1.00 43.21  ? 119 HOH A O   1 
HETATM 1580 O O   . HOH C 2 .  ? 12.047  14.890  1.254   1.00 15.94  ? 120 HOH A O   1 
HETATM 1581 O O   . HOH C 2 .  ? 18.722  9.164   -1.773  1.00 35.47  ? 121 HOH A O   1 
HETATM 1582 O O   . HOH C 2 .  ? 3.447   5.058   -1.832  1.00 17.41  ? 122 HOH A O   1 
HETATM 1583 O O   . HOH C 2 .  ? -5.845  18.412  19.528  1.00 18.05  ? 123 HOH A O   1 
HETATM 1584 O O   . HOH C 2 .  ? 1.474   16.634  7.856   1.00 16.63  ? 124 HOH A O   1 
HETATM 1585 O O   . HOH C 2 .  ? 13.091  16.590  -5.232  1.00 25.26  ? 125 HOH A O   1 
HETATM 1586 O O   . HOH C 2 .  ? 0.680   18.816  -3.429  1.00 20.70  ? 126 HOH A O   1 
HETATM 1587 O O   . HOH C 2 .  ? -0.846  20.879  -2.287  1.00 19.73  ? 127 HOH A O   1 
HETATM 1588 O O   . HOH C 2 .  ? -12.578 8.157   -1.866  1.00 30.36  ? 128 HOH A O   1 
HETATM 1589 O O   . HOH C 2 .  ? -10.578 2.554   16.248  1.00 22.92  ? 129 HOH A O   1 
HETATM 1590 O O   . HOH C 2 .  ? -3.070  21.014  -5.125  1.00 29.46  ? 130 HOH A O   1 
HETATM 1591 O O   . HOH C 2 .  ? 12.708  20.468  7.872   1.00 31.27  ? 131 HOH A O   1 
HETATM 1592 O O   . HOH C 2 .  ? -4.873  4.429   -7.807  1.00 8.43   ? 132 HOH A O   1 
HETATM 1593 O O   . HOH C 2 .  ? 2.316   16.005  -11.247 1.00 13.98  ? 133 HOH A O   1 
HETATM 1594 O O   . HOH C 2 .  ? 6.292   -0.204  12.861  1.00 14.30  ? 134 HOH A O   1 
HETATM 1595 O O   . HOH C 2 .  ? 1.542   -0.809  19.603  1.00 25.74  ? 135 HOH A O   1 
HETATM 1596 O O   . HOH C 2 .  ? -3.233  9.636   -9.352  1.00 26.18  ? 136 HOH A O   1 
HETATM 1597 O O   . HOH C 2 .  ? -2.101  5.150   -9.505  1.00 33.99  ? 137 HOH A O   1 
HETATM 1598 O O   . HOH C 2 .  ? 0.270   -1.274  8.704   1.00 21.92  ? 138 HOH A O   1 
HETATM 1599 O O   . HOH C 2 .  ? 11.865  10.524  -12.964 1.00 35.52  ? 139 HOH A O   1 
HETATM 1600 O O   . HOH C 2 .  ? -0.265  -3.810  9.341   1.00 19.82  ? 140 HOH A O   1 
HETATM 1601 O O   . HOH C 2 .  ? 0.393   -1.049  2.456   1.00 20.89  ? 141 HOH A O   1 
HETATM 1602 O O   . HOH C 2 .  ? 10.980  5.770   -2.068  1.00 23.64  ? 142 HOH A O   1 
HETATM 1603 O O   . HOH C 2 .  ? -5.991  9.906   -5.531  1.00 25.50  ? 143 HOH A O   1 
HETATM 1604 O O   . HOH C 2 .  ? -10.004 7.431   -3.552  1.00 26.88  ? 144 HOH A O   1 
HETATM 1605 O O   . HOH C 2 .  ? -13.827 -0.003  4.505   1.00 33.76  ? 145 HOH A O   1 
HETATM 1606 O O   . HOH C 2 .  ? 13.761  13.807  -0.521  1.00 38.36  ? 146 HOH A O   1 
HETATM 1607 O O   . HOH C 2 .  ? 1.852   -1.684  21.980  1.00 26.58  ? 147 HOH A O   1 
HETATM 1608 O O   . HOH C 2 .  ? -0.962  1.944   15.991  1.00 22.58  ? 148 HOH A O   1 
HETATM 1609 O O   . HOH C 2 .  ? 4.217   28.889  -1.402  1.00 35.12  ? 149 HOH A O   1 
HETATM 1610 O O   . HOH C 2 .  ? 12.755  25.225  -5.103  1.00 27.45  ? 150 HOH A O   1 
HETATM 1611 O O   . HOH C 2 .  ? -2.143  18.435  7.738   1.00 32.09  ? 151 HOH A O   1 
HETATM 1612 O O   . HOH C 2 .  ? -16.859 -0.368  10.774  1.00 29.27  ? 152 HOH A O   1 
HETATM 1613 O O   . HOH C 2 .  ? 8.499   25.807  -6.647  1.00 26.11  ? 153 HOH A O   1 
HETATM 1614 O O   . HOH C 2 .  ? 8.156   15.480  9.787   1.00 19.32  ? 154 HOH A O   1 
HETATM 1615 O O   . HOH C 2 .  ? 4.137   17.113  7.346   1.00 17.43  ? 155 HOH A O   1 
HETATM 1616 O O   . HOH C 2 .  ? 13.475  22.900  -2.553  1.00 27.43  ? 156 HOH A O   1 
HETATM 1617 O O   . HOH C 2 .  ? 6.180   24.759  8.446   1.00 28.20  ? 157 HOH A O   1 
HETATM 1618 O O   . HOH C 2 .  ? -13.175 7.293   5.016   1.00 32.88  ? 158 HOH A O   1 
HETATM 1619 O O   . HOH C 2 .  ? -2.143  0.856   23.221  1.00 37.17  ? 159 HOH A O   1 
HETATM 1620 O O   . HOH C 2 .  ? -16.576 -1.232  8.242   1.00 34.51  ? 160 HOH A O   1 
HETATM 1621 O O   . HOH C 2 .  ? -1.095  0.733   -2.708  1.00 38.30  ? 161 HOH A O   1 
HETATM 1622 O O   . HOH C 2 .  ? -0.751  16.911  -12.574 1.00 32.54  ? 162 HOH A O   1 
HETATM 1623 O O   . HOH C 2 .  ? 6.253   13.347  -12.760 1.00 39.14  ? 163 HOH A O   1 
HETATM 1624 O O   . HOH C 2 .  ? 0.824   -1.234  5.399   1.00 29.96  ? 164 HOH A O   1 
HETATM 1625 O O   . HOH C 2 .  ? -7.609  12.817  -5.235  1.00 28.78  ? 165 HOH A O   1 
HETATM 1626 O O   . HOH C 2 .  ? -7.664  15.068  12.240  1.00 25.63  ? 166 HOH A O   1 
HETATM 1627 O O   . HOH C 2 .  ? 12.649  9.903   -10.194 1.00 29.83  ? 167 HOH A O   1 
HETATM 1628 O O   . HOH C 2 .  ? 6.820   13.156  12.246  1.00 39.95  ? 168 HOH A O   1 
HETATM 1629 O O   . HOH C 2 .  ? 1.728   27.306  -2.829  1.00 34.58  ? 169 HOH A O   1 
HETATM 1630 O O   . HOH C 2 .  ? -12.513 -4.855  19.001  1.00 32.85  ? 170 HOH A O   1 
HETATM 1631 O O   . HOH C 2 .  ? 7.129   30.779  -2.451  1.00 29.25  ? 171 HOH A O   1 
HETATM 1632 O O   . HOH C 2 .  ? 11.698  9.572   -7.077  1.00 24.16  ? 172 HOH A O   1 
HETATM 1633 O O   . HOH C 2 .  ? -10.613 -3.436  1.115   1.00 30.18  ? 173 HOH A O   1 
HETATM 1634 O O   . HOH C 2 .  ? 1.134   14.832  10.405  1.00 26.52  ? 174 HOH A O   1 
HETATM 1635 O O   . HOH C 2 .  ? 15.500  12.015  1.409   1.00 42.77  ? 175 HOH A O   1 
HETATM 1636 O O   . HOH C 2 .  ? 9.014   2.146   11.907  1.00 33.89  ? 176 HOH A O   1 
HETATM 1637 O O   . HOH C 2 .  ? -4.223  7.125   -8.027  1.00 33.76  ? 177 HOH A O   1 
HETATM 1638 O O   . HOH C 2 .  ? 5.867   8.889   10.531  1.00 19.58  ? 178 HOH A O   1 
HETATM 1639 O O   . HOH C 2 .  ? -8.929  4.767   -6.486  1.00 22.25  ? 179 HOH A O   1 
HETATM 1640 O O   . HOH C 2 .  ? -16.226 6.480   5.667   1.00 47.61  ? 180 HOH A O   1 
HETATM 1641 O O   . HOH C 2 .  ? -7.798  13.964  20.423  1.00 33.58  ? 181 HOH A O   1 
HETATM 1642 O O   . HOH C 2 .  ? 0.279   -0.142  23.286  1.00 33.00  ? 182 HOH A O   1 
HETATM 1643 O O   . HOH C 2 .  ? -10.682 12.265  -6.180  1.00 37.99  ? 183 HOH A O   1 
HETATM 1644 O O   . HOH C 2 .  ? 3.326   26.163  1.264   1.00 42.19  ? 184 HOH A O   1 
HETATM 1645 O O   . HOH C 2 .  ? -14.956 4.985   7.338   1.00 27.70  ? 185 HOH A O   1 
HETATM 1646 O O   . HOH C 2 .  ? -6.061  14.407  -7.623  1.00 38.70  ? 186 HOH A O   1 
HETATM 1647 O O   . HOH C 2 .  ? -1.401  16.578  10.884  1.00 36.01  ? 187 HOH A O   1 
HETATM 1648 O O   . HOH C 2 .  ? -1.497  21.484  -7.211  1.00 44.96  ? 188 HOH A O   1 
HETATM 1649 O O   . HOH C 2 .  ? 2.218   -0.727  17.216  1.00 24.54  ? 189 HOH A O   1 
HETATM 1650 O O   . HOH C 2 .  ? -3.095  -0.628  -3.219  1.00 38.59  ? 190 HOH A O   1 
HETATM 1651 O O   . HOH C 2 .  ? -2.967  -1.797  23.665  1.00 52.84  ? 191 HOH A O   1 
HETATM 1652 O O   . HOH C 2 .  ? -7.351  -7.941  15.515  1.00 49.32  ? 192 HOH A O   1 
HETATM 1653 O O   . HOH C 2 .  ? -11.745 -9.592  8.410   1.00 39.40  ? 193 HOH A O   1 
HETATM 1654 O O   . HOH D 2 .  ? -14.804 -1.799  -8.141  1.00 13.30  ? 99  HOH B O   1 
HETATM 1655 O O   . HOH D 2 .  ? 7.134   -17.415 -8.985  1.00 25.67  ? 100 HOH B O   1 
HETATM 1656 O O   . HOH D 2 .  ? -11.899 -16.639 -2.060  1.00 30.17  ? 101 HOH B O   1 
HETATM 1657 O O   . HOH D 2 .  ? -7.002  -18.260 -5.122  1.00 23.85  ? 102 HOH B O   1 
HETATM 1658 O O   . HOH D 2 .  ? -3.434  -14.535 -0.266  1.00 22.33  ? 103 HOH B O   1 
HETATM 1659 O O   . HOH D 2 .  ? 11.993  -17.934 -1.607  1.00 29.12  ? 104 HOH B O   1 
HETATM 1660 O O   . HOH D 2 .  ? 4.382   -13.850 6.798   1.00 21.82  ? 105 HOH B O   1 
HETATM 1661 O O   . HOH D 2 .  ? 12.560  -5.824  -6.975  1.00 37.05  ? 106 HOH B O   1 
HETATM 1662 O O   . HOH D 2 .  ? -13.636 -4.723  -3.073  1.00 36.75  ? 107 HOH B O   1 
HETATM 1663 O O   . HOH D 2 .  ? -8.874  -13.864 0.834   1.00 32.34  ? 108 HOH B O   1 
HETATM 1664 O O   . HOH D 2 .  ? 6.975   -20.759 3.524   1.00 20.27  ? 109 HOH B O   1 
HETATM 1665 O O   . HOH D 2 .  ? 6.068   1.621   -7.950  1.00 18.99  ? 110 HOH B O   1 
HETATM 1666 O O   . HOH D 2 .  ? -4.408  -8.002  -16.526 1.00 17.77  ? 111 HOH B O   1 
HETATM 1667 O O   . HOH D 2 .  ? -2.774  -9.721  -18.111 1.00 22.24  ? 112 HOH B O   1 
HETATM 1668 O O   . HOH D 2 .  ? -8.368  -18.853 -3.088  1.00 40.49  ? 113 HOH B O   1 
HETATM 1669 O O   . HOH D 2 .  ? -16.183 -2.283  -4.954  1.00 27.77  ? 114 HOH B O   1 
HETATM 1670 O O   . HOH D 2 .  ? 10.153  -18.557 6.482   1.00 19.50  ? 115 HOH B O   1 
HETATM 1671 O O   . HOH D 2 .  ? -2.143  -17.128 2.190   1.00 22.88  ? 116 HOH B O   1 
HETATM 1672 O O   . HOH D 2 .  ? 5.052   3.802   -10.104 1.00 38.32  ? 117 HOH B O   1 
HETATM 1673 O O   . HOH D 2 .  ? 13.830  -4.795  -8.564  1.00 26.32  ? 118 HOH B O   1 
HETATM 1674 O O   . HOH D 2 .  ? -4.099  -17.018 3.828   1.00 44.57  ? 119 HOH B O   1 
HETATM 1675 O O   . HOH D 2 .  ? 5.595   -2.500  15.276  1.00 34.59  ? 120 HOH B O   1 
HETATM 1676 O O   . HOH D 2 .  ? 3.696   -1.616  -14.939 1.00 22.04  ? 121 HOH B O   1 
HETATM 1677 O O   . HOH D 2 .  ? 17.967  -10.239 10.090  1.00 4.64   ? 122 HOH B O   1 
HETATM 1678 O O   . HOH D 2 .  ? -0.966  -19.817 2.704   1.00 17.48  ? 123 HOH B O   1 
HETATM 1679 O O   . HOH D 2 .  ? -9.171  -17.992 -16.604 1.00 36.93  ? 124 HOH B O   1 
HETATM 1680 O O   . HOH D 2 .  ? 9.044   4.788   -2.492  1.00 21.29  ? 125 HOH B O   1 
HETATM 1681 O O   . HOH D 2 .  ? 13.978  -11.756 9.510   1.00 26.14  ? 126 HOH B O   1 
HETATM 1682 O O   . HOH D 2 .  ? 8.244   -15.360 12.406  1.00 27.89  ? 127 HOH B O   1 
HETATM 1683 O O   . HOH D 2 .  ? 16.372  -8.084  10.345  1.00 5.58   ? 128 HOH B O   1 
HETATM 1684 O O   . HOH D 2 .  ? -2.388  -11.385 8.536   1.00 17.13  ? 129 HOH B O   1 
HETATM 1685 O O   . HOH D 2 .  ? -19.046 -14.595 -11.276 1.00 24.70  ? 130 HOH B O   1 
HETATM 1686 O O   . HOH D 2 .  ? 1.228   4.683   -8.772  1.00 24.84  ? 131 HOH B O   1 
HETATM 1687 O O   . HOH D 2 .  ? -9.342  -1.210  -17.025 1.00 24.68  ? 132 HOH B O   1 
HETATM 1688 O O   . HOH D 2 .  ? 11.552  2.589   -0.025  1.00 37.63  ? 133 HOH B O   1 
HETATM 1689 O O   . HOH D 2 .  ? 3.147   -13.825 10.241  1.00 27.43  ? 134 HOH B O   1 
HETATM 1690 O O   . HOH D 2 .  ? 4.954   -22.441 3.959   1.00 12.83  ? 135 HOH B O   1 
HETATM 1691 O O   . HOH D 2 .  ? -5.935  -18.217 -15.287 1.00 35.11  ? 136 HOH B O   1 
HETATM 1692 O O   . HOH D 2 .  ? -0.970  -17.805 -4.682  1.00 23.86  ? 137 HOH B O   1 
HETATM 1693 O O   . HOH D 2 .  ? 9.951   -4.949  11.010  1.00 16.43  ? 138 HOH B O   1 
HETATM 1694 O O   . HOH D 2 .  ? 7.248   -14.578 -13.640 1.00 45.87  ? 139 HOH B O   1 
HETATM 1695 O O   . HOH D 2 .  ? -2.560  -7.238  -20.439 1.00 42.77  ? 140 HOH B O   1 
HETATM 1696 O O   . HOH D 2 .  ? 9.246   -8.828  -11.371 1.00 39.48  ? 141 HOH B O   1 
HETATM 1697 O O   . HOH D 2 .  ? 3.463   7.385   -10.623 1.00 34.19  ? 142 HOH B O   1 
HETATM 1698 O O   . HOH D 2 .  ? 0.972   2.644   -11.095 1.00 33.36  ? 143 HOH B O   1 
HETATM 1699 O O   . HOH D 2 .  ? 5.395   -17.549 11.853  1.00 36.59  ? 144 HOH B O   1 
HETATM 1700 O O   . HOH D 2 .  ? 2.950   -20.947 4.892   1.00 25.34  ? 145 HOH B O   1 
HETATM 1701 O O   . HOH D 2 .  ? 4.566   -5.431  17.972  1.00 38.93  ? 146 HOH B O   1 
HETATM 1702 O O   . HOH D 2 .  ? -15.217 1.466   -13.889 1.00 29.56  ? 147 HOH B O   1 
HETATM 1703 O O   . HOH D 2 .  ? 9.522   -21.223 5.165   1.00 26.02  ? 148 HOH B O   1 
HETATM 1704 O O   . HOH D 2 .  ? 11.222  -10.626 14.692  1.00 32.33  ? 149 HOH B O   1 
HETATM 1705 O O   . HOH D 2 .  ? -13.195 -11.416 -8.203  1.00 16.24  ? 150 HOH B O   1 
HETATM 1706 O O   . HOH D 2 .  ? -12.552 -8.374  -5.320  1.00 14.28  ? 151 HOH B O   1 
HETATM 1707 O O   . HOH D 2 .  ? 12.387  -6.440  12.562  1.00 42.58  ? 152 HOH B O   1 
HETATM 1708 O O   . HOH D 2 .  ? 10.420  -21.376 2.677   1.00 26.56  ? 153 HOH B O   1 
HETATM 1709 O O   . HOH D 2 .  ? 3.288   -5.075  8.016   1.00 27.85  ? 154 HOH B O   1 
HETATM 1710 O O   . HOH D 2 .  ? 4.914   -16.071 -11.740 1.00 29.27  ? 155 HOH B O   1 
HETATM 1711 O O   . HOH D 2 .  ? -9.069  -20.281 -9.272  1.00 41.11  ? 156 HOH B O   1 
HETATM 1712 O O   . HOH D 2 .  ? 5.850   -7.265  19.565  1.00 29.08  ? 157 HOH B O   1 
HETATM 1713 O O   . HOH D 2 .  ? 0.182   -21.018 5.114   1.00 36.73  ? 158 HOH B O   1 
HETATM 1714 O O   . HOH D 2 .  ? -21.795 -13.400 -12.229 1.00 29.14  ? 159 HOH B O   1 
HETATM 1715 O O   . HOH D 2 .  ? -16.573 -7.787  -12.539 1.00 22.39  ? 160 HOH B O   1 
HETATM 1716 O O   . HOH D 2 .  ? -15.599 -9.143  -10.464 1.00 33.23  ? 161 HOH B O   1 
HETATM 1717 O O   . HOH D 2 .  ? 12.578  -1.646  1.871   1.00 37.04  ? 162 HOH B O   1 
HETATM 1718 O O   . HOH D 2 .  ? -1.153  1.115   -13.253 1.00 19.54  ? 163 HOH B O   1 
HETATM 1719 O O   . HOH D 2 .  ? 7.754   -2.101  -7.833  1.00 33.34  ? 164 HOH B O   1 
HETATM 1720 O O   . HOH D 2 .  ? -1.624  -15.584 -16.782 1.00 31.59  ? 165 HOH B O   1 
HETATM 1721 O O   . HOH D 2 .  ? -0.927  -17.079 -14.721 1.00 34.15  ? 166 HOH B O   1 
HETATM 1722 O O   . HOH D 2 .  ? -5.242  -12.736 7.430   1.00 22.73  ? 167 HOH B O   1 
HETATM 1723 O O   . HOH D 2 .  ? -10.481 -6.835  -4.992  1.00 27.24  ? 168 HOH B O   1 
HETATM 1724 O O   . HOH D 2 .  ? -16.228 -14.467 -16.499 1.00 45.32  ? 169 HOH B O   1 
HETATM 1725 O O   . HOH D 2 .  ? 12.846  -10.128 2.262   1.00 31.94  ? 170 HOH B O   1 
HETATM 1726 O O   . HOH D 2 .  ? -16.039 -4.366  -5.996  1.00 29.35  ? 171 HOH B O   1 
HETATM 1727 O O   . HOH D 2 .  ? 15.717  -6.006  11.523  1.00 34.81  ? 172 HOH B O   1 
HETATM 1728 O O   . HOH D 2 .  ? -4.892  -1.934  -3.927  1.00 30.19  ? 173 HOH B O   1 
HETATM 1729 O O   . HOH D 2 .  ? 8.888   4.289   -5.316  1.00 30.27  ? 174 HOH B O   1 
HETATM 1730 O O   . HOH D 2 .  ? -1.173  -20.948 0.495   1.00 27.24  ? 175 HOH B O   1 
HETATM 1731 O O   . HOH D 2 .  ? 7.741   1.877   -5.846  1.00 22.66  ? 176 HOH B O   1 
HETATM 1732 O O   . HOH D 2 .  ? -16.882 -8.280  -15.282 1.00 32.42  ? 177 HOH B O   1 
HETATM 1733 O O   . HOH D 2 .  ? -10.205 4.054   -10.345 1.00 23.41  ? 178 HOH B O   1 
HETATM 1734 O O   . HOH D 2 .  ? 10.088  -22.881 6.891   1.00 49.88  ? 179 HOH B O   1 
HETATM 1735 O O   . HOH D 2 .  ? 2.507   8.167   -2.793  1.00 13.92  ? 180 HOH B O   1 
HETATM 1736 O O   . HOH D 2 .  ? -10.107 -18.301 -5.040  1.00 45.97  ? 181 HOH B O   1 
HETATM 1737 O O   . HOH D 2 .  ? 7.176   5.344   -3.849  1.00 104.61 ? 182 HOH B O   1 
HETATM 1738 O O   . HOH D 2 .  ? 14.153  -1.149  -1.655  1.00 34.46  ? 183 HOH B O   1 
HETATM 1739 O O   . HOH D 2 .  ? 7.974   -19.761 6.999   1.00 53.20  ? 184 HOH B O   1 
# 
